data_4EMY
#
_entry.id   4EMY
#
_cell.length_a   64.297
_cell.length_b   131.178
_cell.length_c   239.913
_cell.angle_alpha   90.00
_cell.angle_beta   90.00
_cell.angle_gamma   90.00
#
_symmetry.space_group_name_H-M   'P 21 21 21'
#
loop_
_entity.id
_entity.type
_entity.pdbx_description
1 polymer 'Aminotransferase class I and II'
2 non-polymer "PYRIDOXAL-5'-PHOSPHATE"
3 water water
#
_entity_poly.entity_id   1
_entity_poly.type   'polypeptide(L)'
_entity_poly.pdbx_seq_one_letter_code
;SNA(MSE)P(MSE)TIKRATWNNGPDLAFDINNKANAAIEKYGREAVINAALGTLLDDKGKIIALPSVYDRLDE(MSE)D
RSHIASYAPIEGEKDYRKIVIDTLFGPYKPEGYISAIATPGGTGAIRSAIFSYLDEGDPLICHDYYWAPYRKICEEFGRN
FKTFEFFTDDFAFNIDVYKEAIDEGIRDSDRIASLINSPGNNPTGYSLSDEEWDEVITFLKEKAEDKDKKITLIVDVAYL
EFAGDGDQQRKFFEKFSNLPRNLFVVVAFS(MSE)SKSHTAYGLRSGAAVGISSSKEIIEEFEASLAHSARCNWSNGTHA
AQNILIELERAENKKIYEQELVDLRN(MSE)LKSRADVFVTAAKENKLT(MSE)IPYFGGFFTFIPTDKAFDIVKDLEKE
NIFTIPSAKGIRVAICGVGEEKIPKLVQRLAFYTNKK
;
_entity_poly.pdbx_strand_id   A,B,C,D
#
# COMPACT_ATOMS: atom_id res chain seq x y z
N PRO A 5 47.47 -29.57 3.17
CA PRO A 5 46.21 -29.53 2.45
C PRO A 5 46.24 -28.63 1.21
N THR A 7 43.46 -27.15 0.12
CA THR A 7 42.52 -26.09 0.48
C THR A 7 43.14 -25.16 1.51
N ILE A 8 42.65 -23.92 1.55
CA ILE A 8 43.12 -22.93 2.52
C ILE A 8 42.58 -23.22 3.93
N LYS A 9 43.22 -22.63 4.95
CA LYS A 9 42.81 -22.82 6.35
C LYS A 9 41.31 -22.67 6.61
N ARG A 10 40.72 -21.64 6.01
CA ARG A 10 39.28 -21.36 6.12
C ARG A 10 38.42 -22.39 5.40
N ALA A 11 38.95 -22.92 4.30
CA ALA A 11 38.21 -23.85 3.46
C ALA A 11 38.45 -25.31 3.83
N THR A 12 39.32 -25.58 4.80
CA THR A 12 39.58 -26.94 5.27
C THR A 12 38.63 -27.30 6.41
N TRP A 13 37.94 -28.43 6.27
CA TRP A 13 36.92 -28.83 7.23
C TRP A 13 37.14 -30.24 7.70
N ASN A 14 37.88 -30.36 8.81
CA ASN A 14 38.08 -31.63 9.48
C ASN A 14 36.79 -32.05 10.20
N ASN A 15 35.67 -31.88 9.50
CA ASN A 15 34.35 -32.05 10.09
C ASN A 15 33.77 -33.45 9.90
N GLY A 16 33.10 -33.95 10.95
CA GLY A 16 32.65 -35.33 11.02
C GLY A 16 31.39 -35.63 10.22
N PRO A 17 30.42 -36.30 10.86
CA PRO A 17 29.24 -36.81 10.18
C PRO A 17 28.07 -35.81 10.10
N ASP A 18 27.26 -35.92 9.04
CA ASP A 18 26.03 -35.15 8.91
C ASP A 18 24.91 -35.86 9.66
N LEU A 19 24.51 -35.29 10.80
CA LEU A 19 23.64 -35.99 11.73
C LEU A 19 22.19 -36.16 11.25
N ALA A 20 21.58 -35.08 10.79
CA ALA A 20 20.22 -35.14 10.23
C ALA A 20 20.15 -36.13 9.08
N PHE A 21 21.11 -36.03 8.17
CA PHE A 21 21.26 -36.95 7.03
C PHE A 21 21.18 -38.41 7.48
N ASP A 22 22.04 -38.77 8.45
CA ASP A 22 22.12 -40.13 8.97
C ASP A 22 20.82 -40.62 9.61
N ILE A 23 20.27 -39.80 10.51
CA ILE A 23 18.98 -40.10 11.16
C ILE A 23 17.94 -40.36 10.08
N ASN A 24 17.95 -39.52 9.05
CA ASN A 24 17.00 -39.63 7.96
C ASN A 24 17.17 -40.88 7.10
N ASN A 25 18.42 -41.27 6.84
CA ASN A 25 18.70 -42.55 6.19
C ASN A 25 18.14 -43.71 7.03
N LYS A 26 18.44 -43.70 8.33
CA LYS A 26 17.95 -44.72 9.25
C LYS A 26 16.44 -44.90 9.19
N ALA A 27 15.71 -43.78 9.14
CA ALA A 27 14.25 -43.79 9.06
C ALA A 27 13.77 -44.48 7.78
N ASN A 28 14.40 -44.14 6.65
CA ASN A 28 14.03 -44.72 5.37
C ASN A 28 14.32 -46.22 5.31
N ALA A 29 15.46 -46.62 5.89
CA ALA A 29 15.82 -48.03 5.97
C ALA A 29 14.83 -48.79 6.86
N ALA A 30 14.33 -48.11 7.88
CA ALA A 30 13.33 -48.67 8.79
C ALA A 30 12.00 -48.85 8.06
N ILE A 31 11.54 -47.80 7.40
CA ILE A 31 10.35 -47.85 6.56
C ILE A 31 10.46 -49.03 5.59
N GLU A 32 11.68 -49.24 5.09
CA GLU A 32 11.96 -50.35 4.19
C GLU A 32 11.80 -51.71 4.87
N LYS A 33 12.31 -51.83 6.10
CA LYS A 33 12.26 -53.09 6.84
C LYS A 33 10.90 -53.39 7.46
N TYR A 34 10.29 -52.39 8.10
CA TYR A 34 9.05 -52.59 8.86
C TYR A 34 7.79 -52.04 8.18
N GLY A 35 7.94 -51.02 7.37
CA GLY A 35 6.80 -50.46 6.65
C GLY A 35 6.22 -49.20 7.27
N ARG A 36 6.00 -48.19 6.41
CA ARG A 36 5.32 -46.93 6.74
C ARG A 36 4.72 -46.75 8.14
N GLU A 37 3.66 -47.51 8.44
CA GLU A 37 2.89 -47.33 9.68
C GLU A 37 3.67 -47.69 10.94
N ALA A 38 4.56 -48.66 10.81
CA ALA A 38 5.39 -49.07 11.93
C ALA A 38 6.36 -47.97 12.40
N VAL A 39 6.63 -47.00 11.52
CA VAL A 39 7.67 -46.00 11.76
C VAL A 39 7.09 -44.59 11.97
N ILE A 40 7.73 -43.82 12.83
CA ILE A 40 7.37 -42.42 13.04
C ILE A 40 8.56 -41.53 12.64
N ASN A 41 8.55 -41.08 11.38
CA ASN A 41 9.63 -40.29 10.81
C ASN A 41 9.46 -38.79 11.07
N ALA A 42 10.03 -38.32 12.18
CA ALA A 42 9.86 -36.94 12.62
C ALA A 42 11.18 -36.19 12.62
N ALA A 43 11.95 -36.35 11.55
CA ALA A 43 13.33 -35.88 11.48
C ALA A 43 13.53 -34.53 10.77
N LEU A 44 13.10 -34.46 9.51
CA LEU A 44 13.41 -33.29 8.67
C LEU A 44 12.23 -32.36 8.39
N GLY A 45 12.56 -31.10 8.14
CA GLY A 45 11.58 -30.05 7.92
C GLY A 45 11.00 -29.98 6.51
N THR A 46 10.19 -30.96 6.17
CA THR A 46 9.44 -30.90 4.91
C THR A 46 8.01 -31.30 5.19
N LEU A 47 7.08 -30.49 4.72
CA LEU A 47 5.67 -30.79 4.89
C LEU A 47 5.31 -32.02 4.08
N LEU A 48 5.01 -33.10 4.80
CA LEU A 48 4.54 -34.34 4.20
C LEU A 48 3.09 -34.52 4.57
N ASP A 49 2.32 -35.15 3.68
CA ASP A 49 0.94 -35.50 3.97
C ASP A 49 0.89 -36.73 4.85
N ASP A 50 -0.32 -37.14 5.24
CA ASP A 50 -0.51 -38.28 6.14
C ASP A 50 0.09 -39.59 5.63
N LYS A 51 0.40 -39.66 4.34
CA LYS A 51 1.00 -40.86 3.72
C LYS A 51 2.54 -40.84 3.71
N GLY A 52 3.15 -39.81 4.29
CA GLY A 52 4.61 -39.71 4.35
C GLY A 52 5.23 -39.10 3.11
N LYS A 53 4.38 -38.74 2.15
CA LYS A 53 4.80 -38.14 0.89
C LYS A 53 4.80 -36.62 0.97
N ILE A 54 5.72 -35.99 0.23
CA ILE A 54 5.83 -34.55 0.17
C ILE A 54 4.54 -33.86 -0.31
N ILE A 55 4.37 -32.60 0.08
CA ILE A 55 3.26 -31.78 -0.36
C ILE A 55 3.77 -30.78 -1.39
N ALA A 56 3.29 -30.91 -2.62
CA ALA A 56 3.52 -29.89 -3.63
C ALA A 56 2.18 -29.26 -3.99
N LEU A 57 1.98 -28.02 -3.53
CA LEU A 57 0.74 -27.29 -3.74
C LEU A 57 0.40 -27.16 -5.23
N PRO A 58 -0.76 -27.69 -5.64
CA PRO A 58 -1.14 -27.58 -7.06
C PRO A 58 -1.15 -26.13 -7.57
N SER A 59 -1.64 -25.21 -6.76
CA SER A 59 -1.72 -23.79 -7.15
C SER A 59 -0.36 -23.20 -7.48
N VAL A 60 0.69 -23.73 -6.85
CA VAL A 60 2.06 -23.36 -7.17
C VAL A 60 2.52 -24.07 -8.46
N TYR A 61 2.54 -25.39 -8.46
CA TYR A 61 3.09 -26.17 -9.57
C TYR A 61 2.26 -26.22 -10.87
N ASP A 62 0.99 -25.85 -10.80
CA ASP A 62 0.20 -25.66 -12.02
C ASP A 62 0.75 -24.49 -12.86
N ARG A 63 1.18 -23.43 -12.18
CA ARG A 63 1.76 -22.27 -12.87
C ARG A 63 3.00 -22.63 -13.66
N LEU A 64 3.87 -23.43 -13.05
CA LEU A 64 5.06 -23.96 -13.73
C LEU A 64 4.65 -24.81 -14.93
N ASP A 65 3.63 -25.66 -14.74
CA ASP A 65 3.09 -26.48 -15.82
C ASP A 65 2.63 -25.65 -17.02
N GLU A 66 1.97 -24.51 -16.75
CA GLU A 66 1.35 -23.70 -17.79
C GLU A 66 2.27 -22.63 -18.34
N ASP A 68 5.20 -20.54 -20.09
CA ASP A 68 5.94 -20.62 -21.35
C ASP A 68 7.40 -20.96 -21.07
N ARG A 69 7.94 -21.89 -21.86
CA ARG A 69 9.31 -22.37 -21.72
C ARG A 69 10.33 -21.23 -21.61
N SER A 70 10.12 -20.19 -22.42
CA SER A 70 10.96 -19.00 -22.40
C SER A 70 11.13 -18.37 -21.03
N HIS A 71 10.08 -18.44 -20.20
CA HIS A 71 10.13 -17.90 -18.84
C HIS A 71 10.92 -18.76 -17.89
N ILE A 72 10.92 -20.07 -18.16
CA ILE A 72 11.72 -21.04 -17.40
C ILE A 72 13.21 -21.00 -17.85
N ALA A 73 13.42 -21.00 -19.17
CA ALA A 73 14.75 -21.12 -19.76
C ALA A 73 15.67 -19.90 -19.60
N SER A 74 15.13 -18.70 -19.75
CA SER A 74 15.93 -17.46 -19.82
C SER A 74 16.51 -17.01 -18.47
N TYR A 75 17.63 -16.29 -18.52
CA TYR A 75 18.25 -15.78 -17.30
C TYR A 75 17.34 -14.78 -16.59
N ALA A 76 17.39 -14.77 -15.26
CA ALA A 76 16.69 -13.76 -14.50
C ALA A 76 17.65 -12.57 -14.31
N PRO A 77 17.11 -11.34 -14.22
CA PRO A 77 17.99 -10.22 -13.88
C PRO A 77 18.72 -10.50 -12.57
N ILE A 78 19.92 -9.93 -12.42
CA ILE A 78 20.75 -10.13 -11.22
C ILE A 78 19.88 -10.05 -9.97
N GLU A 79 19.16 -8.96 -9.85
CA GLU A 79 18.45 -8.59 -8.63
C GLU A 79 17.17 -9.38 -8.47
N GLY A 80 16.72 -10.00 -9.56
CA GLY A 80 15.43 -10.66 -9.65
C GLY A 80 14.55 -9.81 -10.52
N GLU A 81 13.51 -10.41 -11.08
CA GLU A 81 12.53 -9.72 -11.91
C GLU A 81 11.93 -8.52 -11.17
N LYS A 82 11.79 -7.41 -11.90
CA LYS A 82 11.26 -6.17 -11.34
C LYS A 82 9.96 -6.41 -10.56
N ASP A 83 9.06 -7.21 -11.13
CA ASP A 83 7.79 -7.55 -10.48
C ASP A 83 7.92 -8.51 -9.30
N TYR A 84 8.79 -9.52 -9.44
CA TYR A 84 9.14 -10.40 -8.32
C TYR A 84 9.57 -9.61 -7.08
N ARG A 85 10.54 -8.71 -7.25
CA ARG A 85 11.01 -7.87 -6.13
C ARG A 85 9.84 -7.11 -5.48
N LYS A 86 9.00 -6.50 -6.30
CA LYS A 86 7.84 -5.78 -5.80
C LYS A 86 6.87 -6.71 -5.06
N ILE A 87 6.52 -7.83 -5.69
CA ILE A 87 5.53 -8.77 -5.12
C ILE A 87 6.04 -9.47 -3.86
N VAL A 88 7.35 -9.66 -3.75
CA VAL A 88 7.97 -10.12 -2.48
C VAL A 88 7.61 -9.16 -1.34
N ILE A 89 7.87 -7.87 -1.54
CA ILE A 89 7.64 -6.83 -0.54
C ILE A 89 6.17 -6.76 -0.12
N ASP A 90 5.27 -6.84 -1.09
CA ASP A 90 3.84 -6.77 -0.81
C ASP A 90 3.36 -8.00 -0.03
N THR A 91 3.75 -9.18 -0.50
CA THR A 91 3.33 -10.45 0.09
C THR A 91 3.89 -10.65 1.48
N LEU A 92 5.16 -10.27 1.67
CA LEU A 92 5.85 -10.52 2.93
C LEU A 92 5.34 -9.64 4.07
N PHE A 93 5.01 -8.40 3.75
CA PHE A 93 4.58 -7.45 4.77
C PHE A 93 3.07 -7.39 4.94
N GLY A 94 2.33 -7.77 3.89
CA GLY A 94 0.88 -7.66 3.90
C GLY A 94 0.45 -6.24 4.22
N PRO A 95 -0.56 -6.08 5.09
CA PRO A 95 -0.99 -4.74 5.49
C PRO A 95 -0.01 -4.01 6.44
N TYR A 96 1.16 -4.58 6.68
CA TYR A 96 2.07 -4.05 7.71
C TYR A 96 3.45 -3.63 7.20
N LYS A 97 3.48 -2.95 6.05
CA LYS A 97 4.74 -2.48 5.46
C LYS A 97 5.32 -1.29 6.24
N PRO A 98 6.55 -1.44 6.77
CA PRO A 98 7.17 -0.36 7.54
C PRO A 98 7.53 0.84 6.68
N GLU A 99 7.56 2.01 7.30
CA GLU A 99 7.93 3.24 6.60
C GLU A 99 9.42 3.27 6.28
N GLY A 100 9.78 4.06 5.27
CA GLY A 100 11.17 4.16 4.85
C GLY A 100 11.40 3.47 3.52
N TYR A 101 12.66 3.44 3.11
CA TYR A 101 13.03 2.85 1.82
C TYR A 101 13.19 1.35 1.93
N ILE A 102 12.60 0.63 0.99
CA ILE A 102 12.58 -0.83 1.00
C ILE A 102 12.99 -1.40 -0.36
N SER A 103 13.93 -2.34 -0.35
CA SER A 103 14.33 -3.05 -1.57
C SER A 103 14.51 -4.55 -1.32
N ALA A 104 14.18 -5.33 -2.36
CA ALA A 104 14.28 -6.79 -2.32
C ALA A 104 15.23 -7.26 -3.41
N ILE A 105 16.06 -8.24 -3.09
CA ILE A 105 17.00 -8.85 -4.05
C ILE A 105 16.86 -10.37 -4.01
N ALA A 106 16.50 -10.96 -5.15
CA ALA A 106 16.37 -12.41 -5.27
C ALA A 106 17.62 -13.14 -4.81
N THR A 107 17.41 -14.21 -4.04
CA THR A 107 18.49 -15.03 -3.50
C THR A 107 18.17 -16.53 -3.66
N PRO A 108 19.21 -17.39 -3.65
CA PRO A 108 18.88 -18.81 -3.71
C PRO A 108 18.30 -19.25 -2.37
N GLY A 109 16.96 -19.25 -2.29
CA GLY A 109 16.25 -19.50 -1.04
C GLY A 109 16.56 -18.47 0.03
N GLY A 110 16.10 -18.74 1.26
CA GLY A 110 16.39 -17.86 2.38
C GLY A 110 17.86 -17.89 2.74
N THR A 111 18.47 -19.06 2.58
CA THR A 111 19.90 -19.23 2.80
C THR A 111 20.69 -18.13 2.10
N GLY A 112 20.34 -17.89 0.83
CA GLY A 112 20.95 -16.83 0.03
C GLY A 112 20.90 -15.47 0.71
N ALA A 113 19.73 -15.13 1.26
CA ALA A 113 19.53 -13.85 1.90
C ALA A 113 20.35 -13.71 3.20
N ILE A 114 20.44 -14.79 3.96
CA ILE A 114 21.12 -14.74 5.26
C ILE A 114 22.63 -14.55 5.12
N ARG A 115 23.26 -15.34 4.26
CA ARG A 115 24.72 -15.27 4.07
C ARG A 115 25.12 -13.89 3.54
N SER A 116 24.27 -13.32 2.70
CA SER A 116 24.55 -12.04 2.07
C SER A 116 24.56 -10.94 3.13
N ALA A 117 23.62 -11.01 4.06
CA ALA A 117 23.54 -10.08 5.18
C ALA A 117 24.76 -10.21 6.09
N ILE A 118 25.17 -11.45 6.39
CA ILE A 118 26.34 -11.71 7.22
C ILE A 118 27.64 -11.28 6.55
N PHE A 119 27.70 -11.41 5.23
CA PHE A 119 28.87 -11.00 4.47
C PHE A 119 28.98 -9.48 4.43
N SER A 120 27.89 -8.82 4.05
CA SER A 120 27.91 -7.38 3.78
C SER A 120 27.92 -6.47 5.01
N TYR A 121 27.40 -6.95 6.13
CA TYR A 121 27.21 -6.10 7.31
C TYR A 121 28.00 -6.50 8.56
N LEU A 122 28.78 -7.57 8.43
CA LEU A 122 29.80 -7.90 9.42
C LEU A 122 31.12 -8.07 8.70
N ASP A 123 32.18 -7.56 9.32
CA ASP A 123 33.53 -7.82 8.85
C ASP A 123 34.08 -9.04 9.59
N GLU A 124 35.40 -9.10 9.78
CA GLU A 124 36.07 -10.32 10.27
C GLU A 124 35.96 -10.51 11.78
N GLY A 125 36.26 -9.47 12.54
CA GLY A 125 36.19 -9.59 14.00
C GLY A 125 34.77 -9.58 14.50
N ASP A 126 33.86 -9.14 13.63
CA ASP A 126 32.53 -8.70 14.01
C ASP A 126 31.61 -9.83 14.46
N PRO A 127 30.77 -9.56 15.48
CA PRO A 127 29.92 -10.57 16.08
C PRO A 127 28.53 -10.67 15.48
N LEU A 128 28.11 -11.90 15.20
CA LEU A 128 26.71 -12.20 14.95
C LEU A 128 26.09 -12.77 16.23
N ILE A 129 25.22 -11.99 16.86
CA ILE A 129 24.62 -12.39 18.12
C ILE A 129 23.28 -13.07 17.85
N CYS A 130 23.25 -14.37 18.10
CA CYS A 130 22.13 -15.24 17.74
C CYS A 130 21.65 -16.04 18.93
N HIS A 131 20.36 -16.38 18.90
CA HIS A 131 19.73 -17.11 20.00
C HIS A 131 20.27 -18.49 20.19
N ASP A 132 20.31 -18.89 21.47
CA ASP A 132 20.82 -20.17 21.98
C ASP A 132 20.44 -21.42 21.20
N TYR A 133 19.18 -21.46 20.77
CA TYR A 133 18.67 -22.53 19.94
C TYR A 133 18.63 -21.96 18.53
N TYR A 134 19.40 -22.54 17.61
CA TYR A 134 19.53 -21.99 16.28
C TYR A 134 19.70 -23.05 15.21
N TRP A 135 19.32 -22.67 13.99
CA TRP A 135 19.53 -23.44 12.78
C TRP A 135 21.00 -23.42 12.48
N ALA A 136 21.61 -24.60 12.40
CA ALA A 136 23.07 -24.73 12.34
C ALA A 136 23.80 -23.85 11.31
N PRO A 137 23.24 -23.71 10.09
CA PRO A 137 23.96 -22.93 9.09
C PRO A 137 24.29 -21.48 9.44
N TYR A 138 23.65 -20.90 10.46
CA TYR A 138 24.00 -19.54 10.91
C TYR A 138 25.47 -19.48 11.36
N ARG A 139 25.85 -20.45 12.19
CA ARG A 139 27.19 -20.57 12.72
C ARG A 139 28.15 -20.94 11.59
N LYS A 140 27.71 -21.85 10.74
CA LYS A 140 28.50 -22.32 9.61
C LYS A 140 28.95 -21.18 8.68
N ILE A 141 28.03 -20.26 8.38
CA ILE A 141 28.32 -19.10 7.52
C ILE A 141 29.37 -18.20 8.17
N CYS A 142 29.18 -17.87 9.45
CA CYS A 142 30.16 -17.08 10.20
C CYS A 142 31.55 -17.68 10.12
N GLU A 143 31.62 -19.00 10.21
CA GLU A 143 32.90 -19.71 10.18
C GLU A 143 33.50 -19.70 8.77
N GLU A 144 32.64 -19.80 7.76
CA GLU A 144 33.07 -19.75 6.37
C GLU A 144 33.71 -18.38 6.09
N PHE A 145 33.02 -17.32 6.50
CA PHE A 145 33.44 -15.96 6.20
C PHE A 145 34.23 -15.28 7.32
N GLY A 146 34.52 -16.02 8.38
CA GLY A 146 35.36 -15.50 9.45
C GLY A 146 34.71 -14.48 10.35
N ARG A 147 33.38 -14.38 10.26
CA ARG A 147 32.60 -13.61 11.22
C ARG A 147 32.54 -14.37 12.55
N ASN A 148 32.33 -13.64 13.64
CA ASN A 148 32.31 -14.25 14.96
C ASN A 148 30.91 -14.60 15.48
N PHE A 149 30.57 -15.89 15.43
CA PHE A 149 29.31 -16.37 15.97
C PHE A 149 29.28 -16.29 17.49
N LYS A 150 28.18 -15.75 18.02
CA LYS A 150 28.04 -15.45 19.44
C LYS A 150 26.61 -15.77 19.91
N THR A 151 26.46 -16.59 20.94
CA THR A 151 25.14 -17.00 21.43
C THR A 151 24.72 -16.35 22.76
N PHE A 152 23.40 -16.21 22.92
CA PHE A 152 22.81 -15.80 24.19
C PHE A 152 21.64 -16.73 24.55
N GLU A 153 21.36 -16.88 25.85
CA GLU A 153 20.27 -17.75 26.32
C GLU A 153 18.90 -17.26 25.85
N PHE A 154 18.35 -17.95 24.87
CA PHE A 154 17.04 -17.65 24.26
C PHE A 154 15.93 -17.35 25.27
N PHE A 155 15.69 -18.31 26.17
CA PHE A 155 14.49 -18.29 27.01
C PHE A 155 14.76 -17.99 28.47
N THR A 156 13.70 -17.61 29.18
CA THR A 156 13.73 -17.52 30.63
C THR A 156 13.23 -18.85 31.15
N ASP A 157 13.25 -19.04 32.47
CA ASP A 157 12.76 -20.28 33.06
C ASP A 157 11.27 -20.52 32.79
N ASP A 158 10.55 -19.45 32.45
CA ASP A 158 9.14 -19.52 32.06
C ASP A 158 8.94 -19.65 30.54
N PHE A 159 10.05 -19.71 29.81
CA PHE A 159 10.05 -19.83 28.35
C PHE A 159 9.41 -18.66 27.63
N ALA A 160 9.84 -17.46 28.02
CA ALA A 160 9.61 -16.25 27.24
C ALA A 160 10.96 -15.74 26.76
N PHE A 161 10.96 -14.83 25.80
CA PHE A 161 12.21 -14.28 25.29
C PHE A 161 13.02 -13.67 26.42
N ASN A 162 14.29 -14.08 26.50
CA ASN A 162 15.14 -13.66 27.61
C ASN A 162 15.73 -12.27 27.40
N ILE A 163 14.83 -11.30 27.31
CA ILE A 163 15.17 -9.91 27.06
C ILE A 163 16.37 -9.41 27.87
N ASP A 164 16.46 -9.81 29.14
CA ASP A 164 17.55 -9.42 30.02
C ASP A 164 18.90 -9.90 29.50
N VAL A 165 19.00 -11.20 29.19
CA VAL A 165 20.24 -11.79 28.71
C VAL A 165 20.55 -11.28 27.30
N TYR A 166 19.51 -11.17 26.47
CA TYR A 166 19.66 -10.59 25.14
C TYR A 166 20.36 -9.23 25.22
N LYS A 167 19.91 -8.41 26.16
CA LYS A 167 20.47 -7.08 26.35
C LYS A 167 21.95 -7.10 26.73
N GLU A 168 22.33 -8.00 27.62
CA GLU A 168 23.72 -8.07 28.06
C GLU A 168 24.64 -8.62 26.96
N ALA A 169 24.11 -9.51 26.13
CA ALA A 169 24.83 -10.00 24.95
C ALA A 169 25.09 -8.88 23.94
N ILE A 170 24.06 -8.09 23.62
CA ILE A 170 24.18 -6.98 22.69
C ILE A 170 25.11 -5.91 23.26
N ASP A 171 24.98 -5.66 24.56
CA ASP A 171 25.88 -4.74 25.27
C ASP A 171 27.34 -5.14 25.08
N GLU A 172 27.61 -6.45 25.19
CA GLU A 172 28.95 -6.99 25.03
C GLU A 172 29.49 -6.81 23.61
N GLY A 173 28.62 -7.02 22.62
CA GLY A 173 29.00 -6.79 21.22
C GLY A 173 29.45 -5.36 21.02
N ILE A 174 28.61 -4.44 21.44
CA ILE A 174 28.78 -3.01 21.20
C ILE A 174 29.90 -2.39 22.05
N ARG A 175 30.73 -3.26 22.62
CA ARG A 175 31.73 -2.89 23.59
C ARG A 175 33.07 -3.43 23.12
N ASP A 176 33.00 -4.45 22.27
CA ASP A 176 34.17 -5.08 21.68
C ASP A 176 34.35 -4.69 20.21
N SER A 177 33.30 -4.13 19.61
CA SER A 177 33.30 -3.81 18.18
C SER A 177 32.38 -2.65 17.83
N ASP A 178 32.77 -1.87 16.82
CA ASP A 178 31.95 -0.77 16.32
C ASP A 178 30.84 -1.28 15.40
N ARG A 179 30.94 -2.53 14.96
CA ARG A 179 29.94 -3.09 14.06
C ARG A 179 29.45 -4.41 14.61
N ILE A 180 28.13 -4.57 14.69
CA ILE A 180 27.55 -5.81 15.19
C ILE A 180 26.33 -6.25 14.37
N ALA A 181 25.82 -7.45 14.66
CA ALA A 181 24.60 -7.92 14.02
C ALA A 181 23.79 -8.83 14.95
N SER A 182 22.48 -8.63 14.96
CA SER A 182 21.60 -9.50 15.71
C SER A 182 20.83 -10.35 14.74
N LEU A 183 20.79 -11.65 15.02
CA LEU A 183 19.96 -12.54 14.23
C LEU A 183 18.84 -13.09 15.09
N ILE A 184 17.61 -12.94 14.60
CA ILE A 184 16.43 -13.50 15.24
C ILE A 184 15.61 -14.28 14.21
N ASN A 185 15.48 -15.57 14.45
CA ASN A 185 14.63 -16.43 13.64
C ASN A 185 13.24 -16.54 14.27
N SER A 186 12.35 -15.66 13.83
CA SER A 186 11.00 -15.51 14.37
C SER A 186 10.16 -14.86 13.28
N PRO A 187 8.87 -15.22 13.17
CA PRO A 187 8.19 -16.21 14.00
C PRO A 187 8.40 -17.63 13.48
N GLY A 188 8.09 -18.62 14.31
CA GLY A 188 8.19 -20.02 13.92
C GLY A 188 9.60 -20.55 13.93
N ASN A 189 10.32 -20.21 15.01
CA ASN A 189 11.73 -20.57 15.22
C ASN A 189 12.03 -22.05 15.06
N ASN A 190 12.91 -22.36 14.13
CA ASN A 190 13.52 -23.67 14.05
C ASN A 190 14.77 -23.65 14.95
N PRO A 191 14.85 -24.51 15.98
CA PRO A 191 14.07 -25.72 16.34
C PRO A 191 12.84 -25.57 17.25
N THR A 192 12.79 -24.51 18.05
CA THR A 192 11.88 -24.43 19.20
C THR A 192 10.39 -24.36 18.88
N GLY A 193 10.03 -23.63 17.83
CA GLY A 193 8.64 -23.39 17.48
C GLY A 193 8.12 -22.12 18.14
N TYR A 194 9.02 -21.40 18.80
CA TYR A 194 8.67 -20.17 19.52
C TYR A 194 8.54 -18.97 18.60
N SER A 195 7.65 -18.05 18.96
CA SER A 195 7.60 -16.74 18.33
C SER A 195 7.71 -15.66 19.41
N LEU A 196 8.61 -14.71 19.21
CA LEU A 196 8.65 -13.51 20.05
C LEU A 196 7.31 -12.79 19.93
N SER A 197 6.76 -12.34 21.05
CA SER A 197 5.50 -11.61 21.01
C SER A 197 5.72 -10.19 20.47
N ASP A 198 4.64 -9.48 20.20
CA ASP A 198 4.75 -8.11 19.70
C ASP A 198 5.50 -7.19 20.67
N GLU A 199 5.17 -7.27 21.96
CA GLU A 199 5.85 -6.44 22.96
C GLU A 199 7.29 -6.90 23.23
N GLU A 200 7.57 -8.19 23.00
CA GLU A 200 8.95 -8.67 23.10
C GLU A 200 9.80 -8.06 21.99
N TRP A 201 9.24 -8.00 20.78
CA TRP A 201 9.86 -7.31 19.65
C TRP A 201 10.08 -5.85 19.97
N ASP A 202 9.07 -5.23 20.57
CA ASP A 202 9.18 -3.85 21.05
C ASP A 202 10.37 -3.70 21.99
N GLU A 203 10.49 -4.59 22.97
CA GLU A 203 11.60 -4.57 23.91
C GLU A 203 12.93 -4.64 23.17
N VAL A 204 12.96 -5.38 22.06
CA VAL A 204 14.16 -5.52 21.25
C VAL A 204 14.46 -4.26 20.44
N ILE A 205 13.52 -3.79 19.63
CA ILE A 205 13.79 -2.62 18.78
C ILE A 205 14.09 -1.37 19.59
N THR A 206 13.42 -1.24 20.73
CA THR A 206 13.60 -0.10 21.63
C THR A 206 15.00 -0.12 22.22
N PHE A 207 15.53 -1.31 22.45
CA PHE A 207 16.86 -1.45 23.00
C PHE A 207 17.94 -1.14 21.97
N LEU A 208 17.77 -1.67 20.75
CA LEU A 208 18.73 -1.43 19.67
C LEU A 208 18.70 0.02 19.20
N LYS A 209 17.57 0.71 19.42
CA LYS A 209 17.47 2.15 19.20
C LYS A 209 18.37 2.90 20.17
N GLU A 210 18.42 2.44 21.42
CA GLU A 210 19.28 3.03 22.45
C GLU A 210 20.76 2.91 22.08
N LYS A 211 21.13 1.74 21.55
CA LYS A 211 22.48 1.45 21.11
C LYS A 211 22.83 2.30 19.89
N ALA A 212 21.85 2.49 19.01
CA ALA A 212 22.02 3.28 17.80
C ALA A 212 22.20 4.78 18.07
N GLU A 213 22.02 5.20 19.32
CA GLU A 213 22.31 6.58 19.72
C GLU A 213 23.80 6.89 19.60
N ASP A 214 24.64 5.87 19.81
CA ASP A 214 26.08 6.01 19.62
C ASP A 214 26.38 5.87 18.13
N LYS A 215 26.59 7.01 17.48
CA LYS A 215 26.71 7.06 16.03
C LYS A 215 28.08 6.61 15.51
N ASP A 216 28.90 6.05 16.39
CA ASP A 216 30.12 5.34 16.01
C ASP A 216 29.83 3.86 15.77
N LYS A 217 28.68 3.41 16.26
CA LYS A 217 28.30 2.01 16.19
C LYS A 217 27.32 1.76 15.05
N LYS A 218 27.50 0.65 14.35
CA LYS A 218 26.58 0.25 13.28
C LYS A 218 25.98 -1.11 13.61
N ILE A 219 24.66 -1.19 13.58
CA ILE A 219 23.96 -2.41 13.97
C ILE A 219 23.08 -2.92 12.85
N THR A 220 23.13 -4.22 12.58
CA THR A 220 22.21 -4.85 11.63
C THR A 220 21.35 -5.93 12.29
N LEU A 221 20.04 -5.76 12.19
CA LEU A 221 19.08 -6.78 12.60
C LEU A 221 18.70 -7.64 11.40
N ILE A 222 19.01 -8.94 11.50
CA ILE A 222 18.61 -9.95 10.52
C ILE A 222 17.41 -10.74 11.06
N VAL A 223 16.33 -10.80 10.30
CA VAL A 223 15.17 -11.56 10.73
C VAL A 223 14.87 -12.67 9.74
N ASP A 224 14.94 -13.92 10.21
CA ASP A 224 14.68 -15.08 9.36
C ASP A 224 13.19 -15.43 9.44
N VAL A 225 12.46 -15.04 8.40
CA VAL A 225 11.02 -15.23 8.41
C VAL A 225 10.58 -16.31 7.41
N ALA A 226 11.34 -17.39 7.34
CA ALA A 226 11.01 -18.51 6.46
C ALA A 226 9.65 -19.17 6.81
N TYR A 227 9.38 -19.33 8.10
CA TYR A 227 8.15 -20.00 8.55
C TYR A 227 7.05 -19.00 8.89
N LEU A 228 7.12 -17.82 8.29
CA LEU A 228 6.15 -16.75 8.53
C LEU A 228 4.70 -17.21 8.35
N GLU A 229 4.41 -17.84 7.22
CA GLU A 229 3.04 -18.22 6.90
C GLU A 229 2.51 -19.36 7.78
N PHE A 230 3.38 -19.95 8.59
CA PHE A 230 3.01 -21.09 9.42
C PHE A 230 3.12 -20.73 10.89
N ALA A 231 2.82 -19.47 11.20
CA ALA A 231 2.92 -18.97 12.57
C ALA A 231 1.76 -18.06 12.96
N GLY A 232 0.58 -18.35 12.40
CA GLY A 232 -0.62 -17.59 12.66
C GLY A 232 -1.54 -17.59 11.45
N ASP A 233 -2.63 -16.83 11.54
CA ASP A 233 -3.67 -16.81 10.51
C ASP A 233 -3.33 -15.97 9.26
N GLY A 234 -2.05 -15.63 9.12
CA GLY A 234 -1.59 -14.80 8.03
C GLY A 234 -1.39 -13.36 8.44
N ASP A 235 -2.34 -12.84 9.22
CA ASP A 235 -2.35 -11.43 9.58
C ASP A 235 -1.62 -11.11 10.89
N GLN A 236 -2.02 -11.75 11.99
CA GLN A 236 -1.49 -11.45 13.32
C GLN A 236 0.03 -11.55 13.43
N GLN A 237 0.65 -12.43 12.65
CA GLN A 237 2.07 -12.69 12.74
C GLN A 237 2.94 -11.67 11.99
N ARG A 238 2.30 -10.89 11.12
CA ARG A 238 2.99 -9.87 10.34
C ARG A 238 3.02 -8.50 11.02
N LYS A 239 2.11 -8.31 11.98
CA LYS A 239 1.94 -7.03 12.66
C LYS A 239 3.27 -6.42 13.16
N PHE A 240 4.19 -7.27 13.57
CA PHE A 240 5.45 -6.81 14.16
C PHE A 240 6.36 -6.06 13.18
N PHE A 241 6.12 -6.23 11.88
CA PHE A 241 6.94 -5.57 10.86
C PHE A 241 6.89 -4.04 10.94
N GLU A 242 5.79 -3.51 11.45
CA GLU A 242 5.60 -2.05 11.60
C GLU A 242 6.60 -1.43 12.58
N LYS A 243 7.12 -2.23 13.50
CA LYS A 243 8.12 -1.80 14.47
C LYS A 243 9.46 -1.41 13.84
N PHE A 244 9.59 -1.68 12.53
CA PHE A 244 10.83 -1.39 11.81
C PHE A 244 10.79 -0.04 11.10
N SER A 245 9.69 0.70 11.25
CA SER A 245 9.54 2.02 10.65
C SER A 245 10.44 3.05 11.32
N ASN A 246 11.00 3.95 10.52
CA ASN A 246 11.73 5.13 11.02
C ASN A 246 12.80 4.83 12.06
N LEU A 247 13.65 3.86 11.75
CA LEU A 247 14.75 3.48 12.61
C LEU A 247 15.96 4.33 12.25
N PRO A 248 16.81 4.67 13.24
CA PRO A 248 17.97 5.51 12.96
C PRO A 248 18.85 4.97 11.82
N ARG A 249 19.37 5.90 11.03
CA ARG A 249 20.27 5.60 9.91
C ARG A 249 21.20 4.40 10.16
N ASN A 250 21.77 4.32 11.36
CA ASN A 250 22.75 3.28 11.70
C ASN A 250 22.15 1.96 12.23
N LEU A 251 20.84 1.82 12.14
CA LEU A 251 20.18 0.57 12.51
C LEU A 251 19.48 -0.02 11.29
N PHE A 252 20.21 -0.84 10.55
CA PHE A 252 19.69 -1.45 9.34
C PHE A 252 18.96 -2.76 9.65
N VAL A 253 18.02 -3.12 8.80
CA VAL A 253 17.25 -4.35 8.96
C VAL A 253 17.25 -5.12 7.65
N VAL A 254 17.67 -6.38 7.70
CA VAL A 254 17.54 -7.29 6.55
C VAL A 254 16.59 -8.42 6.93
N VAL A 255 15.49 -8.55 6.19
CA VAL A 255 14.52 -9.61 6.42
C VAL A 255 14.78 -10.70 5.39
N ALA A 256 14.98 -11.93 5.86
CA ALA A 256 15.25 -13.05 4.96
C ALA A 256 13.96 -13.79 4.58
N PHE A 257 13.52 -13.55 3.34
CA PHE A 257 12.29 -14.13 2.82
C PHE A 257 12.55 -15.43 2.04
N SER A 258 11.62 -16.39 2.12
CA SER A 258 11.75 -17.64 1.38
C SER A 258 10.43 -18.18 0.82
N SER A 260 10.48 -21.36 0.00
CA SER A 260 10.71 -22.77 0.28
C SER A 260 9.54 -23.44 1.00
N LYS A 261 9.05 -22.80 2.08
CA LYS A 261 7.99 -23.37 2.89
C LYS A 261 6.62 -22.87 2.47
N SER A 262 6.49 -21.55 2.38
CA SER A 262 5.23 -20.91 2.02
C SER A 262 4.64 -21.39 0.69
N HIS A 263 5.51 -21.77 -0.24
CA HIS A 263 5.07 -22.18 -1.57
C HIS A 263 5.44 -23.60 -1.88
N THR A 264 5.83 -24.36 -0.85
CA THR A 264 6.27 -25.74 -0.98
C THR A 264 7.23 -25.86 -2.17
N ALA A 265 8.25 -25.01 -2.16
CA ALA A 265 9.13 -24.83 -3.32
C ALA A 265 10.61 -24.87 -2.94
N TYR A 266 10.96 -25.82 -2.08
CA TYR A 266 12.31 -25.99 -1.53
C TYR A 266 13.36 -26.21 -2.63
N GLY A 267 13.06 -27.14 -3.53
CA GLY A 267 14.01 -27.56 -4.57
C GLY A 267 14.09 -26.60 -5.74
N LEU A 268 13.29 -25.55 -5.67
CA LEU A 268 13.33 -24.46 -6.65
C LEU A 268 14.24 -23.31 -6.24
N ARG A 269 14.68 -23.32 -4.98
CA ARG A 269 15.67 -22.37 -4.47
C ARG A 269 15.40 -20.90 -4.79
N SER A 270 14.33 -20.36 -4.19
CA SER A 270 14.00 -18.95 -4.43
C SER A 270 13.55 -18.22 -3.19
N GLY A 271 14.39 -17.29 -2.75
CA GLY A 271 14.05 -16.39 -1.65
C GLY A 271 14.36 -14.95 -2.04
N ALA A 272 14.45 -14.10 -1.03
CA ALA A 272 14.85 -12.70 -1.19
C ALA A 272 15.40 -12.14 0.11
N ALA A 273 16.32 -11.19 -0.03
CA ALA A 273 16.78 -10.35 1.08
C ALA A 273 16.14 -8.97 0.97
N VAL A 274 15.28 -8.64 1.93
CA VAL A 274 14.56 -7.38 1.94
C VAL A 274 15.14 -6.46 3.02
N GLY A 275 15.64 -5.30 2.59
CA GLY A 275 16.22 -4.31 3.49
C GLY A 275 15.27 -3.16 3.82
N ILE A 276 15.38 -2.64 5.04
CA ILE A 276 14.58 -1.51 5.49
C ILE A 276 15.50 -0.43 6.05
N SER A 277 15.39 0.78 5.52
CA SER A 277 16.15 1.93 6.04
C SER A 277 15.41 3.25 5.88
N SER A 278 15.73 4.18 6.77
CA SER A 278 15.22 5.55 6.65
C SER A 278 16.03 6.36 5.64
N SER A 279 17.21 5.84 5.28
CA SER A 279 18.11 6.51 4.34
C SER A 279 18.04 5.88 2.94
N LYS A 280 17.91 6.75 1.94
CA LYS A 280 17.81 6.34 0.54
C LYS A 280 19.14 5.81 0.00
N GLU A 281 20.25 6.36 0.49
CA GLU A 281 21.56 5.90 0.05
C GLU A 281 22.01 4.60 0.72
N ILE A 282 21.52 4.37 1.94
CA ILE A 282 21.75 3.09 2.62
C ILE A 282 21.13 1.93 1.83
N ILE A 283 19.94 2.16 1.29
CA ILE A 283 19.24 1.18 0.48
C ILE A 283 19.93 0.94 -0.86
N GLU A 284 20.30 2.00 -1.56
CA GLU A 284 21.00 1.87 -2.83
C GLU A 284 22.35 1.15 -2.66
N GLU A 285 23.04 1.49 -1.56
CA GLU A 285 24.27 0.80 -1.14
C GLU A 285 24.02 -0.70 -0.92
N PHE A 286 22.87 -1.01 -0.31
CA PHE A 286 22.42 -2.39 -0.07
C PHE A 286 22.18 -3.08 -1.40
N GLU A 287 21.37 -2.46 -2.27
CA GLU A 287 21.11 -2.95 -3.63
C GLU A 287 22.40 -3.24 -4.40
N ALA A 288 23.32 -2.28 -4.42
CA ALA A 288 24.59 -2.44 -5.14
C ALA A 288 25.39 -3.62 -4.61
N SER A 289 25.43 -3.76 -3.28
CA SER A 289 26.23 -4.77 -2.62
C SER A 289 25.72 -6.18 -2.89
N LEU A 290 24.44 -6.41 -2.63
CA LEU A 290 23.83 -7.72 -2.88
C LEU A 290 23.77 -8.12 -4.37
N ALA A 291 23.69 -7.13 -5.26
CA ALA A 291 23.78 -7.40 -6.69
C ALA A 291 25.19 -7.84 -7.08
N HIS A 292 26.20 -7.24 -6.46
CA HIS A 292 27.59 -7.65 -6.69
C HIS A 292 27.81 -9.02 -6.12
N SER A 293 27.28 -9.27 -4.93
CA SER A 293 27.33 -10.58 -4.31
C SER A 293 26.62 -11.64 -5.16
N ALA A 294 25.42 -11.31 -5.66
CA ALA A 294 24.64 -12.25 -6.50
C ALA A 294 25.43 -12.63 -7.74
N ARG A 295 26.13 -11.65 -8.31
CA ARG A 295 26.86 -11.84 -9.55
C ARG A 295 28.03 -12.77 -9.35
N CYS A 296 28.61 -12.69 -8.16
CA CYS A 296 29.79 -13.46 -7.84
C CYS A 296 29.45 -14.85 -7.33
N ASN A 297 28.36 -14.98 -6.60
CA ASN A 297 28.04 -16.25 -5.94
C ASN A 297 27.09 -17.19 -6.68
N TRP A 298 26.04 -16.67 -7.31
CA TRP A 298 25.09 -17.55 -8.02
C TRP A 298 24.62 -17.02 -9.36
N SER A 299 25.15 -15.85 -9.74
CA SER A 299 24.80 -15.15 -10.99
C SER A 299 23.36 -14.61 -11.05
N ASN A 300 22.38 -15.47 -10.81
CA ASN A 300 20.97 -15.09 -10.86
C ASN A 300 20.07 -16.20 -10.34
N GLY A 301 18.82 -15.85 -10.02
CA GLY A 301 17.89 -16.76 -9.37
C GLY A 301 17.27 -17.75 -10.32
N THR A 302 16.57 -18.73 -9.75
CA THR A 302 15.81 -19.70 -10.53
C THR A 302 14.66 -18.94 -11.17
N HIS A 303 14.77 -18.70 -12.47
CA HIS A 303 13.81 -17.83 -13.14
C HIS A 303 12.37 -18.33 -13.05
N ALA A 304 12.14 -19.63 -13.26
CA ALA A 304 10.77 -20.15 -13.17
C ALA A 304 10.06 -19.80 -11.86
N ALA A 305 10.79 -19.92 -10.75
CA ALA A 305 10.24 -19.66 -9.42
C ALA A 305 9.80 -18.20 -9.24
N GLN A 306 10.57 -17.28 -9.82
CA GLN A 306 10.24 -15.86 -9.73
C GLN A 306 8.96 -15.57 -10.50
N ASN A 307 8.85 -16.15 -11.69
CA ASN A 307 7.67 -16.02 -12.52
C ASN A 307 6.44 -16.66 -11.89
N ILE A 308 6.66 -17.73 -11.13
CA ILE A 308 5.59 -18.38 -10.39
C ILE A 308 4.98 -17.39 -9.39
N LEU A 309 5.82 -16.72 -8.61
CA LEU A 309 5.35 -15.72 -7.66
C LEU A 309 4.57 -14.58 -8.34
N ILE A 310 5.06 -14.14 -9.50
CA ILE A 310 4.43 -13.09 -10.27
C ILE A 310 3.04 -13.52 -10.72
N GLU A 311 2.95 -14.74 -11.24
CA GLU A 311 1.70 -15.28 -11.76
C GLU A 311 0.71 -15.60 -10.65
N LEU A 312 1.24 -15.88 -9.46
CA LEU A 312 0.38 -16.16 -8.29
C LEU A 312 -0.32 -14.90 -7.78
N GLU A 313 0.08 -13.75 -8.33
CA GLU A 313 -0.42 -12.44 -7.91
C GLU A 313 -1.69 -12.02 -8.65
N ARG A 314 -1.96 -12.66 -9.78
CA ARG A 314 -3.21 -12.46 -10.51
C ARG A 314 -4.36 -12.87 -9.59
N ALA A 315 -5.34 -11.97 -9.45
CA ALA A 315 -6.49 -12.20 -8.56
C ALA A 315 -7.05 -13.63 -8.65
N GLU A 316 -7.34 -14.08 -9.87
CA GLU A 316 -7.85 -15.43 -10.14
C GLU A 316 -6.86 -16.53 -9.73
N ASN A 317 -5.57 -16.28 -9.90
CA ASN A 317 -4.53 -17.21 -9.47
C ASN A 317 -4.17 -17.09 -7.99
N LYS A 318 -4.60 -15.98 -7.37
CA LYS A 318 -4.31 -15.71 -5.96
C LYS A 318 -5.31 -16.37 -4.99
N LYS A 319 -6.61 -16.20 -5.26
CA LYS A 319 -7.67 -16.82 -4.45
C LYS A 319 -7.40 -18.29 -4.17
N ILE A 320 -7.16 -19.04 -5.24
CA ILE A 320 -6.89 -20.48 -5.16
C ILE A 320 -5.70 -20.76 -4.26
N TYR A 321 -4.63 -19.97 -4.40
CA TYR A 321 -3.43 -20.20 -3.62
C TYR A 321 -3.65 -19.96 -2.12
N GLU A 322 -4.34 -18.88 -1.76
CA GLU A 322 -4.66 -18.59 -0.34
C GLU A 322 -5.49 -19.73 0.27
N GLN A 323 -6.58 -20.11 -0.39
CA GLN A 323 -7.43 -21.19 0.10
C GLN A 323 -6.65 -22.49 0.30
N GLU A 324 -5.66 -22.73 -0.55
CA GLU A 324 -4.77 -23.88 -0.43
C GLU A 324 -3.76 -23.71 0.69
N LEU A 325 -3.31 -22.48 0.91
CA LEU A 325 -2.36 -22.18 1.98
C LEU A 325 -3.04 -22.24 3.34
N VAL A 326 -4.30 -21.80 3.40
CA VAL A 326 -5.11 -21.90 4.63
C VAL A 326 -5.16 -23.35 5.10
N ASP A 327 -5.54 -24.26 4.19
CA ASP A 327 -5.59 -25.69 4.50
C ASP A 327 -4.26 -26.21 5.01
N LEU A 328 -3.19 -25.92 4.26
CA LEU A 328 -1.84 -26.35 4.61
C LEU A 328 -1.45 -25.86 6.00
N ARG A 329 -1.70 -24.57 6.24
CA ARG A 329 -1.48 -23.92 7.52
C ARG A 329 -2.36 -24.53 8.61
N ASN A 330 -3.60 -24.86 8.28
CA ASN A 330 -4.55 -25.46 9.21
C ASN A 330 -4.33 -26.95 9.45
N LEU A 332 -1.30 -28.16 9.44
CA LEU A 332 -0.16 -28.05 10.34
C LEU A 332 -0.58 -27.75 11.76
N LYS A 333 -1.39 -26.71 11.96
CA LYS A 333 -1.73 -26.26 13.31
C LYS A 333 -2.46 -27.35 14.12
N SER A 334 -3.42 -28.02 13.51
CA SER A 334 -4.17 -29.04 14.23
C SER A 334 -3.28 -30.25 14.58
N ARG A 335 -2.13 -30.36 13.92
CA ARG A 335 -1.12 -31.35 14.29
C ARG A 335 -0.41 -30.90 15.55
N ALA A 336 -0.17 -29.59 15.64
CA ALA A 336 0.47 -29.01 16.82
C ALA A 336 -0.48 -29.05 18.01
N ASP A 337 -1.78 -28.91 17.74
CA ASP A 337 -2.81 -29.02 18.77
C ASP A 337 -2.82 -30.41 19.40
N VAL A 338 -2.72 -31.44 18.56
CA VAL A 338 -2.70 -32.81 19.02
C VAL A 338 -1.43 -33.04 19.83
N PHE A 339 -0.32 -32.48 19.37
CA PHE A 339 0.94 -32.56 20.11
C PHE A 339 0.80 -31.93 21.50
N VAL A 340 0.39 -30.66 21.54
CA VAL A 340 0.29 -29.92 22.80
C VAL A 340 -0.73 -30.54 23.79
N THR A 341 -1.85 -31.03 23.26
CA THR A 341 -2.84 -31.74 24.07
C THR A 341 -2.26 -33.02 24.69
N ALA A 342 -1.54 -33.80 23.88
CA ALA A 342 -0.90 -35.02 24.35
C ALA A 342 0.23 -34.73 25.34
N ALA A 343 1.09 -33.77 25.00
CA ALA A 343 2.20 -33.38 25.86
C ALA A 343 1.73 -33.00 27.27
N LYS A 344 0.61 -32.28 27.34
CA LYS A 344 0.00 -31.88 28.60
C LYS A 344 -0.38 -33.13 29.39
N GLU A 345 -1.17 -34.00 28.75
CA GLU A 345 -1.76 -35.16 29.38
C GLU A 345 -0.73 -36.26 29.71
N ASN A 346 0.40 -36.24 29.03
CA ASN A 346 1.49 -37.16 29.33
C ASN A 346 2.57 -36.51 30.21
N LYS A 347 2.27 -35.29 30.67
CA LYS A 347 3.16 -34.50 31.53
C LYS A 347 4.56 -34.28 30.94
N LEU A 348 4.58 -33.76 29.71
CA LEU A 348 5.82 -33.53 28.97
C LEU A 348 6.07 -32.04 28.78
N THR A 349 7.12 -31.54 29.41
CA THR A 349 7.51 -30.14 29.30
C THR A 349 8.05 -29.86 27.91
N ILE A 351 8.72 -26.50 24.91
CA ILE A 351 8.81 -25.07 24.66
C ILE A 351 7.50 -24.65 24.01
N PRO A 352 6.84 -23.60 24.53
CA PRO A 352 5.55 -23.19 23.98
C PRO A 352 5.63 -22.99 22.49
N TYR A 353 4.73 -23.67 21.76
CA TYR A 353 4.67 -23.59 20.30
C TYR A 353 3.80 -22.42 19.83
N PHE A 354 4.35 -21.60 18.96
CA PHE A 354 3.59 -20.49 18.39
C PHE A 354 3.44 -20.61 16.88
N GLY A 355 4.45 -21.18 16.23
CA GLY A 355 4.42 -21.49 14.81
C GLY A 355 5.64 -22.30 14.39
N GLY A 356 5.66 -22.77 13.15
CA GLY A 356 6.85 -23.47 12.63
C GLY A 356 6.62 -24.92 12.25
N PHE A 357 7.71 -25.59 11.91
CA PHE A 357 7.68 -26.98 11.43
C PHE A 357 8.01 -27.98 12.53
N PHE A 358 8.44 -27.46 13.68
CA PHE A 358 8.99 -28.31 14.72
C PHE A 358 8.43 -27.91 16.08
N THR A 359 8.21 -28.90 16.94
CA THR A 359 7.95 -28.70 18.35
C THR A 359 9.19 -29.19 19.09
N PHE A 360 9.47 -28.63 20.27
CA PHE A 360 10.73 -28.94 20.93
C PHE A 360 10.57 -29.39 22.37
N ILE A 361 11.15 -30.55 22.67
CA ILE A 361 11.23 -31.06 24.03
C ILE A 361 12.61 -30.77 24.61
N PRO A 362 12.69 -29.86 25.58
CA PRO A 362 13.95 -29.59 26.26
C PRO A 362 14.36 -30.75 27.19
N THR A 363 15.66 -31.08 27.16
CA THR A 363 16.24 -32.17 27.96
C THR A 363 17.77 -32.17 27.84
N ASP A 364 18.44 -32.75 28.82
CA ASP A 364 19.88 -32.85 28.78
C ASP A 364 20.40 -34.24 28.36
N LYS A 365 19.47 -35.20 28.28
CA LYS A 365 19.82 -36.58 27.89
C LYS A 365 19.37 -36.89 26.45
N ALA A 366 19.31 -35.85 25.62
CA ALA A 366 18.72 -35.94 24.28
C ALA A 366 19.32 -37.04 23.41
N PHE A 367 20.65 -37.16 23.46
CA PHE A 367 21.35 -38.17 22.65
C PHE A 367 21.08 -39.59 23.14
N ASP A 368 20.89 -39.73 24.46
CA ASP A 368 20.61 -41.01 25.08
C ASP A 368 19.17 -41.44 24.82
N ILE A 369 18.25 -40.48 24.86
CA ILE A 369 16.82 -40.71 24.65
C ILE A 369 16.52 -41.18 23.22
N VAL A 370 17.16 -40.53 22.25
CA VAL A 370 16.92 -40.84 20.85
C VAL A 370 17.52 -42.20 20.46
N LYS A 371 18.46 -42.72 21.27
CA LYS A 371 18.98 -44.08 21.12
C LYS A 371 17.87 -45.09 21.35
N ASP A 372 17.21 -44.97 22.51
CA ASP A 372 16.06 -45.78 22.86
C ASP A 372 14.94 -45.61 21.85
N LEU A 373 14.66 -44.37 21.48
CA LEU A 373 13.57 -44.05 20.56
C LEU A 373 13.73 -44.70 19.20
N GLU A 374 14.96 -44.72 18.68
CA GLU A 374 15.24 -45.31 17.39
C GLU A 374 14.97 -46.80 17.39
N LYS A 375 15.22 -47.44 18.53
CA LYS A 375 14.87 -48.87 18.73
C LYS A 375 13.38 -49.11 18.51
N GLU A 376 12.57 -48.07 18.71
CA GLU A 376 11.13 -48.16 18.50
C GLU A 376 10.71 -47.47 17.20
N ASN A 377 11.63 -47.40 16.25
CA ASN A 377 11.38 -46.77 14.96
C ASN A 377 10.84 -45.34 15.10
N ILE A 378 11.36 -44.61 16.09
CA ILE A 378 11.00 -43.22 16.33
C ILE A 378 12.22 -42.32 16.16
N PHE A 379 12.20 -41.54 15.08
CA PHE A 379 13.35 -40.74 14.68
C PHE A 379 13.11 -39.25 14.88
N THR A 380 14.03 -38.62 15.60
CA THR A 380 13.99 -37.20 15.86
C THR A 380 15.43 -36.69 15.88
N ILE A 381 15.60 -35.37 15.94
CA ILE A 381 16.95 -34.78 15.93
C ILE A 381 17.37 -34.31 17.33
N PRO A 382 18.45 -34.91 17.87
CA PRO A 382 18.98 -34.54 19.18
C PRO A 382 19.93 -33.35 19.13
N SER A 383 19.98 -32.59 20.22
CA SER A 383 21.00 -31.58 20.41
C SER A 383 21.31 -31.42 21.90
N ALA A 384 22.33 -30.62 22.22
CA ALA A 384 22.71 -30.35 23.60
C ALA A 384 21.55 -29.76 24.39
N LYS A 385 20.57 -29.22 23.67
CA LYS A 385 19.42 -28.56 24.26
C LYS A 385 18.19 -29.44 24.36
N GLY A 386 18.04 -30.41 23.45
CA GLY A 386 16.93 -31.35 23.54
C GLY A 386 16.58 -32.09 22.26
N ILE A 387 15.29 -32.39 22.12
CA ILE A 387 14.81 -33.15 20.98
C ILE A 387 13.92 -32.29 20.10
N ARG A 388 14.22 -32.28 18.81
CA ARG A 388 13.41 -31.55 17.84
C ARG A 388 12.50 -32.52 17.09
N VAL A 389 11.19 -32.30 17.22
CA VAL A 389 10.19 -33.17 16.64
C VAL A 389 9.62 -32.49 15.40
N ALA A 390 9.92 -33.05 14.24
CA ALA A 390 9.48 -32.45 12.97
C ALA A 390 8.01 -32.74 12.74
N ILE A 391 7.19 -31.98 13.45
CA ILE A 391 5.76 -32.23 13.45
C ILE A 391 5.14 -32.06 12.05
N CYS A 392 5.88 -31.44 11.15
CA CYS A 392 5.47 -31.27 9.75
C CYS A 392 5.50 -32.58 8.97
N GLY A 393 6.28 -33.55 9.45
CA GLY A 393 6.43 -34.82 8.76
C GLY A 393 5.44 -35.90 9.15
N VAL A 394 5.01 -35.89 10.42
CA VAL A 394 4.18 -36.98 10.94
C VAL A 394 2.70 -36.60 10.98
N GLY A 395 1.84 -37.58 10.70
CA GLY A 395 0.40 -37.37 10.62
C GLY A 395 -0.28 -37.36 11.97
N GLU A 396 -1.35 -36.57 12.06
CA GLU A 396 -2.16 -36.38 13.27
C GLU A 396 -2.31 -37.63 14.14
N GLU A 397 -2.79 -38.72 13.56
CA GLU A 397 -3.12 -39.94 14.31
C GLU A 397 -1.92 -40.63 15.01
N LYS A 398 -0.71 -40.34 14.53
CA LYS A 398 0.49 -40.92 15.13
C LYS A 398 1.08 -40.09 16.27
N ILE A 399 0.68 -38.82 16.37
CA ILE A 399 1.25 -37.90 17.36
C ILE A 399 1.11 -38.40 18.81
N PRO A 400 -0.09 -38.88 19.20
CA PRO A 400 -0.24 -39.37 20.58
C PRO A 400 0.80 -40.44 20.96
N LYS A 401 0.96 -41.47 20.13
CA LYS A 401 1.99 -42.49 20.36
C LYS A 401 3.36 -41.83 20.47
N LEU A 402 3.69 -40.99 19.48
CA LEU A 402 4.96 -40.25 19.45
C LEU A 402 5.18 -39.45 20.73
N VAL A 403 4.10 -38.89 21.28
CA VAL A 403 4.22 -38.08 22.49
C VAL A 403 4.34 -38.97 23.74
N GLN A 404 3.47 -39.97 23.84
CA GLN A 404 3.52 -40.93 24.95
C GLN A 404 4.95 -41.50 25.07
N ARG A 405 5.43 -42.11 23.98
CA ARG A 405 6.77 -42.72 23.95
C ARG A 405 7.89 -41.70 24.14
N LEU A 406 7.65 -40.46 23.73
CA LEU A 406 8.59 -39.37 23.96
C LEU A 406 8.64 -39.03 25.44
N ALA A 407 7.47 -38.98 26.07
CA ALA A 407 7.35 -38.63 27.49
C ALA A 407 8.03 -39.67 28.37
N PHE A 408 7.77 -40.94 28.07
CA PHE A 408 8.27 -42.05 28.88
C PHE A 408 9.79 -42.04 29.07
N TYR A 409 10.53 -41.91 27.97
CA TYR A 409 12.00 -41.87 28.04
C TYR A 409 12.55 -40.54 28.57
N THR A 410 11.79 -39.47 28.42
CA THR A 410 12.21 -38.16 28.91
C THR A 410 12.01 -38.05 30.42
N ASN A 411 11.04 -38.79 30.95
CA ASN A 411 10.64 -38.65 32.35
C ASN A 411 11.07 -39.78 33.30
N LYS A 412 11.59 -40.88 32.76
CA LYS A 412 11.88 -42.07 33.61
C LYS A 412 13.10 -41.91 34.52
N PRO B 5 29.18 4.46 5.22
CA PRO B 5 28.51 3.26 4.73
C PRO B 5 28.18 2.22 5.81
N THR B 7 27.49 -1.00 4.85
CA THR B 7 28.21 -2.16 4.32
C THR B 7 29.70 -2.05 4.62
N ILE B 8 30.32 -3.22 4.79
CA ILE B 8 31.77 -3.31 4.99
C ILE B 8 32.47 -2.95 3.67
N LYS B 9 33.72 -2.49 3.75
CA LYS B 9 34.46 -2.03 2.57
C LYS B 9 34.42 -3.02 1.39
N ARG B 10 34.74 -4.28 1.68
CA ARG B 10 34.74 -5.38 0.69
C ARG B 10 33.39 -5.54 -0.01
N ALA B 11 32.33 -5.07 0.64
CA ALA B 11 30.98 -5.17 0.11
C ALA B 11 30.44 -3.82 -0.38
N THR B 12 31.27 -2.78 -0.35
CA THR B 12 30.90 -1.46 -0.88
C THR B 12 31.32 -1.33 -2.34
N TRP B 13 30.33 -1.10 -3.19
CA TRP B 13 30.55 -1.03 -4.63
C TRP B 13 30.03 0.26 -5.16
N ASN B 14 30.92 1.01 -5.78
CA ASN B 14 30.61 2.33 -6.29
C ASN B 14 30.02 2.28 -7.68
N ASN B 15 28.98 1.46 -7.83
CA ASN B 15 28.19 1.33 -9.07
C ASN B 15 28.97 1.19 -10.37
N GLY B 16 28.74 2.14 -11.27
CA GLY B 16 29.04 1.98 -12.68
C GLY B 16 27.77 1.41 -13.29
N PRO B 17 27.36 1.91 -14.46
CA PRO B 17 26.21 1.32 -15.15
C PRO B 17 26.50 -0.08 -15.68
N ASP B 18 25.47 -0.92 -15.68
CA ASP B 18 25.54 -2.24 -16.28
C ASP B 18 25.45 -2.03 -17.79
N LEU B 19 26.60 -2.00 -18.44
CA LEU B 19 26.71 -1.67 -19.86
C LEU B 19 25.92 -2.62 -20.74
N ALA B 20 26.22 -3.90 -20.63
CA ALA B 20 25.52 -4.96 -21.36
C ALA B 20 24.00 -4.95 -21.10
N PHE B 21 23.59 -4.58 -19.88
CA PHE B 21 22.18 -4.43 -19.56
C PHE B 21 21.57 -3.28 -20.36
N ASP B 22 22.29 -2.15 -20.38
CA ASP B 22 21.87 -0.98 -21.15
C ASP B 22 21.73 -1.27 -22.64
N ILE B 23 22.74 -1.90 -23.23
CA ILE B 23 22.75 -2.20 -24.68
C ILE B 23 21.56 -3.08 -25.07
N ASN B 24 21.32 -4.16 -24.32
CA ASN B 24 20.20 -5.04 -24.60
C ASN B 24 18.84 -4.33 -24.47
N ASN B 25 18.74 -3.44 -23.48
CA ASN B 25 17.56 -2.57 -23.34
C ASN B 25 17.33 -1.77 -24.62
N LYS B 26 18.40 -1.17 -25.14
CA LYS B 26 18.33 -0.40 -26.37
C LYS B 26 17.89 -1.26 -27.56
N ALA B 27 18.44 -2.47 -27.63
CA ALA B 27 18.14 -3.41 -28.70
C ALA B 27 16.66 -3.76 -28.71
N ASN B 28 16.14 -4.13 -27.53
CA ASN B 28 14.71 -4.43 -27.38
C ASN B 28 13.83 -3.24 -27.74
N ALA B 29 14.20 -2.05 -27.27
CA ALA B 29 13.51 -0.81 -27.62
C ALA B 29 13.47 -0.60 -29.13
N ALA B 30 14.59 -0.88 -29.80
CA ALA B 30 14.69 -0.72 -31.25
C ALA B 30 13.74 -1.69 -31.94
N ILE B 31 13.75 -2.94 -31.49
CA ILE B 31 12.82 -3.97 -31.98
C ILE B 31 11.39 -3.50 -31.79
N GLU B 32 11.12 -2.91 -30.61
CA GLU B 32 9.81 -2.34 -30.31
C GLU B 32 9.44 -1.17 -31.23
N LYS B 33 10.44 -0.41 -31.67
CA LYS B 33 10.18 0.74 -32.54
C LYS B 33 10.16 0.36 -34.03
N TYR B 34 11.22 -0.30 -34.49
CA TYR B 34 11.46 -0.50 -35.92
C TYR B 34 11.06 -1.89 -36.45
N GLY B 35 10.86 -2.85 -35.55
CA GLY B 35 10.53 -4.22 -35.95
C GLY B 35 11.74 -5.12 -36.06
N ARG B 36 11.53 -6.43 -35.93
CA ARG B 36 12.60 -7.44 -35.90
C ARG B 36 13.70 -7.28 -36.95
N GLU B 37 13.34 -7.47 -38.21
CA GLU B 37 14.31 -7.52 -39.31
C GLU B 37 15.15 -6.25 -39.49
N ALA B 38 14.67 -5.13 -38.94
CA ALA B 38 15.39 -3.86 -39.00
C ALA B 38 16.57 -3.86 -38.05
N VAL B 39 16.44 -4.59 -36.94
CA VAL B 39 17.47 -4.63 -35.90
C VAL B 39 18.37 -5.85 -36.04
N ILE B 40 19.66 -5.66 -35.78
CA ILE B 40 20.58 -6.78 -35.60
C ILE B 40 21.03 -6.78 -34.14
N ASN B 41 20.35 -7.61 -33.34
CA ASN B 41 20.55 -7.66 -31.91
C ASN B 41 21.62 -8.70 -31.56
N ALA B 42 22.84 -8.23 -31.31
CA ALA B 42 23.98 -9.12 -31.07
C ALA B 42 24.68 -8.82 -29.75
N ALA B 43 23.91 -8.39 -28.75
CA ALA B 43 24.45 -8.03 -27.45
C ALA B 43 24.73 -9.25 -26.54
N LEU B 44 23.67 -9.86 -26.00
CA LEU B 44 23.83 -10.86 -24.94
C LEU B 44 23.98 -12.30 -25.44
N GLY B 45 24.49 -13.16 -24.57
CA GLY B 45 24.92 -14.51 -24.94
C GLY B 45 23.89 -15.60 -24.70
N THR B 46 22.82 -15.56 -25.48
CA THR B 46 21.77 -16.57 -25.38
C THR B 46 21.37 -17.05 -26.78
N LEU B 47 21.27 -18.37 -26.94
CA LEU B 47 20.95 -18.94 -28.26
C LEU B 47 19.53 -18.63 -28.68
N LEU B 48 19.39 -17.82 -29.72
CA LEU B 48 18.09 -17.45 -30.27
C LEU B 48 17.89 -18.07 -31.64
N ASP B 49 16.66 -18.47 -31.95
CA ASP B 49 16.36 -18.91 -33.32
C ASP B 49 16.31 -17.73 -34.27
N ASP B 50 16.23 -18.02 -35.57
CA ASP B 50 16.21 -16.98 -36.59
C ASP B 50 15.11 -15.93 -36.41
N LYS B 51 14.05 -16.27 -35.66
CA LYS B 51 12.93 -15.36 -35.39
C LYS B 51 13.12 -14.58 -34.08
N GLY B 52 14.30 -14.69 -33.48
CA GLY B 52 14.64 -13.95 -32.27
C GLY B 52 14.22 -14.62 -30.97
N LYS B 53 13.43 -15.69 -31.09
CA LYS B 53 12.92 -16.44 -29.94
C LYS B 53 14.04 -17.27 -29.31
N ILE B 54 14.10 -17.28 -27.98
CA ILE B 54 15.10 -18.06 -27.25
C ILE B 54 14.82 -19.54 -27.39
N ILE B 55 15.83 -20.30 -27.79
CA ILE B 55 15.75 -21.75 -27.95
C ILE B 55 15.66 -22.43 -26.59
N ALA B 56 14.67 -23.31 -26.45
CA ALA B 56 14.54 -24.17 -25.29
C ALA B 56 14.30 -25.59 -25.78
N LEU B 57 15.36 -26.40 -25.75
CA LEU B 57 15.33 -27.75 -26.28
C LEU B 57 14.18 -28.58 -25.72
N PRO B 58 13.25 -29.03 -26.60
CA PRO B 58 12.12 -29.87 -26.19
C PRO B 58 12.58 -31.11 -25.43
N SER B 59 13.75 -31.64 -25.82
CA SER B 59 14.30 -32.86 -25.22
C SER B 59 14.89 -32.61 -23.86
N VAL B 60 14.89 -31.34 -23.43
CA VAL B 60 15.23 -30.99 -22.07
C VAL B 60 13.94 -30.74 -21.30
N TYR B 61 13.07 -29.90 -21.85
CA TYR B 61 11.86 -29.47 -21.14
C TYR B 61 10.71 -30.47 -21.16
N ASP B 62 10.68 -31.37 -22.13
CA ASP B 62 9.73 -32.50 -22.10
C ASP B 62 9.92 -33.34 -20.83
N ARG B 63 11.15 -33.35 -20.31
CA ARG B 63 11.45 -34.08 -19.10
C ARG B 63 10.83 -33.38 -17.90
N LEU B 64 10.98 -32.05 -17.86
CA LEU B 64 10.42 -31.28 -16.76
C LEU B 64 8.90 -31.41 -16.69
N ASP B 65 8.24 -31.34 -17.84
CA ASP B 65 6.78 -31.54 -17.96
C ASP B 65 6.34 -32.90 -17.42
N GLU B 66 7.14 -33.91 -17.72
CA GLU B 66 6.85 -35.30 -17.38
C GLU B 66 7.24 -35.66 -15.95
N ASP B 68 7.84 -35.98 -11.98
CA ASP B 68 7.04 -36.05 -10.78
C ASP B 68 7.18 -34.77 -9.97
N ARG B 69 6.05 -34.22 -9.54
CA ARG B 69 6.03 -32.99 -8.74
C ARG B 69 7.06 -32.99 -7.63
N SER B 70 7.23 -34.14 -7.00
CA SER B 70 8.15 -34.32 -5.87
C SER B 70 9.61 -34.11 -6.24
N HIS B 71 9.95 -34.44 -7.48
CA HIS B 71 11.32 -34.27 -7.97
C HIS B 71 11.65 -32.84 -8.32
N ILE B 72 10.65 -31.97 -8.20
CA ILE B 72 10.84 -30.55 -8.37
C ILE B 72 10.79 -29.89 -6.98
N ALA B 73 9.81 -30.31 -6.18
CA ALA B 73 9.56 -29.70 -4.88
C ALA B 73 10.62 -29.98 -3.83
N SER B 74 11.04 -31.23 -3.68
CA SER B 74 11.92 -31.63 -2.57
C SER B 74 13.31 -31.03 -2.66
N TYR B 75 14.01 -30.93 -1.54
CA TYR B 75 15.41 -30.52 -1.55
C TYR B 75 16.29 -31.54 -2.27
N ALA B 76 17.23 -31.04 -3.06
CA ALA B 76 18.35 -31.87 -3.50
C ALA B 76 19.34 -31.98 -2.32
N PRO B 77 20.19 -33.01 -2.31
CA PRO B 77 21.25 -33.07 -1.30
C PRO B 77 22.30 -31.98 -1.49
N ILE B 78 22.96 -31.60 -0.40
CA ILE B 78 24.00 -30.57 -0.40
C ILE B 78 24.93 -30.66 -1.62
N GLU B 79 25.45 -31.86 -1.86
CA GLU B 79 26.38 -32.10 -2.97
C GLU B 79 25.68 -32.37 -4.30
N GLY B 80 24.36 -32.49 -4.26
CA GLY B 80 23.62 -32.87 -5.44
C GLY B 80 23.37 -34.37 -5.45
N GLU B 81 22.36 -34.77 -6.21
CA GLU B 81 21.98 -36.16 -6.37
C GLU B 81 23.18 -37.03 -6.71
N LYS B 82 23.29 -38.16 -6.01
CA LYS B 82 24.36 -39.14 -6.23
C LYS B 82 24.53 -39.46 -7.73
N ASP B 83 23.40 -39.63 -8.42
CA ASP B 83 23.42 -39.91 -9.86
C ASP B 83 23.76 -38.68 -10.72
N TYR B 84 23.29 -37.51 -10.32
CA TYR B 84 23.65 -36.27 -11.01
C TYR B 84 25.17 -36.09 -11.01
N ARG B 85 25.79 -36.23 -9.84
CA ARG B 85 27.24 -36.16 -9.71
C ARG B 85 27.94 -37.10 -10.70
N LYS B 86 27.50 -38.36 -10.75
CA LYS B 86 28.08 -39.37 -11.65
C LYS B 86 27.85 -39.06 -13.14
N ILE B 87 26.65 -38.61 -13.49
CA ILE B 87 26.34 -38.30 -14.88
C ILE B 87 27.11 -37.05 -15.38
N VAL B 88 27.31 -36.06 -14.51
CA VAL B 88 28.15 -34.89 -14.84
C VAL B 88 29.53 -35.34 -15.32
N ILE B 89 30.18 -36.20 -14.53
CA ILE B 89 31.49 -36.75 -14.88
C ILE B 89 31.46 -37.53 -16.20
N ASP B 90 30.46 -38.41 -16.35
CA ASP B 90 30.27 -39.18 -17.59
C ASP B 90 30.12 -38.26 -18.80
N THR B 91 29.23 -37.29 -18.68
CA THR B 91 28.90 -36.35 -19.75
C THR B 91 30.07 -35.45 -20.08
N LEU B 92 30.62 -34.79 -19.06
CA LEU B 92 31.67 -33.78 -19.21
C LEU B 92 32.92 -34.30 -19.96
N PHE B 93 33.42 -35.46 -19.55
CA PHE B 93 34.66 -35.99 -20.11
C PHE B 93 34.47 -36.89 -21.33
N GLY B 94 33.24 -37.35 -21.55
CA GLY B 94 32.95 -38.28 -22.63
C GLY B 94 33.94 -39.43 -22.63
N PRO B 95 34.59 -39.67 -23.78
CA PRO B 95 35.55 -40.77 -23.89
C PRO B 95 36.97 -40.40 -23.42
N TYR B 96 37.10 -39.30 -22.70
CA TYR B 96 38.43 -38.78 -22.36
C TYR B 96 38.61 -38.46 -20.87
N LYS B 97 37.94 -39.21 -20.01
CA LYS B 97 38.11 -39.04 -18.58
C LYS B 97 39.59 -39.19 -18.20
N PRO B 98 40.13 -38.20 -17.46
CA PRO B 98 41.53 -38.29 -17.03
C PRO B 98 41.71 -39.29 -15.90
N GLU B 99 42.87 -39.94 -15.87
CA GLU B 99 43.17 -40.90 -14.81
C GLU B 99 43.45 -40.23 -13.47
N GLY B 100 42.58 -40.48 -12.51
CA GLY B 100 42.78 -40.00 -11.15
C GLY B 100 41.53 -40.10 -10.30
N TYR B 101 41.59 -39.46 -9.14
CA TYR B 101 40.42 -39.32 -8.27
C TYR B 101 39.63 -38.11 -8.70
N ILE B 102 38.36 -38.33 -9.03
CA ILE B 102 37.49 -37.30 -9.58
C ILE B 102 36.20 -37.22 -8.80
N SER B 103 35.80 -36.01 -8.44
CA SER B 103 34.50 -35.80 -7.80
C SER B 103 33.84 -34.53 -8.29
N ALA B 104 32.52 -34.60 -8.43
CA ALA B 104 31.75 -33.47 -8.87
C ALA B 104 30.75 -33.08 -7.79
N ILE B 105 30.79 -31.82 -7.37
CA ILE B 105 29.75 -31.31 -6.48
C ILE B 105 28.89 -30.24 -7.18
N ALA B 106 27.60 -30.26 -6.91
CA ALA B 106 26.63 -29.41 -7.60
C ALA B 106 26.73 -27.94 -7.18
N THR B 107 26.46 -27.03 -8.12
CA THR B 107 26.57 -25.59 -7.91
C THR B 107 25.47 -24.85 -8.69
N PRO B 108 25.23 -23.56 -8.36
CA PRO B 108 24.29 -22.80 -9.19
C PRO B 108 25.00 -22.37 -10.47
N GLY B 109 24.80 -23.17 -11.53
CA GLY B 109 25.45 -22.95 -12.81
C GLY B 109 26.96 -23.01 -12.71
N GLY B 110 27.64 -22.71 -13.82
CA GLY B 110 29.10 -22.66 -13.85
C GLY B 110 29.67 -21.63 -12.89
N THR B 111 28.96 -20.52 -12.73
CA THR B 111 29.30 -19.44 -11.82
C THR B 111 29.60 -19.96 -10.40
N GLY B 112 28.74 -20.85 -9.91
CA GLY B 112 28.91 -21.39 -8.56
C GLY B 112 30.21 -22.16 -8.44
N ALA B 113 30.50 -22.95 -9.47
CA ALA B 113 31.70 -23.74 -9.53
C ALA B 113 32.96 -22.85 -9.55
N ILE B 114 32.91 -21.77 -10.32
CA ILE B 114 34.06 -20.87 -10.48
C ILE B 114 34.37 -20.13 -9.18
N ARG B 115 33.35 -19.49 -8.63
CA ARG B 115 33.38 -18.88 -7.31
C ARG B 115 34.06 -19.79 -6.29
N SER B 116 33.54 -21.02 -6.17
CA SER B 116 34.00 -21.96 -5.15
C SER B 116 35.48 -22.32 -5.27
N ALA B 117 35.93 -22.56 -6.50
CA ALA B 117 37.35 -22.81 -6.77
C ALA B 117 38.18 -21.65 -6.22
N ILE B 118 37.82 -20.43 -6.61
CA ILE B 118 38.58 -19.23 -6.26
C ILE B 118 38.56 -19.01 -4.75
N PHE B 119 37.46 -19.38 -4.12
CA PHE B 119 37.36 -19.24 -2.67
C PHE B 119 38.24 -20.25 -1.93
N SER B 120 38.14 -21.51 -2.34
CA SER B 120 38.77 -22.60 -1.58
C SER B 120 40.27 -22.79 -1.83
N TYR B 121 40.74 -22.45 -3.03
CA TYR B 121 42.11 -22.76 -3.42
C TYR B 121 43.03 -21.54 -3.56
N LEU B 122 42.52 -20.40 -3.12
CA LEU B 122 43.28 -19.16 -3.07
C LEU B 122 43.00 -18.45 -1.77
N ASP B 123 44.04 -17.93 -1.14
CA ASP B 123 43.87 -17.12 0.06
C ASP B 123 43.83 -15.66 -0.35
N GLU B 124 43.89 -14.74 0.62
CA GLU B 124 43.68 -13.32 0.33
C GLU B 124 44.70 -12.71 -0.62
N GLY B 125 45.95 -12.62 -0.21
CA GLY B 125 46.99 -12.03 -1.06
C GLY B 125 47.19 -12.75 -2.38
N ASP B 126 46.97 -14.06 -2.36
CA ASP B 126 47.24 -14.96 -3.48
C ASP B 126 46.57 -14.53 -4.80
N PRO B 127 47.19 -14.88 -5.95
CA PRO B 127 46.74 -14.41 -7.26
C PRO B 127 46.03 -15.43 -8.16
N LEU B 128 44.96 -14.99 -8.82
CA LEU B 128 44.36 -15.74 -9.91
C LEU B 128 44.81 -15.13 -11.24
N ILE B 129 45.61 -15.89 -11.98
CA ILE B 129 46.19 -15.41 -13.23
C ILE B 129 45.25 -15.75 -14.40
N CYS B 130 44.80 -14.74 -15.12
CA CYS B 130 43.79 -14.92 -16.15
C CYS B 130 44.13 -14.24 -17.48
N HIS B 131 43.44 -14.67 -18.54
CA HIS B 131 43.72 -14.16 -19.88
C HIS B 131 43.15 -12.77 -20.13
N ASP B 132 43.89 -12.03 -20.97
CA ASP B 132 43.69 -10.61 -21.28
C ASP B 132 42.23 -10.23 -21.59
N TYR B 133 41.56 -11.11 -22.35
CA TYR B 133 40.13 -10.97 -22.66
C TYR B 133 39.41 -12.00 -21.81
N TYR B 134 38.39 -11.57 -21.07
CA TYR B 134 37.78 -12.46 -20.09
C TYR B 134 36.36 -12.09 -19.70
N TRP B 135 35.67 -13.07 -19.12
CA TRP B 135 34.35 -12.88 -18.58
C TRP B 135 34.47 -12.12 -17.28
N ALA B 136 33.83 -10.95 -17.23
CA ALA B 136 33.98 -10.00 -16.10
C ALA B 136 33.89 -10.58 -14.69
N PRO B 137 32.88 -11.43 -14.41
CA PRO B 137 32.72 -11.98 -13.05
C PRO B 137 33.98 -12.57 -12.40
N TYR B 138 34.96 -13.03 -13.19
CA TYR B 138 36.19 -13.59 -12.61
C TYR B 138 36.87 -12.55 -11.72
N ARG B 139 37.12 -11.37 -12.30
CA ARG B 139 37.65 -10.22 -11.58
C ARG B 139 36.76 -9.86 -10.40
N LYS B 140 35.45 -9.83 -10.66
CA LYS B 140 34.45 -9.45 -9.66
C LYS B 140 34.48 -10.39 -8.45
N ILE B 141 34.64 -11.69 -8.72
CA ILE B 141 34.71 -12.69 -7.65
C ILE B 141 35.96 -12.47 -6.81
N CYS B 142 37.12 -12.38 -7.47
CA CYS B 142 38.37 -12.02 -6.81
C CYS B 142 38.17 -10.86 -5.88
N GLU B 143 37.57 -9.78 -6.40
CA GLU B 143 37.40 -8.55 -5.66
C GLU B 143 36.41 -8.69 -4.49
N GLU B 144 35.38 -9.49 -4.72
CA GLU B 144 34.40 -9.88 -3.69
C GLU B 144 35.08 -10.58 -2.50
N PHE B 145 36.05 -11.44 -2.78
CA PHE B 145 36.71 -12.23 -1.75
C PHE B 145 38.13 -11.78 -1.46
N GLY B 146 38.51 -10.60 -1.95
CA GLY B 146 39.87 -10.09 -1.78
C GLY B 146 40.98 -11.00 -2.29
N ARG B 147 40.71 -11.80 -3.32
CA ARG B 147 41.77 -12.52 -4.02
C ARG B 147 42.34 -11.59 -5.08
N ASN B 148 43.51 -11.94 -5.59
CA ASN B 148 44.22 -11.03 -6.49
C ASN B 148 44.09 -11.34 -7.97
N PHE B 149 43.22 -10.61 -8.66
CA PHE B 149 43.07 -10.75 -10.10
C PHE B 149 44.27 -10.17 -10.84
N LYS B 150 44.77 -10.93 -11.81
CA LYS B 150 45.98 -10.58 -12.51
C LYS B 150 45.88 -11.14 -13.94
N THR B 151 46.06 -10.27 -14.94
CA THR B 151 45.93 -10.69 -16.34
C THR B 151 47.27 -10.87 -17.04
N PHE B 152 47.25 -11.72 -18.07
CA PHE B 152 48.37 -11.86 -19.00
C PHE B 152 47.83 -11.69 -20.41
N GLU B 153 48.68 -11.26 -21.34
CA GLU B 153 48.29 -11.12 -22.75
C GLU B 153 47.94 -12.47 -23.39
N PHE B 154 46.68 -12.59 -23.76
CA PHE B 154 46.12 -13.81 -24.34
C PHE B 154 46.84 -14.24 -25.63
N PHE B 155 46.96 -13.33 -26.58
CA PHE B 155 47.33 -13.72 -27.94
C PHE B 155 48.68 -13.20 -28.43
N THR B 156 49.33 -14.01 -29.26
CA THR B 156 50.48 -13.58 -30.05
C THR B 156 49.99 -12.66 -31.18
N ASP B 157 50.92 -12.07 -31.93
CA ASP B 157 50.56 -11.25 -33.09
C ASP B 157 49.72 -12.03 -34.11
N ASP B 158 49.87 -13.35 -34.13
CA ASP B 158 49.16 -14.24 -35.07
C ASP B 158 47.86 -14.82 -34.49
N PHE B 159 47.53 -14.40 -33.27
CA PHE B 159 46.36 -14.90 -32.52
C PHE B 159 46.40 -16.39 -32.22
N ALA B 160 47.51 -16.81 -31.63
CA ALA B 160 47.61 -18.13 -31.02
C ALA B 160 47.80 -17.89 -29.53
N PHE B 161 47.77 -18.96 -28.74
CA PHE B 161 48.01 -18.82 -27.30
C PHE B 161 49.40 -18.27 -27.05
N ASN B 162 49.46 -17.12 -26.39
CA ASN B 162 50.72 -16.48 -26.05
C ASN B 162 51.39 -17.21 -24.89
N ILE B 163 51.81 -18.44 -25.16
CA ILE B 163 52.40 -19.33 -24.15
C ILE B 163 53.63 -18.72 -23.45
N ASP B 164 54.38 -17.90 -24.19
CA ASP B 164 55.55 -17.25 -23.64
C ASP B 164 55.18 -16.29 -22.51
N VAL B 165 54.20 -15.43 -22.77
CA VAL B 165 53.73 -14.46 -21.78
C VAL B 165 52.93 -15.16 -20.68
N TYR B 166 52.31 -16.28 -21.02
CA TYR B 166 51.63 -17.10 -20.02
C TYR B 166 52.61 -17.60 -18.97
N LYS B 167 53.79 -18.02 -19.42
CA LYS B 167 54.85 -18.51 -18.54
C LYS B 167 55.40 -17.41 -17.62
N GLU B 168 55.65 -16.24 -18.18
CA GLU B 168 56.14 -15.09 -17.41
C GLU B 168 55.19 -14.75 -16.28
N ALA B 169 53.89 -14.78 -16.58
CA ALA B 169 52.87 -14.42 -15.62
C ALA B 169 52.72 -15.48 -14.52
N ILE B 170 52.98 -16.74 -14.86
CA ILE B 170 52.95 -17.81 -13.87
C ILE B 170 54.18 -17.73 -13.00
N ASP B 171 55.34 -17.58 -13.63
CA ASP B 171 56.61 -17.38 -12.93
C ASP B 171 56.51 -16.26 -11.88
N GLU B 172 55.85 -15.16 -12.25
CA GLU B 172 55.69 -14.02 -11.36
C GLU B 172 54.78 -14.38 -10.19
N GLY B 173 53.79 -15.23 -10.45
CA GLY B 173 52.83 -15.65 -9.44
C GLY B 173 53.51 -16.50 -8.39
N ILE B 174 54.29 -17.47 -8.85
CA ILE B 174 55.05 -18.37 -7.97
C ILE B 174 56.18 -17.66 -7.22
N ARG B 175 56.79 -16.64 -7.85
CA ARG B 175 57.78 -15.78 -7.20
C ARG B 175 57.18 -15.02 -6.01
N ASP B 176 55.88 -14.74 -6.09
CA ASP B 176 55.17 -13.94 -5.10
C ASP B 176 54.48 -14.75 -4.01
N SER B 177 53.80 -15.83 -4.40
CA SER B 177 53.03 -16.65 -3.47
C SER B 177 53.44 -18.12 -3.51
N ASP B 178 53.19 -18.81 -2.41
CA ASP B 178 53.38 -20.24 -2.38
C ASP B 178 52.11 -20.93 -2.87
N ARG B 179 51.10 -20.12 -3.17
CA ARG B 179 49.84 -20.63 -3.70
C ARG B 179 49.30 -19.69 -4.79
N ILE B 180 49.01 -20.27 -5.95
CA ILE B 180 48.49 -19.52 -7.11
C ILE B 180 47.38 -20.31 -7.83
N ALA B 181 46.67 -19.63 -8.71
CA ALA B 181 45.66 -20.26 -9.53
C ALA B 181 45.70 -19.73 -10.96
N SER B 182 45.43 -20.61 -11.91
CA SER B 182 45.46 -20.23 -13.32
C SER B 182 44.11 -20.58 -13.95
N LEU B 183 43.40 -19.57 -14.44
CA LEU B 183 42.07 -19.76 -15.01
C LEU B 183 42.10 -19.72 -16.53
N ILE B 184 41.68 -20.81 -17.16
CA ILE B 184 41.56 -20.83 -18.62
C ILE B 184 40.10 -21.10 -19.01
N ASN B 185 39.56 -20.22 -19.84
CA ASN B 185 38.20 -20.36 -20.34
C ASN B 185 38.26 -20.84 -21.77
N SER B 186 38.30 -22.17 -21.93
CA SER B 186 38.45 -22.81 -23.22
C SER B 186 37.89 -24.22 -23.09
N PRO B 187 37.33 -24.77 -24.17
CA PRO B 187 37.17 -24.21 -25.51
C PRO B 187 35.99 -23.25 -25.61
N GLY B 188 36.00 -22.38 -26.61
CA GLY B 188 34.90 -21.46 -26.84
C GLY B 188 34.90 -20.27 -25.92
N ASN B 189 36.07 -19.66 -25.77
CA ASN B 189 36.29 -18.50 -24.90
C ASN B 189 35.29 -17.37 -25.12
N ASN B 190 34.62 -16.97 -24.04
CA ASN B 190 33.87 -15.72 -24.00
C ASN B 190 34.88 -14.68 -23.53
N PRO B 191 35.13 -13.61 -24.32
CA PRO B 191 34.44 -13.10 -25.51
C PRO B 191 35.03 -13.43 -26.90
N THR B 192 36.19 -14.10 -26.95
CA THR B 192 36.97 -14.15 -28.18
C THR B 192 36.53 -15.20 -29.20
N GLY B 193 36.03 -16.32 -28.71
CA GLY B 193 35.72 -17.45 -29.58
C GLY B 193 36.91 -18.39 -29.77
N TYR B 194 38.03 -18.04 -29.16
CA TYR B 194 39.25 -18.83 -29.28
C TYR B 194 39.17 -20.14 -28.52
N SER B 195 39.95 -21.12 -28.94
CA SER B 195 40.15 -22.35 -28.17
C SER B 195 41.61 -22.74 -28.23
N LEU B 196 42.17 -23.12 -27.08
CA LEU B 196 43.52 -23.64 -27.06
C LEU B 196 43.55 -24.95 -27.80
N SER B 197 44.52 -25.10 -28.70
CA SER B 197 44.74 -26.36 -29.40
C SER B 197 45.14 -27.44 -28.40
N ASP B 198 44.95 -28.71 -28.78
CA ASP B 198 45.38 -29.83 -27.95
C ASP B 198 46.86 -29.71 -27.61
N GLU B 199 47.63 -29.13 -28.53
CA GLU B 199 49.07 -28.94 -28.34
C GLU B 199 49.43 -27.68 -27.55
N GLU B 200 48.56 -26.68 -27.56
CA GLU B 200 48.70 -25.54 -26.66
C GLU B 200 48.39 -25.95 -25.23
N TRP B 201 47.50 -26.93 -25.06
CA TRP B 201 47.21 -27.48 -23.75
C TRP B 201 48.38 -28.28 -23.23
N ASP B 202 49.03 -29.02 -24.12
CA ASP B 202 50.27 -29.75 -23.80
C ASP B 202 51.31 -28.82 -23.19
N GLU B 203 51.57 -27.71 -23.87
CA GLU B 203 52.53 -26.72 -23.41
C GLU B 203 52.15 -26.14 -22.06
N VAL B 204 50.85 -25.89 -21.87
CA VAL B 204 50.32 -25.36 -20.61
C VAL B 204 50.54 -26.33 -19.44
N ILE B 205 50.06 -27.57 -19.56
CA ILE B 205 50.17 -28.53 -18.46
C ILE B 205 51.60 -29.03 -18.19
N THR B 206 52.44 -29.02 -19.22
CA THR B 206 53.84 -29.41 -19.07
C THR B 206 54.57 -28.36 -18.23
N PHE B 207 54.26 -27.09 -18.47
CA PHE B 207 54.85 -26.00 -17.70
C PHE B 207 54.41 -25.98 -16.24
N LEU B 208 53.12 -26.27 -15.98
CA LEU B 208 52.62 -26.27 -14.61
C LEU B 208 53.28 -27.38 -13.79
N LYS B 209 53.44 -28.57 -14.40
CA LYS B 209 54.12 -29.71 -13.80
C LYS B 209 55.56 -29.38 -13.43
N GLU B 210 56.18 -28.54 -14.25
CA GLU B 210 57.53 -28.04 -14.04
C GLU B 210 57.54 -27.20 -12.77
N LYS B 211 56.57 -26.30 -12.67
CA LYS B 211 56.51 -25.34 -11.57
C LYS B 211 56.07 -25.99 -10.26
N ALA B 212 55.49 -27.19 -10.36
CA ALA B 212 55.04 -27.94 -9.19
C ALA B 212 56.16 -28.74 -8.53
N GLU B 213 57.27 -28.91 -9.25
CA GLU B 213 58.47 -29.56 -8.71
C GLU B 213 58.84 -29.01 -7.33
N ASP B 214 58.81 -27.68 -7.18
CA ASP B 214 58.98 -27.02 -5.90
C ASP B 214 57.78 -27.30 -5.00
N LYS B 215 57.86 -28.40 -4.24
CA LYS B 215 56.71 -28.92 -3.49
C LYS B 215 56.24 -28.01 -2.33
N ASP B 216 56.80 -26.80 -2.26
CA ASP B 216 56.30 -25.74 -1.39
C ASP B 216 55.19 -24.97 -2.09
N LYS B 217 55.15 -25.09 -3.42
CA LYS B 217 54.15 -24.42 -4.24
C LYS B 217 52.90 -25.27 -4.40
N LYS B 218 51.74 -24.62 -4.31
CA LYS B 218 50.48 -25.29 -4.63
C LYS B 218 49.80 -24.54 -5.76
N ILE B 219 49.40 -25.27 -6.79
CA ILE B 219 48.85 -24.66 -8.01
C ILE B 219 47.48 -25.23 -8.34
N THR B 220 46.51 -24.35 -8.62
CA THR B 220 45.18 -24.78 -9.00
C THR B 220 44.81 -24.27 -10.38
N LEU B 221 44.51 -25.20 -11.28
CA LEU B 221 44.07 -24.87 -12.62
C LEU B 221 42.55 -24.94 -12.65
N ILE B 222 41.93 -23.84 -13.05
CA ILE B 222 40.48 -23.73 -13.19
C ILE B 222 40.13 -23.62 -14.67
N VAL B 223 39.52 -24.67 -15.21
CA VAL B 223 39.11 -24.68 -16.61
C VAL B 223 37.61 -24.41 -16.65
N ASP B 224 37.22 -23.38 -17.40
CA ASP B 224 35.81 -23.02 -17.55
C ASP B 224 35.31 -23.56 -18.87
N VAL B 225 34.49 -24.60 -18.82
CA VAL B 225 34.10 -25.30 -20.04
C VAL B 225 32.63 -25.13 -20.45
N ALA B 226 31.99 -24.07 -19.94
CA ALA B 226 30.58 -23.80 -20.22
C ALA B 226 30.19 -23.97 -21.69
N TYR B 227 31.10 -23.59 -22.59
CA TYR B 227 30.82 -23.62 -24.03
C TYR B 227 31.29 -24.90 -24.72
N LEU B 228 31.59 -25.93 -23.92
CA LEU B 228 32.19 -27.17 -24.39
C LEU B 228 31.47 -27.79 -25.59
N GLU B 229 30.15 -27.97 -25.46
CA GLU B 229 29.38 -28.63 -26.51
C GLU B 229 29.24 -27.79 -27.80
N PHE B 230 29.81 -26.59 -27.79
CA PHE B 230 29.71 -25.66 -28.92
C PHE B 230 31.06 -25.33 -29.52
N ALA B 231 31.98 -26.28 -29.46
CA ALA B 231 33.36 -26.06 -29.92
C ALA B 231 33.88 -27.19 -30.81
N GLY B 232 32.96 -27.89 -31.47
CA GLY B 232 33.30 -29.03 -32.32
C GLY B 232 32.25 -30.11 -32.18
N ASP B 233 32.48 -31.23 -32.87
CA ASP B 233 31.53 -32.34 -32.95
C ASP B 233 31.25 -33.07 -31.64
N GLY B 234 31.70 -32.50 -30.52
CA GLY B 234 31.46 -33.07 -29.20
C GLY B 234 32.53 -34.04 -28.73
N ASP B 235 33.51 -34.32 -29.58
CA ASP B 235 34.53 -35.31 -29.29
C ASP B 235 35.91 -34.69 -29.36
N GLN B 236 36.19 -33.97 -30.44
CA GLN B 236 37.49 -33.34 -30.64
C GLN B 236 37.82 -32.33 -29.51
N GLN B 237 36.81 -31.60 -29.06
CA GLN B 237 36.98 -30.58 -28.02
C GLN B 237 37.08 -31.15 -26.61
N ARG B 238 36.82 -32.44 -26.46
CA ARG B 238 36.96 -33.11 -25.18
C ARG B 238 38.30 -33.83 -25.07
N LYS B 239 39.02 -33.93 -26.18
CA LYS B 239 40.27 -34.69 -26.22
C LYS B 239 41.31 -34.17 -25.23
N PHE B 240 41.38 -32.86 -25.05
CA PHE B 240 42.36 -32.27 -24.15
C PHE B 240 42.24 -32.74 -22.69
N PHE B 241 41.05 -33.18 -22.28
CA PHE B 241 40.82 -33.62 -20.91
C PHE B 241 41.81 -34.70 -20.46
N GLU B 242 42.16 -35.60 -21.36
CA GLU B 242 43.14 -36.68 -21.09
C GLU B 242 44.47 -36.18 -20.53
N LYS B 243 44.81 -34.93 -20.82
CA LYS B 243 46.09 -34.34 -20.41
C LYS B 243 46.10 -33.90 -18.95
N PHE B 244 45.00 -34.14 -18.25
CA PHE B 244 44.93 -33.87 -16.82
C PHE B 244 45.19 -35.13 -16.01
N SER B 245 45.54 -36.22 -16.70
CA SER B 245 45.84 -37.51 -16.06
C SER B 245 47.15 -37.45 -15.30
N ASN B 246 47.17 -38.13 -14.15
CA ASN B 246 48.39 -38.37 -13.37
C ASN B 246 49.27 -37.15 -13.08
N LEU B 247 48.64 -36.03 -12.74
CA LEU B 247 49.37 -34.80 -12.43
C LEU B 247 49.93 -34.85 -11.02
N PRO B 248 50.91 -33.96 -10.71
CA PRO B 248 51.38 -33.91 -9.33
C PRO B 248 50.27 -33.59 -8.32
N ARG B 249 50.52 -33.98 -7.07
CA ARG B 249 49.58 -33.81 -5.97
C ARG B 249 49.29 -32.32 -5.78
N ASN B 250 50.33 -31.51 -5.85
CA ASN B 250 50.20 -30.05 -5.70
C ASN B 250 49.70 -29.32 -6.97
N LEU B 251 49.31 -30.08 -7.99
CA LEU B 251 48.62 -29.52 -9.16
C LEU B 251 47.16 -30.00 -9.25
N PHE B 252 46.26 -29.14 -8.82
CA PHE B 252 44.84 -29.46 -8.76
C PHE B 252 44.13 -28.88 -9.97
N VAL B 253 43.24 -29.67 -10.55
CA VAL B 253 42.40 -29.17 -11.63
C VAL B 253 40.94 -29.12 -11.17
N VAL B 254 40.30 -27.96 -11.38
CA VAL B 254 38.86 -27.83 -11.19
C VAL B 254 38.23 -27.41 -12.51
N VAL B 255 37.38 -28.29 -13.02
CA VAL B 255 36.60 -27.99 -14.21
C VAL B 255 35.28 -27.39 -13.72
N ALA B 256 34.83 -26.33 -14.37
CA ALA B 256 33.56 -25.72 -14.05
C ALA B 256 32.56 -26.09 -15.13
N PHE B 257 31.69 -27.02 -14.79
CA PHE B 257 30.65 -27.52 -15.70
C PHE B 257 29.38 -26.68 -15.53
N SER B 258 28.62 -26.52 -16.61
CA SER B 258 27.36 -25.80 -16.58
C SER B 258 26.35 -26.41 -17.55
N SER B 260 23.82 -24.44 -18.41
CA SER B 260 23.24 -23.21 -18.96
C SER B 260 23.22 -23.26 -20.48
N LYS B 261 24.39 -23.45 -21.08
CA LYS B 261 24.56 -23.42 -22.53
C LYS B 261 24.20 -24.75 -23.18
N SER B 262 24.86 -25.82 -22.73
CA SER B 262 24.68 -27.14 -23.32
C SER B 262 23.23 -27.66 -23.33
N HIS B 263 22.44 -27.28 -22.32
CA HIS B 263 21.07 -27.78 -22.18
C HIS B 263 20.02 -26.72 -22.25
N THR B 264 20.39 -25.56 -22.78
CA THR B 264 19.52 -24.37 -22.81
C THR B 264 18.74 -24.23 -21.49
N ALA B 265 19.45 -24.27 -20.37
CA ALA B 265 18.83 -24.22 -19.05
C ALA B 265 19.42 -23.10 -18.17
N TYR B 266 19.70 -21.97 -18.79
CA TYR B 266 20.25 -20.80 -18.12
C TYR B 266 19.50 -20.48 -16.83
N GLY B 267 18.18 -20.29 -16.93
CA GLY B 267 17.35 -19.88 -15.80
C GLY B 267 17.06 -20.96 -14.76
N LEU B 268 17.72 -22.10 -14.89
CA LEU B 268 17.55 -23.23 -13.96
C LEU B 268 18.75 -23.37 -13.03
N ARG B 269 19.82 -22.63 -13.34
CA ARG B 269 20.99 -22.46 -12.47
C ARG B 269 21.55 -23.78 -11.96
N SER B 270 22.07 -24.59 -12.88
CA SER B 270 22.55 -25.91 -12.54
C SER B 270 23.87 -26.21 -13.25
N GLY B 271 24.94 -26.31 -12.46
CA GLY B 271 26.24 -26.70 -12.95
C GLY B 271 26.92 -27.54 -11.90
N ALA B 272 28.23 -27.71 -12.06
CA ALA B 272 29.02 -28.44 -11.08
C ALA B 272 30.47 -28.01 -11.12
N ALA B 273 31.11 -28.12 -9.97
CA ALA B 273 32.56 -28.03 -9.86
C ALA B 273 33.10 -29.45 -9.87
N VAL B 274 34.03 -29.73 -10.79
CA VAL B 274 34.63 -31.06 -10.91
C VAL B 274 36.13 -30.99 -10.63
N GLY B 275 36.58 -31.72 -9.62
CA GLY B 275 37.99 -31.72 -9.23
C GLY B 275 38.72 -32.97 -9.67
N ILE B 276 39.97 -32.80 -10.10
CA ILE B 276 40.83 -33.93 -10.50
C ILE B 276 42.07 -33.96 -9.59
N SER B 277 42.38 -35.10 -9.03
CA SER B 277 43.61 -35.25 -8.26
C SER B 277 44.13 -36.67 -8.21
N SER B 278 45.46 -36.79 -8.31
CA SER B 278 46.12 -38.09 -8.25
C SER B 278 46.24 -38.59 -6.81
N SER B 279 45.58 -37.87 -5.90
CA SER B 279 45.53 -38.24 -4.48
C SER B 279 44.07 -38.38 -4.02
N LYS B 280 43.81 -39.35 -3.16
CA LYS B 280 42.45 -39.61 -2.69
C LYS B 280 42.06 -38.67 -1.56
N GLU B 281 43.03 -38.32 -0.72
CA GLU B 281 42.75 -37.42 0.41
C GLU B 281 42.51 -35.98 -0.05
N ILE B 282 43.19 -35.58 -1.12
CA ILE B 282 43.02 -34.25 -1.72
C ILE B 282 41.59 -34.07 -2.24
N ILE B 283 41.05 -35.11 -2.85
CA ILE B 283 39.69 -35.08 -3.41
C ILE B 283 38.60 -35.13 -2.35
N GLU B 284 38.83 -35.91 -1.28
CA GLU B 284 37.89 -35.98 -0.17
C GLU B 284 37.85 -34.64 0.56
N GLU B 285 38.98 -33.94 0.51
CA GLU B 285 39.11 -32.60 1.09
C GLU B 285 38.41 -31.57 0.19
N PHE B 286 38.57 -31.72 -1.13
CA PHE B 286 37.77 -30.99 -2.11
C PHE B 286 36.28 -31.12 -1.79
N GLU B 287 35.82 -32.36 -1.66
CA GLU B 287 34.41 -32.64 -1.38
C GLU B 287 33.95 -31.98 -0.08
N ALA B 288 34.73 -32.14 0.99
CA ALA B 288 34.40 -31.57 2.30
C ALA B 288 34.34 -30.04 2.29
N SER B 289 35.21 -29.42 1.50
CA SER B 289 35.31 -27.97 1.47
C SER B 289 34.14 -27.33 0.74
N LEU B 290 33.78 -27.89 -0.41
CA LEU B 290 32.70 -27.37 -1.22
C LEU B 290 31.31 -27.74 -0.69
N ALA B 291 31.22 -28.88 0.00
CA ALA B 291 29.97 -29.25 0.66
C ALA B 291 29.61 -28.19 1.69
N HIS B 292 30.62 -27.69 2.40
CA HIS B 292 30.42 -26.64 3.40
C HIS B 292 30.01 -25.35 2.75
N SER B 293 30.70 -24.99 1.68
CA SER B 293 30.40 -23.76 0.94
C SER B 293 29.01 -23.78 0.32
N ALA B 294 28.63 -24.91 -0.26
CA ALA B 294 27.28 -25.08 -0.79
C ALA B 294 26.27 -24.83 0.32
N ARG B 295 26.50 -25.44 1.47
CA ARG B 295 25.59 -25.31 2.59
C ARG B 295 25.48 -23.86 3.09
N CYS B 296 26.53 -23.07 2.88
CA CYS B 296 26.57 -21.71 3.41
C CYS B 296 26.17 -20.63 2.42
N ASN B 297 26.19 -20.95 1.14
CA ASN B 297 25.92 -19.94 0.14
C ASN B 297 24.58 -20.07 -0.55
N TRP B 298 24.27 -21.26 -1.06
CA TRP B 298 23.00 -21.51 -1.75
C TRP B 298 22.18 -22.60 -1.12
N SER B 299 22.81 -23.37 -0.24
CA SER B 299 22.16 -24.47 0.51
C SER B 299 22.23 -25.78 -0.26
N ASN B 300 21.64 -25.78 -1.44
CA ASN B 300 21.51 -26.95 -2.33
C ASN B 300 20.98 -26.51 -3.68
N GLY B 301 21.33 -27.26 -4.72
CA GLY B 301 21.01 -26.86 -6.10
C GLY B 301 19.55 -27.03 -6.52
N THR B 302 19.26 -26.57 -7.74
CA THR B 302 17.93 -26.71 -8.34
C THR B 302 17.66 -28.16 -8.65
N HIS B 303 16.78 -28.77 -7.86
CA HIS B 303 16.58 -30.22 -7.89
C HIS B 303 16.04 -30.73 -9.22
N ALA B 304 15.09 -30.01 -9.80
CA ALA B 304 14.49 -30.35 -11.09
C ALA B 304 15.55 -30.51 -12.17
N ALA B 305 16.49 -29.56 -12.19
CA ALA B 305 17.57 -29.55 -13.18
C ALA B 305 18.48 -30.77 -13.05
N GLN B 306 18.79 -31.17 -11.82
CA GLN B 306 19.68 -32.31 -11.59
C GLN B 306 18.99 -33.56 -12.11
N ASN B 307 17.69 -33.66 -11.80
CA ASN B 307 16.88 -34.78 -12.28
C ASN B 307 16.73 -34.82 -13.79
N ILE B 308 16.64 -33.65 -14.43
CA ILE B 308 16.63 -33.58 -15.89
C ILE B 308 17.87 -34.30 -16.44
N LEU B 309 19.05 -33.90 -15.98
CA LEU B 309 20.31 -34.50 -16.45
C LEU B 309 20.34 -36.02 -16.22
N ILE B 310 19.65 -36.47 -15.18
CA ILE B 310 19.57 -37.89 -14.85
C ILE B 310 18.64 -38.60 -15.82
N GLU B 311 17.46 -38.04 -16.04
CA GLU B 311 16.51 -38.57 -17.01
C GLU B 311 17.06 -38.54 -18.44
N LEU B 312 17.95 -37.59 -18.70
CA LEU B 312 18.58 -37.43 -20.01
C LEU B 312 19.61 -38.50 -20.34
N GLU B 313 20.13 -39.17 -19.31
CA GLU B 313 21.11 -40.23 -19.49
C GLU B 313 20.44 -41.59 -19.77
N ARG B 314 19.11 -41.62 -19.77
CA ARG B 314 18.38 -42.83 -20.15
C ARG B 314 18.47 -43.02 -21.66
N ALA B 315 18.68 -44.27 -22.09
CA ALA B 315 18.91 -44.59 -23.50
C ALA B 315 17.93 -43.94 -24.50
N GLU B 316 16.63 -44.07 -24.25
CA GLU B 316 15.63 -43.52 -25.17
C GLU B 316 15.66 -41.99 -25.21
N ASN B 317 15.94 -41.35 -24.07
CA ASN B 317 16.07 -39.89 -24.01
C ASN B 317 17.41 -39.40 -24.54
N LYS B 318 18.49 -40.10 -24.20
CA LYS B 318 19.83 -39.76 -24.66
C LYS B 318 19.88 -39.56 -26.16
N LYS B 319 19.29 -40.49 -26.91
CA LYS B 319 19.26 -40.42 -28.38
C LYS B 319 18.62 -39.13 -28.89
N ILE B 320 17.40 -38.84 -28.41
CA ILE B 320 16.66 -37.65 -28.84
C ILE B 320 17.46 -36.37 -28.52
N TYR B 321 18.05 -36.31 -27.33
CA TYR B 321 18.87 -35.16 -26.95
C TYR B 321 20.09 -34.98 -27.85
N GLU B 322 20.74 -36.09 -28.18
CA GLU B 322 21.94 -36.07 -29.04
C GLU B 322 21.67 -35.40 -30.39
N GLN B 323 20.51 -35.68 -31.00
CA GLN B 323 20.20 -35.07 -32.28
C GLN B 323 19.84 -33.60 -32.15
N GLU B 324 19.05 -33.27 -31.12
CA GLU B 324 18.64 -31.89 -30.90
C GLU B 324 19.84 -31.00 -30.62
N LEU B 325 20.81 -31.56 -29.90
CA LEU B 325 22.09 -30.90 -29.67
C LEU B 325 22.85 -30.71 -30.97
N VAL B 326 23.11 -31.80 -31.70
CA VAL B 326 23.75 -31.73 -33.02
C VAL B 326 23.10 -30.67 -33.92
N ASP B 327 21.78 -30.59 -33.91
CA ASP B 327 21.06 -29.60 -34.71
C ASP B 327 21.36 -28.18 -34.27
N LEU B 328 21.36 -27.98 -32.95
CA LEU B 328 21.68 -26.69 -32.34
C LEU B 328 23.13 -26.33 -32.60
N ARG B 329 24.03 -27.26 -32.26
CA ARG B 329 25.45 -27.14 -32.53
C ARG B 329 25.68 -26.64 -33.95
N ASN B 330 25.00 -27.25 -34.91
CA ASN B 330 25.14 -26.92 -36.34
C ASN B 330 24.63 -25.52 -36.68
N LEU B 332 24.48 -22.85 -34.88
CA LEU B 332 25.49 -21.89 -34.47
C LEU B 332 26.71 -21.90 -35.40
N LYS B 333 27.20 -23.09 -35.74
CA LYS B 333 28.42 -23.22 -36.56
C LYS B 333 28.26 -22.58 -37.95
N SER B 334 27.17 -22.86 -38.64
CA SER B 334 26.94 -22.25 -39.97
C SER B 334 26.69 -20.75 -39.90
N ARG B 335 26.16 -20.28 -38.76
CA ARG B 335 26.09 -18.84 -38.49
C ARG B 335 27.49 -18.26 -38.42
N ALA B 336 28.39 -18.97 -37.75
CA ALA B 336 29.78 -18.54 -37.63
C ALA B 336 30.50 -18.64 -38.96
N ASP B 337 30.17 -19.67 -39.73
CA ASP B 337 30.80 -19.88 -41.03
C ASP B 337 30.39 -18.80 -42.04
N VAL B 338 29.15 -18.33 -41.96
CA VAL B 338 28.76 -17.14 -42.73
C VAL B 338 29.61 -15.94 -42.28
N PHE B 339 29.66 -15.72 -40.97
CA PHE B 339 30.44 -14.62 -40.39
C PHE B 339 31.91 -14.63 -40.84
N VAL B 340 32.60 -15.74 -40.61
CA VAL B 340 34.03 -15.86 -40.94
C VAL B 340 34.29 -15.68 -42.44
N THR B 341 33.41 -16.24 -43.27
CA THR B 341 33.47 -16.09 -44.73
C THR B 341 33.26 -14.65 -45.16
N ALA B 342 32.29 -13.98 -44.54
CA ALA B 342 32.00 -12.58 -44.84
C ALA B 342 33.15 -11.66 -44.42
N ALA B 343 33.71 -11.95 -43.24
CA ALA B 343 34.84 -11.20 -42.70
C ALA B 343 36.06 -11.26 -43.62
N LYS B 344 36.26 -12.41 -44.24
CA LYS B 344 37.32 -12.61 -45.22
C LYS B 344 37.07 -11.74 -46.45
N GLU B 345 35.85 -11.78 -46.96
CA GLU B 345 35.44 -10.97 -48.10
C GLU B 345 35.61 -9.46 -47.83
N ASN B 346 35.16 -9.02 -46.66
CA ASN B 346 35.15 -7.61 -46.31
C ASN B 346 36.41 -7.13 -45.60
N LYS B 347 37.45 -7.96 -45.62
CA LYS B 347 38.75 -7.60 -45.06
C LYS B 347 38.61 -7.12 -43.60
N LEU B 348 37.91 -7.90 -42.80
CA LEU B 348 37.69 -7.59 -41.41
C LEU B 348 38.47 -8.55 -40.52
N THR B 349 39.47 -8.02 -39.82
CA THR B 349 40.30 -8.81 -38.91
C THR B 349 39.49 -9.22 -37.68
N ILE B 351 39.50 -12.25 -34.31
CA ILE B 351 40.13 -13.35 -33.59
C ILE B 351 39.58 -14.66 -34.16
N PRO B 352 40.47 -15.56 -34.59
CA PRO B 352 40.02 -16.83 -35.16
C PRO B 352 38.94 -17.50 -34.31
N TYR B 353 37.83 -17.91 -34.94
CA TYR B 353 36.73 -18.54 -34.24
C TYR B 353 36.93 -20.04 -34.14
N PHE B 354 36.87 -20.58 -32.92
CA PHE B 354 36.95 -22.02 -32.73
C PHE B 354 35.71 -22.61 -32.07
N GLY B 355 34.90 -21.75 -31.45
CA GLY B 355 33.70 -22.17 -30.76
C GLY B 355 33.15 -21.08 -29.87
N GLY B 356 31.98 -21.34 -29.29
CA GLY B 356 31.36 -20.38 -28.38
C GLY B 356 30.30 -19.52 -29.03
N PHE B 357 29.70 -18.65 -28.24
CA PHE B 357 28.53 -17.87 -28.63
C PHE B 357 28.90 -16.60 -29.38
N PHE B 358 30.21 -16.34 -29.49
CA PHE B 358 30.69 -15.04 -29.95
C PHE B 358 31.83 -15.09 -30.92
N THR B 359 31.84 -14.11 -31.82
CA THR B 359 33.02 -13.74 -32.58
C THR B 359 33.49 -12.39 -32.02
N PHE B 360 34.78 -12.10 -32.17
CA PHE B 360 35.34 -10.89 -31.60
C PHE B 360 36.16 -10.13 -32.65
N ILE B 361 35.92 -8.82 -32.74
CA ILE B 361 36.70 -7.94 -33.61
C ILE B 361 37.59 -7.02 -32.78
N PRO B 362 38.91 -7.27 -32.79
CA PRO B 362 39.83 -6.41 -32.06
C PRO B 362 39.86 -5.02 -32.69
N THR B 363 39.83 -4.00 -31.85
CA THR B 363 39.82 -2.62 -32.29
C THR B 363 40.19 -1.62 -31.19
N ASP B 364 40.48 -0.40 -31.63
CA ASP B 364 40.92 0.69 -30.78
C ASP B 364 39.79 1.69 -30.56
N LYS B 365 38.83 1.69 -31.49
CA LYS B 365 37.68 2.60 -31.45
C LYS B 365 36.41 1.86 -31.04
N ALA B 366 36.55 0.86 -30.17
CA ALA B 366 35.42 -0.03 -29.86
C ALA B 366 34.13 0.70 -29.47
N PHE B 367 34.27 1.79 -28.71
CA PHE B 367 33.09 2.51 -28.21
C PHE B 367 32.53 3.50 -29.22
N ASP B 368 33.41 4.06 -30.04
CA ASP B 368 33.04 4.92 -31.16
C ASP B 368 32.24 4.13 -32.21
N ILE B 369 32.68 2.90 -32.47
CA ILE B 369 32.09 2.05 -33.51
C ILE B 369 30.69 1.57 -33.12
N VAL B 370 30.53 1.12 -31.88
CA VAL B 370 29.19 0.74 -31.41
C VAL B 370 28.25 1.95 -31.46
N LYS B 371 28.78 3.13 -31.09
CA LYS B 371 28.01 4.38 -31.17
C LYS B 371 27.41 4.50 -32.56
N ASP B 372 28.28 4.47 -33.58
CA ASP B 372 27.88 4.56 -34.98
C ASP B 372 26.89 3.46 -35.38
N LEU B 373 27.17 2.23 -34.96
CA LEU B 373 26.32 1.10 -35.29
C LEU B 373 24.93 1.20 -34.65
N GLU B 374 24.86 1.71 -33.42
CA GLU B 374 23.59 1.85 -32.70
C GLU B 374 22.63 2.77 -33.46
N LYS B 375 23.18 3.78 -34.13
CA LYS B 375 22.43 4.66 -35.01
C LYS B 375 21.75 3.88 -36.15
N GLU B 376 22.33 2.74 -36.52
CA GLU B 376 21.79 1.90 -37.59
C GLU B 376 21.04 0.67 -37.07
N ASN B 377 20.77 0.65 -35.77
CA ASN B 377 20.13 -0.49 -35.09
C ASN B 377 20.94 -1.79 -35.14
N ILE B 378 22.25 -1.65 -34.93
CA ILE B 378 23.14 -2.79 -34.75
C ILE B 378 23.74 -2.66 -33.37
N PHE B 379 23.54 -3.69 -32.55
CA PHE B 379 23.92 -3.63 -31.14
C PHE B 379 24.95 -4.70 -30.79
N THR B 380 26.09 -4.26 -30.26
CA THR B 380 27.20 -5.16 -29.89
C THR B 380 27.85 -4.63 -28.61
N ILE B 381 28.74 -5.42 -28.01
CA ILE B 381 29.38 -5.00 -26.76
C ILE B 381 30.81 -4.53 -26.98
N PRO B 382 31.11 -3.28 -26.59
CA PRO B 382 32.47 -2.75 -26.67
C PRO B 382 33.28 -3.03 -25.41
N SER B 383 34.60 -2.94 -25.56
CA SER B 383 35.56 -2.96 -24.45
C SER B 383 36.91 -2.48 -24.97
N ALA B 384 37.83 -2.19 -24.05
CA ALA B 384 39.18 -1.71 -24.38
C ALA B 384 39.86 -2.54 -25.47
N LYS B 385 39.48 -3.81 -25.55
CA LYS B 385 40.09 -4.74 -26.49
C LYS B 385 39.42 -4.73 -27.86
N GLY B 386 38.12 -4.48 -27.89
CA GLY B 386 37.41 -4.49 -29.17
C GLY B 386 35.93 -4.78 -29.04
N ILE B 387 35.34 -5.29 -30.10
CA ILE B 387 33.90 -5.52 -30.12
C ILE B 387 33.58 -7.01 -30.04
N ARG B 388 32.66 -7.34 -29.14
CA ARG B 388 32.11 -8.69 -29.05
C ARG B 388 30.79 -8.77 -29.79
N VAL B 389 30.68 -9.77 -30.67
CA VAL B 389 29.49 -9.95 -31.49
C VAL B 389 28.79 -11.25 -31.10
N ALA B 390 27.58 -11.14 -30.55
CA ALA B 390 26.82 -12.30 -30.10
C ALA B 390 26.18 -13.05 -31.26
N ILE B 391 26.99 -13.87 -31.91
CA ILE B 391 26.61 -14.60 -33.10
C ILE B 391 25.50 -15.62 -32.79
N CYS B 392 25.29 -15.86 -31.50
CA CYS B 392 24.30 -16.81 -31.02
C CYS B 392 22.88 -16.26 -31.11
N GLY B 393 22.78 -14.95 -31.35
CA GLY B 393 21.49 -14.26 -31.37
C GLY B 393 20.99 -13.85 -32.75
N VAL B 394 21.90 -13.82 -33.73
CA VAL B 394 21.56 -13.33 -35.06
C VAL B 394 21.49 -14.45 -36.10
N GLY B 395 20.35 -14.54 -36.77
CA GLY B 395 20.13 -15.51 -37.84
C GLY B 395 21.05 -15.31 -39.02
N GLU B 396 21.18 -16.37 -39.83
CA GLU B 396 22.14 -16.46 -40.93
C GLU B 396 22.08 -15.30 -41.94
N GLU B 397 20.88 -14.85 -42.26
CA GLU B 397 20.67 -13.84 -43.30
C GLU B 397 21.10 -12.43 -42.90
N LYS B 398 21.02 -12.12 -41.62
CA LYS B 398 21.36 -10.79 -41.12
C LYS B 398 22.86 -10.61 -40.93
N ILE B 399 23.61 -11.71 -41.02
CA ILE B 399 25.06 -11.69 -40.77
C ILE B 399 25.90 -10.95 -41.84
N PRO B 400 25.60 -11.18 -43.13
CA PRO B 400 26.41 -10.46 -44.12
C PRO B 400 26.32 -8.93 -43.96
N LYS B 401 25.12 -8.40 -43.69
CA LYS B 401 24.97 -6.98 -43.40
C LYS B 401 25.80 -6.60 -42.17
N LEU B 402 25.68 -7.40 -41.10
CA LEU B 402 26.42 -7.17 -39.85
C LEU B 402 27.92 -7.02 -40.07
N VAL B 403 28.50 -7.90 -40.87
CA VAL B 403 29.94 -7.87 -41.13
C VAL B 403 30.33 -6.68 -41.99
N GLN B 404 29.46 -6.34 -42.95
CA GLN B 404 29.72 -5.20 -43.85
C GLN B 404 29.78 -3.87 -43.12
N ARG B 405 28.76 -3.61 -42.29
CA ARG B 405 28.69 -2.38 -41.52
C ARG B 405 29.74 -2.38 -40.41
N LEU B 406 30.11 -3.57 -39.96
CA LEU B 406 31.18 -3.74 -38.99
C LEU B 406 32.53 -3.34 -39.59
N ALA B 407 32.81 -3.79 -40.81
CA ALA B 407 34.08 -3.52 -41.47
C ALA B 407 34.21 -2.05 -41.88
N PHE B 408 33.11 -1.46 -42.32
CA PHE B 408 33.06 -0.07 -42.71
C PHE B 408 33.53 0.85 -41.60
N TYR B 409 32.97 0.67 -40.40
CA TYR B 409 33.32 1.51 -39.25
C TYR B 409 34.66 1.16 -38.63
N THR B 410 35.08 -0.10 -38.76
CA THR B 410 36.31 -0.57 -38.14
C THR B 410 37.56 -0.18 -38.93
N ASN B 411 37.40 -0.02 -40.25
CA ASN B 411 38.55 0.19 -41.14
C ASN B 411 38.80 1.63 -41.63
N LYS B 412 37.96 2.58 -41.21
CA LYS B 412 38.17 3.98 -41.61
C LYS B 412 38.85 4.80 -40.51
N PRO C 5 0.16 12.16 17.07
CA PRO C 5 -0.95 12.36 16.12
C PRO C 5 -0.84 13.67 15.34
N THR C 7 -3.61 15.18 14.11
CA THR C 7 -4.81 15.92 14.53
C THR C 7 -4.67 16.47 15.94
N ILE C 8 -5.38 17.57 16.22
CA ILE C 8 -5.38 18.20 17.55
C ILE C 8 -6.05 17.30 18.60
N LYS C 9 -5.98 17.72 19.85
CA LYS C 9 -6.53 16.94 20.97
C LYS C 9 -8.06 16.79 20.94
N ARG C 10 -8.72 17.61 20.12
CA ARG C 10 -10.17 17.55 19.97
C ARG C 10 -10.62 16.58 18.88
N ALA C 11 -9.75 16.34 17.91
CA ALA C 11 -10.07 15.49 16.75
C ALA C 11 -9.24 14.21 16.66
N THR C 12 -8.38 13.96 17.66
CA THR C 12 -7.67 12.69 17.78
C THR C 12 -8.59 11.71 18.52
N TRP C 13 -9.39 10.96 17.76
CA TRP C 13 -10.41 10.07 18.32
C TRP C 13 -9.96 8.65 18.44
N ASN C 14 -10.26 8.06 19.60
CA ASN C 14 -9.91 6.67 19.89
C ASN C 14 -11.13 5.76 19.86
N ASN C 15 -12.05 6.04 18.92
CA ASN C 15 -13.32 5.32 18.85
C ASN C 15 -13.21 3.99 18.10
N GLY C 16 -13.93 2.99 18.61
CA GLY C 16 -13.88 1.65 18.06
C GLY C 16 -14.91 1.42 16.96
N PRO C 17 -15.73 0.37 17.11
CA PRO C 17 -16.64 -0.07 16.05
C PRO C 17 -17.91 0.75 15.95
N ASP C 18 -18.42 0.88 14.72
CA ASP C 18 -19.71 1.49 14.46
C ASP C 18 -20.76 0.40 14.62
N LEU C 19 -21.52 0.48 15.72
CA LEU C 19 -22.41 -0.62 16.15
C LEU C 19 -23.51 -0.98 15.15
N ALA C 20 -24.31 0.00 14.73
CA ALA C 20 -25.42 -0.22 13.79
C ALA C 20 -24.97 -0.63 12.39
N PHE C 21 -23.77 -0.16 12.00
CA PHE C 21 -23.16 -0.51 10.72
C PHE C 21 -22.77 -1.99 10.69
N ASP C 22 -22.26 -2.50 11.81
CA ASP C 22 -21.84 -3.90 11.93
C ASP C 22 -23.02 -4.87 11.98
N ILE C 23 -24.05 -4.52 12.75
CA ILE C 23 -25.27 -5.34 12.91
C ILE C 23 -26.08 -5.39 11.60
N ASN C 24 -26.16 -4.26 10.90
CA ASN C 24 -26.85 -4.19 9.61
C ASN C 24 -26.04 -4.80 8.45
N ASN C 25 -24.74 -4.97 8.66
CA ASN C 25 -23.90 -5.73 7.73
C ASN C 25 -24.13 -7.23 7.90
N LYS C 26 -24.52 -7.61 9.12
CA LYS C 26 -24.90 -8.99 9.42
C LYS C 26 -26.26 -9.30 8.80
N ALA C 27 -27.16 -8.33 8.83
CA ALA C 27 -28.54 -8.48 8.35
C ALA C 27 -28.64 -8.63 6.84
N ASN C 28 -27.80 -7.89 6.10
CA ASN C 28 -27.71 -8.04 4.65
C ASN C 28 -26.85 -9.23 4.23
N ALA C 29 -26.07 -9.75 5.18
CA ALA C 29 -25.39 -11.03 5.03
C ALA C 29 -26.38 -12.15 5.35
N ALA C 30 -27.47 -11.81 6.03
CA ALA C 30 -28.50 -12.77 6.42
C ALA C 30 -29.62 -12.90 5.39
N ILE C 31 -30.12 -11.76 4.91
CA ILE C 31 -31.11 -11.75 3.83
C ILE C 31 -30.50 -12.38 2.57
N GLU C 32 -29.21 -12.11 2.37
CA GLU C 32 -28.43 -12.72 1.28
C GLU C 32 -28.31 -14.24 1.39
N LYS C 33 -28.21 -14.74 2.63
CA LYS C 33 -27.91 -16.15 2.89
C LYS C 33 -29.16 -17.03 3.01
N TYR C 34 -30.24 -16.48 3.57
CA TYR C 34 -31.44 -17.26 3.90
C TYR C 34 -32.71 -16.80 3.17
N GLY C 35 -32.88 -15.48 3.00
CA GLY C 35 -34.05 -14.92 2.31
C GLY C 35 -34.69 -13.73 3.02
N ARG C 36 -35.67 -13.11 2.37
CA ARG C 36 -36.36 -11.92 2.90
C ARG C 36 -37.29 -12.22 4.07
N GLU C 37 -38.12 -13.25 3.92
CA GLU C 37 -39.14 -13.59 4.93
C GLU C 37 -38.58 -14.32 6.14
N ALA C 38 -37.46 -15.03 5.96
CA ALA C 38 -36.82 -15.77 7.03
C ALA C 38 -36.01 -14.86 7.95
N VAL C 39 -35.69 -13.67 7.47
CA VAL C 39 -34.90 -12.70 8.23
C VAL C 39 -35.75 -11.49 8.62
N ILE C 40 -35.83 -11.22 9.93
CA ILE C 40 -36.45 -9.99 10.44
C ILE C 40 -35.39 -8.90 10.59
N ASN C 41 -35.49 -7.87 9.74
CA ASN C 41 -34.59 -6.73 9.82
C ASN C 41 -35.27 -5.49 10.39
N ALA C 42 -35.13 -5.35 11.71
CA ALA C 42 -35.58 -4.16 12.42
C ALA C 42 -34.36 -3.58 13.12
N ALA C 43 -33.47 -2.97 12.34
CA ALA C 43 -32.20 -2.44 12.82
C ALA C 43 -32.11 -0.91 12.72
N LEU C 44 -31.81 -0.39 11.53
CA LEU C 44 -31.63 1.05 11.33
C LEU C 44 -32.94 1.82 11.17
N GLY C 45 -32.87 3.14 11.28
CA GLY C 45 -34.03 4.00 11.14
C GLY C 45 -34.29 4.44 9.71
N THR C 46 -35.25 3.77 9.07
CA THR C 46 -35.65 4.05 7.69
C THR C 46 -37.02 3.44 7.43
N LEU C 47 -37.96 4.24 6.92
CA LEU C 47 -39.30 3.74 6.59
C LEU C 47 -39.30 2.79 5.39
N LEU C 48 -39.21 1.49 5.69
CA LEU C 48 -39.25 0.42 4.68
C LEU C 48 -40.68 -0.16 4.59
N ASP C 49 -40.90 -1.04 3.61
CA ASP C 49 -42.21 -1.69 3.44
C ASP C 49 -42.21 -3.22 3.66
N ASP C 50 -43.28 -3.87 3.20
CA ASP C 50 -43.50 -5.32 3.41
C ASP C 50 -42.53 -6.22 2.63
N LYS C 51 -41.56 -5.60 1.96
CA LYS C 51 -40.51 -6.32 1.23
C LYS C 51 -39.11 -5.91 1.72
N GLY C 52 -39.05 -4.90 2.60
CA GLY C 52 -37.79 -4.42 3.15
C GLY C 52 -37.12 -3.33 2.33
N LYS C 53 -37.80 -2.90 1.26
CA LYS C 53 -37.29 -1.82 0.41
C LYS C 53 -37.74 -0.45 0.90
N ILE C 54 -36.88 0.54 0.72
CA ILE C 54 -37.12 1.92 1.20
C ILE C 54 -38.29 2.61 0.47
N ILE C 55 -39.21 3.18 1.25
CA ILE C 55 -40.28 4.03 0.73
C ILE C 55 -39.72 5.44 0.49
N ALA C 56 -39.99 5.97 -0.69
CA ALA C 56 -39.70 7.35 -1.04
C ALA C 56 -40.91 7.91 -1.78
N LEU C 57 -41.56 8.91 -1.18
CA LEU C 57 -42.88 9.36 -1.65
C LEU C 57 -42.91 9.97 -3.05
N PRO C 58 -43.82 9.46 -3.91
CA PRO C 58 -44.03 9.96 -5.27
C PRO C 58 -44.41 11.44 -5.32
N SER C 59 -45.02 11.94 -4.24
CA SER C 59 -45.33 13.37 -4.12
C SER C 59 -44.07 14.20 -3.86
N VAL C 60 -43.11 13.61 -3.16
CA VAL C 60 -41.81 14.25 -2.88
C VAL C 60 -40.92 14.29 -4.13
N TYR C 61 -40.67 13.14 -4.72
CA TYR C 61 -39.67 13.03 -5.79
C TYR C 61 -40.15 13.37 -7.21
N ASP C 62 -41.46 13.35 -7.43
CA ASP C 62 -42.04 13.82 -8.70
C ASP C 62 -41.75 15.30 -8.93
N ARG C 63 -41.57 16.05 -7.84
CA ARG C 63 -41.18 17.46 -7.91
C ARG C 63 -39.74 17.63 -8.41
N LEU C 64 -38.88 16.68 -8.03
CA LEU C 64 -37.48 16.67 -8.46
C LEU C 64 -37.35 16.33 -9.96
N ASP C 65 -38.23 15.46 -10.45
CA ASP C 65 -38.28 15.10 -11.87
C ASP C 65 -38.75 16.29 -12.72
N GLU C 66 -39.79 16.97 -12.22
CA GLU C 66 -40.41 18.10 -12.93
C GLU C 66 -39.69 19.41 -12.67
N ASP C 68 -36.86 22.26 -12.91
CA ASP C 68 -35.88 22.82 -13.84
C ASP C 68 -34.49 22.57 -13.25
N ARG C 69 -33.58 22.08 -14.09
CA ARG C 69 -32.23 21.71 -13.65
C ARG C 69 -31.50 22.82 -12.88
N SER C 70 -31.73 24.07 -13.27
CA SER C 70 -31.11 25.23 -12.64
C SER C 70 -31.45 25.37 -11.16
N HIS C 71 -32.64 24.91 -10.78
CA HIS C 71 -33.06 24.88 -9.37
C HIS C 71 -32.29 23.86 -8.59
N ILE C 72 -31.87 22.79 -9.27
CA ILE C 72 -31.09 21.72 -8.65
C ILE C 72 -29.61 22.09 -8.63
N ALA C 73 -29.15 22.74 -9.69
CA ALA C 73 -27.72 22.99 -9.90
C ALA C 73 -27.15 24.21 -9.19
N SER C 74 -27.91 25.31 -9.16
CA SER C 74 -27.42 26.60 -8.65
C SER C 74 -27.22 26.64 -7.13
N TYR C 75 -26.36 27.56 -6.68
CA TYR C 75 -26.14 27.80 -5.25
C TYR C 75 -27.41 28.30 -4.56
N ALA C 76 -27.65 27.77 -3.37
CA ALA C 76 -28.70 28.27 -2.50
C ALA C 76 -28.16 29.48 -1.74
N PRO C 77 -29.06 30.34 -1.22
CA PRO C 77 -28.57 31.42 -0.35
C PRO C 77 -27.94 30.86 0.93
N ILE C 78 -27.06 31.65 1.53
CA ILE C 78 -26.33 31.23 2.72
C ILE C 78 -27.30 30.79 3.82
N GLU C 79 -28.36 31.57 4.01
CA GLU C 79 -29.38 31.25 5.00
C GLU C 79 -30.46 30.33 4.43
N GLY C 80 -30.40 30.09 3.13
CA GLY C 80 -31.43 29.31 2.43
C GLY C 80 -32.40 30.21 1.68
N GLU C 81 -33.20 29.60 0.80
CA GLU C 81 -34.20 30.33 0.00
C GLU C 81 -35.22 31.07 0.86
N LYS C 82 -35.67 32.23 0.38
CA LYS C 82 -36.66 33.02 1.10
C LYS C 82 -37.88 32.16 1.39
N ASP C 83 -38.44 31.58 0.35
CA ASP C 83 -39.65 30.77 0.45
C ASP C 83 -39.44 29.52 1.29
N TYR C 84 -38.19 29.04 1.37
CA TYR C 84 -37.87 27.89 2.18
C TYR C 84 -37.95 28.24 3.66
N ARG C 85 -37.21 29.29 4.05
CA ARG C 85 -37.16 29.74 5.44
C ARG C 85 -38.55 29.97 6.04
N LYS C 86 -39.45 30.55 5.24
CA LYS C 86 -40.84 30.76 5.66
C LYS C 86 -41.60 29.45 5.77
N ILE C 87 -41.58 28.65 4.69
CA ILE C 87 -42.33 27.41 4.61
C ILE C 87 -41.93 26.38 5.68
N VAL C 88 -40.63 26.35 6.01
CA VAL C 88 -40.15 25.55 7.14
C VAL C 88 -40.92 25.88 8.42
N ILE C 89 -41.01 27.18 8.73
CA ILE C 89 -41.69 27.65 9.93
C ILE C 89 -43.19 27.30 9.93
N ASP C 90 -43.87 27.58 8.81
CA ASP C 90 -45.29 27.28 8.66
C ASP C 90 -45.58 25.78 8.75
N THR C 91 -44.77 24.98 8.06
CA THR C 91 -44.90 23.52 8.06
C THR C 91 -44.63 22.96 9.47
N LEU C 92 -43.60 23.48 10.12
CA LEU C 92 -43.20 23.00 11.44
C LEU C 92 -44.27 23.22 12.50
N PHE C 93 -44.65 24.47 12.72
CA PHE C 93 -45.52 24.83 13.83
C PHE C 93 -46.99 24.52 13.62
N GLY C 94 -47.38 24.35 12.35
CA GLY C 94 -48.76 24.02 12.00
C GLY C 94 -49.74 25.12 12.36
N PRO C 95 -50.73 24.80 13.21
CA PRO C 95 -51.64 25.81 13.73
C PRO C 95 -51.20 26.39 15.09
N TYR C 96 -50.00 26.02 15.54
CA TYR C 96 -49.51 26.40 16.86
C TYR C 96 -48.19 27.16 16.86
N LYS C 97 -48.09 28.24 16.09
CA LYS C 97 -46.90 29.09 16.13
C LYS C 97 -46.86 29.90 17.42
N PRO C 98 -45.71 29.92 18.11
CA PRO C 98 -45.59 30.68 19.34
C PRO C 98 -45.45 32.18 19.06
N GLU C 99 -45.90 33.00 20.01
CA GLU C 99 -45.74 34.44 19.92
C GLU C 99 -44.29 34.84 20.18
N GLY C 100 -43.74 35.60 19.26
CA GLY C 100 -42.37 36.08 19.36
C GLY C 100 -41.71 36.20 18.00
N TYR C 101 -40.48 36.68 18.02
CA TYR C 101 -39.67 36.77 16.82
C TYR C 101 -39.03 35.42 16.50
N ILE C 102 -39.29 34.92 15.30
CA ILE C 102 -38.85 33.60 14.88
C ILE C 102 -38.14 33.68 13.53
N SER C 103 -36.91 33.18 13.49
CA SER C 103 -36.19 33.04 12.23
C SER C 103 -35.60 31.65 12.07
N ALA C 104 -35.60 31.15 10.85
CA ALA C 104 -34.96 29.87 10.53
C ALA C 104 -33.81 30.10 9.56
N ILE C 105 -32.71 29.41 9.77
CA ILE C 105 -31.63 29.40 8.76
C ILE C 105 -31.27 27.95 8.37
N ALA C 106 -31.19 27.71 7.07
CA ALA C 106 -31.07 26.35 6.50
C ALA C 106 -29.85 25.60 6.98
N THR C 107 -30.08 24.37 7.44
CA THR C 107 -29.03 23.49 7.95
C THR C 107 -28.99 22.19 7.15
N PRO C 108 -27.85 21.46 7.18
CA PRO C 108 -27.79 20.16 6.51
C PRO C 108 -28.53 19.10 7.35
N GLY C 109 -29.82 18.95 7.08
CA GLY C 109 -30.68 18.06 7.87
C GLY C 109 -30.92 18.62 9.26
N GLY C 110 -31.47 17.79 10.13
CA GLY C 110 -31.69 18.16 11.52
C GLY C 110 -30.39 18.24 12.31
N THR C 111 -29.37 17.59 11.77
CA THR C 111 -28.07 17.49 12.42
C THR C 111 -27.37 18.85 12.50
N GLY C 112 -27.43 19.64 11.42
CA GLY C 112 -26.80 20.95 11.36
C GLY C 112 -27.35 21.93 12.37
N ALA C 113 -28.67 21.88 12.57
CA ALA C 113 -29.35 22.69 13.57
C ALA C 113 -28.81 22.40 14.96
N ILE C 114 -28.95 21.15 15.40
CA ILE C 114 -28.50 20.68 16.72
C ILE C 114 -27.04 21.03 16.99
N ARG C 115 -26.24 21.07 15.92
CA ARG C 115 -24.83 21.38 16.01
C ARG C 115 -24.60 22.86 16.30
N SER C 116 -25.21 23.71 15.49
CA SER C 116 -24.99 25.16 15.56
C SER C 116 -25.53 25.79 16.85
N ALA C 117 -26.65 25.26 17.34
CA ALA C 117 -27.17 25.66 18.64
C ALA C 117 -26.13 25.39 19.74
N ILE C 118 -25.53 24.20 19.69
CA ILE C 118 -24.48 23.83 20.64
C ILE C 118 -23.24 24.73 20.50
N PHE C 119 -22.90 25.10 19.27
CA PHE C 119 -21.77 26.00 19.04
C PHE C 119 -22.08 27.45 19.42
N SER C 120 -23.28 27.93 19.07
CA SER C 120 -23.61 29.35 19.19
C SER C 120 -24.17 29.71 20.57
N TYR C 121 -24.81 28.74 21.22
CA TYR C 121 -25.45 28.94 22.50
C TYR C 121 -24.99 27.90 23.52
N ASP C 123 -21.22 27.38 24.94
CA ASP C 123 -19.79 27.68 24.88
C ASP C 123 -18.93 26.50 25.40
N GLU C 124 -17.90 26.78 26.19
CA GLU C 124 -17.01 25.73 26.68
C GLU C 124 -17.16 25.52 28.19
N GLY C 125 -17.27 24.25 28.59
CA GLY C 125 -17.55 23.90 29.97
C GLY C 125 -19.05 23.95 30.30
N ASP C 126 -19.77 24.81 29.57
CA ASP C 126 -21.23 24.87 29.65
C ASP C 126 -21.87 23.55 29.23
N PRO C 127 -22.87 23.07 30.01
CA PRO C 127 -23.42 21.75 29.75
C PRO C 127 -24.53 21.72 28.70
N LEU C 128 -24.68 20.57 28.06
CA LEU C 128 -25.92 20.25 27.37
C LEU C 128 -26.62 19.17 28.19
N ILE C 129 -27.67 19.58 28.88
CA ILE C 129 -28.44 18.67 29.71
C ILE C 129 -29.46 17.92 28.85
N CYS C 130 -29.20 16.63 28.67
CA CYS C 130 -29.98 15.75 27.80
C CYS C 130 -30.50 14.53 28.54
N HIS C 131 -31.61 13.97 28.08
CA HIS C 131 -32.25 12.81 28.73
C HIS C 131 -31.46 11.54 28.63
N ASP C 132 -31.96 10.49 29.28
CA ASP C 132 -31.22 9.24 29.52
C ASP C 132 -30.97 8.40 28.28
N TYR C 133 -32.03 7.97 27.60
CA TYR C 133 -31.91 7.30 26.31
C TYR C 133 -31.92 8.37 25.21
N TYR C 134 -30.78 8.54 24.55
CA TYR C 134 -30.64 9.60 23.56
C TYR C 134 -30.09 9.13 22.22
N TRP C 135 -30.24 10.00 21.23
CA TRP C 135 -29.58 9.86 19.93
C TRP C 135 -28.13 10.19 20.14
N ALA C 136 -27.25 9.24 19.83
CA ALA C 136 -25.82 9.35 20.16
C ALA C 136 -25.10 10.64 19.70
N PRO C 137 -25.35 11.12 18.47
CA PRO C 137 -24.66 12.33 18.00
C PRO C 137 -24.70 13.53 18.95
N TYR C 138 -25.75 13.68 19.75
CA TYR C 138 -25.82 14.78 20.74
C TYR C 138 -24.52 14.85 21.55
N ARG C 139 -24.14 13.74 22.16
CA ARG C 139 -22.91 13.66 22.95
C ARG C 139 -21.68 13.80 22.07
N LYS C 140 -21.71 13.14 20.91
CA LYS C 140 -20.62 13.19 19.95
C LYS C 140 -20.27 14.64 19.58
N ILE C 141 -21.30 15.43 19.26
CA ILE C 141 -21.12 16.84 18.91
C ILE C 141 -20.54 17.65 20.07
N CYS C 142 -21.04 17.36 21.28
CA CYS C 142 -20.55 18.03 22.48
C CYS C 142 -19.06 17.80 22.67
N GLU C 143 -18.64 16.55 22.60
CA GLU C 143 -17.23 16.18 22.73
C GLU C 143 -16.39 16.78 21.61
N GLU C 144 -16.96 16.81 20.41
CA GLU C 144 -16.32 17.41 19.23
C GLU C 144 -15.94 18.87 19.47
N PHE C 145 -16.88 19.65 20.00
CA PHE C 145 -16.69 21.09 20.17
C PHE C 145 -16.16 21.50 21.54
N GLY C 146 -16.09 20.55 22.46
CA GLY C 146 -15.61 20.82 23.81
C GLY C 146 -16.73 21.31 24.72
N ARG C 147 -17.95 20.87 24.42
CA ARG C 147 -19.09 21.13 25.27
C ARG C 147 -19.26 19.97 26.23
N ASN C 148 -19.38 20.27 27.53
CA ASN C 148 -19.63 19.25 28.54
C ASN C 148 -21.01 18.62 28.35
N PHE C 149 -21.06 17.30 28.30
CA PHE C 149 -22.33 16.58 28.13
C PHE C 149 -22.78 15.94 29.46
N LYS C 150 -24.01 16.24 29.87
CA LYS C 150 -24.55 15.73 31.14
C LYS C 150 -25.97 15.18 30.99
N THR C 151 -26.26 14.10 31.72
CA THR C 151 -27.56 13.41 31.63
C THR C 151 -28.35 13.37 32.93
N PHE C 152 -29.57 12.82 32.83
CA PHE C 152 -30.48 12.61 33.94
C PHE C 152 -31.46 11.50 33.58
N GLU C 153 -31.97 10.79 34.58
CA GLU C 153 -32.95 9.72 34.35
C GLU C 153 -34.14 10.21 33.55
N PHE C 154 -34.52 9.45 32.51
CA PHE C 154 -35.58 9.86 31.58
C PHE C 154 -36.94 9.97 32.27
N PHE C 155 -37.41 8.87 32.86
CA PHE C 155 -38.72 8.83 33.49
C PHE C 155 -38.76 8.07 34.81
N THR C 156 -39.93 8.07 35.44
CA THR C 156 -40.18 7.37 36.69
C THR C 156 -40.25 5.85 36.49
N ASP C 157 -40.63 5.13 37.53
CA ASP C 157 -40.80 3.68 37.46
C ASP C 157 -42.10 3.27 36.77
N ASP C 158 -42.96 4.26 36.49
CA ASP C 158 -44.16 4.05 35.69
C ASP C 158 -43.94 4.49 34.23
N PHE C 159 -42.69 4.82 33.91
CA PHE C 159 -42.28 5.26 32.57
C PHE C 159 -43.06 6.48 32.08
N ALA C 160 -43.07 7.50 32.92
CA ALA C 160 -43.63 8.81 32.61
C ALA C 160 -42.61 9.89 32.99
N PHE C 161 -42.43 10.88 32.12
CA PHE C 161 -41.31 11.84 32.20
C PHE C 161 -40.90 12.29 33.62
N ASN C 162 -39.62 12.04 33.94
CA ASN C 162 -39.08 12.28 35.28
C ASN C 162 -38.84 13.77 35.57
N ILE C 163 -39.91 14.46 35.94
CA ILE C 163 -39.89 15.91 36.15
C ILE C 163 -39.03 16.38 37.32
N ASP C 164 -39.02 15.60 38.41
CA ASP C 164 -38.23 15.91 39.61
C ASP C 164 -36.73 15.83 39.31
N VAL C 165 -36.31 14.70 38.74
CA VAL C 165 -34.93 14.47 38.33
C VAL C 165 -34.51 15.56 37.34
N TYR C 166 -35.40 15.87 36.40
CA TYR C 166 -35.15 16.92 35.40
C TYR C 166 -34.79 18.26 36.05
N LYS C 167 -35.54 18.63 37.08
CA LYS C 167 -35.27 19.84 37.85
C LYS C 167 -34.00 19.68 38.67
N GLU C 168 -33.86 18.54 39.33
CA GLU C 168 -32.67 18.19 40.13
C GLU C 168 -31.39 18.41 39.32
N ALA C 169 -31.38 17.88 38.09
CA ALA C 169 -30.22 17.99 37.19
C ALA C 169 -30.00 19.43 36.71
N ILE C 170 -31.04 20.05 36.15
CA ILE C 170 -30.96 21.42 35.64
C ILE C 170 -30.46 22.42 36.70
N ASP C 171 -30.86 22.17 37.94
CA ASP C 171 -30.40 22.97 39.09
C ASP C 171 -28.88 22.95 39.22
N GLU C 172 -28.29 21.75 39.17
CA GLU C 172 -26.84 21.58 39.27
C GLU C 172 -26.11 22.35 38.16
N GLY C 173 -26.65 22.29 36.95
CA GLY C 173 -26.06 22.99 35.80
C GLY C 173 -25.97 24.48 36.02
N ILE C 174 -27.07 25.08 36.47
CA ILE C 174 -27.17 26.51 36.72
C ILE C 174 -26.31 26.94 37.92
N ARG C 175 -26.22 26.05 38.91
CA ARG C 175 -25.37 26.27 40.08
C ARG C 175 -23.89 26.51 39.71
N ASP C 176 -23.47 25.95 38.57
CA ASP C 176 -22.09 26.08 38.08
C ASP C 176 -21.85 27.26 37.11
N SER C 177 -22.54 27.25 35.96
CA SER C 177 -22.25 28.16 34.86
C SER C 177 -23.27 29.28 34.63
N ASP C 178 -22.80 30.38 34.05
CA ASP C 178 -23.65 31.51 33.65
C ASP C 178 -24.38 31.28 32.32
N ARG C 179 -24.01 30.22 31.61
CA ARG C 179 -24.72 29.81 30.40
C ARG C 179 -24.92 28.31 30.40
N ILE C 180 -26.12 27.85 30.03
CA ILE C 180 -26.44 26.43 29.93
C ILE C 180 -27.33 26.14 28.72
N ALA C 181 -27.61 24.85 28.49
CA ALA C 181 -28.54 24.44 27.43
C ALA C 181 -29.16 23.10 27.76
N SER C 182 -30.44 22.95 27.44
CA SER C 182 -31.15 21.69 27.68
C SER C 182 -31.72 21.13 26.38
N LEU C 183 -31.51 19.84 26.15
CA LEU C 183 -32.02 19.18 24.95
C LEU C 183 -33.14 18.20 25.24
N ILE C 184 -34.17 18.21 24.39
CA ILE C 184 -35.28 17.27 24.44
C ILE C 184 -35.63 16.77 23.03
N ASN C 185 -35.49 15.48 22.81
CA ASN C 185 -35.97 14.86 21.57
C ASN C 185 -37.43 14.42 21.75
N SER C 186 -38.34 15.28 21.34
CA SER C 186 -39.76 14.98 21.42
C SER C 186 -40.46 15.86 20.41
N PRO C 187 -41.57 15.37 19.81
CA PRO C 187 -42.22 14.08 20.02
C PRO C 187 -41.69 12.94 19.12
N GLY C 188 -41.94 11.71 19.53
CA GLY C 188 -41.49 10.53 18.79
C GLY C 188 -40.04 10.15 19.05
N ASN C 189 -39.63 10.20 20.33
CA ASN C 189 -38.23 10.03 20.74
C ASN C 189 -37.52 8.80 20.20
N ASN C 190 -36.29 9.01 19.74
CA ASN C 190 -35.31 7.95 19.55
C ASN C 190 -34.53 7.84 20.87
N PRO C 191 -34.42 6.62 21.42
CA PRO C 191 -34.86 5.32 20.94
C PRO C 191 -36.23 4.82 21.44
N THR C 192 -36.88 5.59 22.30
CA THR C 192 -38.07 5.12 23.03
C THR C 192 -39.39 5.18 22.24
N GLY C 193 -39.66 6.33 21.62
CA GLY C 193 -40.95 6.57 20.97
C GLY C 193 -41.89 7.31 21.90
N TYR C 194 -41.40 7.58 23.11
CA TYR C 194 -42.17 8.28 24.12
C TYR C 194 -42.21 9.79 23.85
N SER C 195 -43.41 10.30 23.58
CA SER C 195 -43.62 11.73 23.43
C SER C 195 -43.89 12.35 24.80
N LEU C 196 -43.20 13.44 25.10
CA LEU C 196 -43.56 14.27 26.25
C LEU C 196 -44.90 14.91 25.94
N SER C 197 -45.91 14.60 26.75
CA SER C 197 -47.24 15.15 26.57
C SER C 197 -47.24 16.67 26.86
N ASP C 198 -48.38 17.30 26.62
CA ASP C 198 -48.51 18.75 26.77
C ASP C 198 -48.26 19.21 28.21
N GLU C 199 -48.92 18.56 29.17
CA GLU C 199 -48.78 18.93 30.59
C GLU C 199 -47.40 18.64 31.18
N GLU C 200 -46.69 17.70 30.60
CA GLU C 200 -45.31 17.40 30.99
C GLU C 200 -44.37 18.52 30.54
N TRP C 201 -44.70 19.14 29.41
CA TRP C 201 -43.96 20.29 28.88
C TRP C 201 -44.16 21.54 29.69
N ASP C 202 -45.37 21.70 30.24
CA ASP C 202 -45.71 22.85 31.10
C ASP C 202 -44.75 22.98 32.28
N GLU C 203 -44.60 21.90 33.05
CA GLU C 203 -43.72 21.89 34.21
C GLU C 203 -42.25 22.05 33.81
N VAL C 204 -41.96 21.89 32.53
CA VAL C 204 -40.61 22.06 31.99
C VAL C 204 -40.30 23.55 31.80
N ILE C 205 -41.06 24.23 30.94
CA ILE C 205 -40.78 25.64 30.62
C ILE C 205 -41.10 26.60 31.77
N THR C 206 -42.14 26.30 32.53
CA THR C 206 -42.52 27.08 33.72
C THR C 206 -41.37 27.11 34.72
N PHE C 207 -40.71 25.97 34.88
CA PHE C 207 -39.54 25.88 35.74
C PHE C 207 -38.37 26.66 35.15
N LEU C 208 -38.19 26.55 33.83
CA LEU C 208 -37.09 27.20 33.14
C LEU C 208 -37.14 28.72 33.26
N LYS C 209 -38.34 29.28 33.26
CA LYS C 209 -38.54 30.72 33.46
C LYS C 209 -38.08 31.17 34.85
N GLU C 210 -38.32 30.33 35.86
CA GLU C 210 -37.92 30.62 37.25
C GLU C 210 -36.42 30.83 37.39
N LYS C 211 -35.67 30.16 36.51
CA LYS C 211 -34.22 30.20 36.56
C LYS C 211 -33.72 31.44 35.81
N ALA C 212 -34.46 31.79 34.76
CA ALA C 212 -34.18 32.99 33.97
C ALA C 212 -34.30 34.30 34.79
N GLU C 213 -35.02 34.24 35.92
CA GLU C 213 -35.20 35.39 36.81
C GLU C 213 -33.88 36.05 37.23
N ASP C 214 -32.83 35.25 37.33
CA ASP C 214 -31.48 35.77 37.48
C ASP C 214 -31.06 36.31 36.11
N LYS C 215 -30.79 37.62 36.05
CA LYS C 215 -30.40 38.24 34.78
C LYS C 215 -28.88 38.22 34.58
N ASP C 216 -28.29 37.07 34.92
CA ASP C 216 -26.90 36.76 34.63
C ASP C 216 -26.87 35.44 33.87
N LYS C 217 -27.82 34.57 34.21
CA LYS C 217 -27.92 33.24 33.58
C LYS C 217 -28.53 33.32 32.18
N LYS C 218 -28.09 32.40 31.31
CA LYS C 218 -28.52 32.37 29.92
C LYS C 218 -28.82 30.94 29.53
N ILE C 219 -30.11 30.64 29.34
CA ILE C 219 -30.57 29.29 29.09
C ILE C 219 -31.02 29.12 27.63
N THR C 220 -30.70 27.97 27.05
CA THR C 220 -31.11 27.67 25.68
C THR C 220 -31.73 26.29 25.55
N LEU C 221 -33.04 26.25 25.38
CA LEU C 221 -33.76 24.99 25.17
C LEU C 221 -33.68 24.59 23.68
N ILE C 222 -33.32 23.33 23.42
CA ILE C 222 -33.15 22.84 22.05
C ILE C 222 -34.06 21.64 21.80
N VAL C 223 -35.06 21.84 20.94
CA VAL C 223 -36.11 20.84 20.71
C VAL C 223 -36.00 20.16 19.34
N ASP C 224 -35.37 19.00 19.32
CA ASP C 224 -35.23 18.19 18.11
C ASP C 224 -36.54 17.46 17.81
N VAL C 225 -37.27 17.96 16.81
CA VAL C 225 -38.56 17.36 16.43
C VAL C 225 -38.48 16.54 15.15
N ALA C 226 -37.42 15.75 15.02
CA ALA C 226 -37.17 14.99 13.81
C ALA C 226 -38.36 14.12 13.41
N TYR C 227 -38.97 13.46 14.40
CA TYR C 227 -40.05 12.51 14.15
C TYR C 227 -41.45 13.08 14.37
N LEU C 228 -41.53 14.41 14.38
CA LEU C 228 -42.78 15.14 14.58
C LEU C 228 -44.00 14.48 13.94
N GLU C 229 -43.87 14.12 12.66
CA GLU C 229 -44.96 13.50 11.90
C GLU C 229 -44.97 11.98 12.10
N ALA C 231 -45.68 10.98 15.71
CA ALA C 231 -45.99 11.04 17.13
C ALA C 231 -47.44 11.44 17.38
N GLY C 232 -48.23 11.43 16.31
CA GLY C 232 -49.64 11.76 16.36
C GLY C 232 -50.15 11.99 14.95
N ASP C 233 -51.29 12.66 14.85
CA ASP C 233 -51.93 12.91 13.56
C ASP C 233 -51.67 14.34 13.03
N GLY C 234 -50.42 14.79 13.17
CA GLY C 234 -49.99 16.13 12.74
C GLY C 234 -50.77 17.23 13.45
N ASP C 235 -50.47 17.43 14.74
CA ASP C 235 -51.39 18.05 15.69
C ASP C 235 -52.43 16.96 16.01
N GLN C 236 -52.61 16.58 17.28
CA GLN C 236 -52.17 17.31 18.49
C GLN C 236 -50.67 17.35 18.85
N GLN C 237 -49.87 16.41 18.34
CA GLN C 237 -48.46 16.30 18.76
C GLN C 237 -47.68 17.60 18.60
N ARG C 238 -48.28 18.56 17.89
CA ARG C 238 -47.72 19.89 17.68
C ARG C 238 -48.09 20.88 18.80
N LYS C 239 -49.27 20.72 19.39
CA LYS C 239 -49.82 21.66 20.39
C LYS C 239 -48.80 22.23 21.38
N PHE C 240 -47.80 21.42 21.75
CA PHE C 240 -46.81 21.82 22.75
C PHE C 240 -46.00 23.05 22.34
N PHE C 241 -45.99 23.36 21.04
CA PHE C 241 -45.26 24.51 20.50
C PHE C 241 -45.79 25.87 20.98
N GLU C 242 -47.02 25.90 21.49
CA GLU C 242 -47.62 27.13 22.03
C GLU C 242 -46.92 27.66 23.28
N LYS C 243 -46.35 26.74 24.06
CA LYS C 243 -45.75 27.07 25.37
C LYS C 243 -44.42 27.83 25.27
N PHE C 244 -43.93 28.03 24.05
CA PHE C 244 -42.67 28.77 23.83
C PHE C 244 -42.91 30.28 23.68
N SER C 245 -44.18 30.66 23.64
CA SER C 245 -44.58 32.06 23.48
C SER C 245 -44.12 32.91 24.66
N ASN C 246 -43.69 34.13 24.35
CA ASN C 246 -43.45 35.19 25.34
C ASN C 246 -42.51 34.80 26.50
N LEU C 247 -41.47 34.04 26.16
CA LEU C 247 -40.44 33.65 27.12
C LEU C 247 -39.50 34.82 27.37
N PRO C 248 -38.87 34.86 28.57
CA PRO C 248 -37.89 35.91 28.90
C PRO C 248 -36.76 36.08 27.86
N ARG C 249 -36.11 37.24 27.95
CA ARG C 249 -35.12 37.68 26.97
C ARG C 249 -33.83 36.85 27.06
N ASN C 250 -33.63 36.20 28.21
CA ASN C 250 -32.47 35.35 28.44
C ASN C 250 -32.77 33.83 28.36
N LEU C 251 -33.93 33.49 27.79
CA LEU C 251 -34.28 32.09 27.53
C LEU C 251 -34.64 31.89 26.05
N PHE C 252 -33.78 31.16 25.35
CA PHE C 252 -33.87 31.03 23.90
C PHE C 252 -34.23 29.60 23.49
N VAL C 253 -35.00 29.46 22.41
CA VAL C 253 -35.43 28.16 21.92
C VAL C 253 -34.99 27.93 20.48
N VAL C 254 -34.35 26.79 20.22
CA VAL C 254 -34.01 26.37 18.86
C VAL C 254 -34.64 25.01 18.55
N VAL C 255 -35.68 25.04 17.72
CA VAL C 255 -36.32 23.81 17.28
C VAL C 255 -35.62 23.32 16.01
N ALA C 256 -35.13 22.09 16.04
CA ALA C 256 -34.39 21.49 14.94
C ALA C 256 -35.30 20.76 13.96
N PHE C 257 -35.49 21.35 12.78
CA PHE C 257 -36.33 20.77 11.73
C PHE C 257 -35.52 19.82 10.85
N SER C 258 -36.19 18.80 10.31
CA SER C 258 -35.54 17.87 9.39
C SER C 258 -36.54 17.32 8.37
N SER C 260 -35.49 14.61 6.52
CA SER C 260 -35.05 13.23 6.42
C SER C 260 -36.18 12.24 6.63
N LYS C 261 -37.02 12.51 7.63
CA LYS C 261 -38.09 11.60 8.02
C LYS C 261 -39.44 12.05 7.47
N SER C 262 -39.81 13.31 7.72
CA SER C 262 -41.11 13.84 7.31
C SER C 262 -41.36 13.71 5.82
N HIS C 263 -40.29 13.80 5.02
CA HIS C 263 -40.39 13.74 3.56
C HIS C 263 -39.52 12.66 2.97
N THR C 264 -39.21 11.65 3.78
CA THR C 264 -38.40 10.47 3.39
C THR C 264 -37.02 10.77 2.79
N ALA C 265 -36.64 12.04 2.76
CA ALA C 265 -35.41 12.46 2.09
C ALA C 265 -34.23 12.50 3.05
N TYR C 266 -33.73 11.31 3.41
CA TYR C 266 -32.62 11.19 4.36
C TYR C 266 -31.32 11.78 3.80
N GLY C 267 -30.86 11.22 2.68
CA GLY C 267 -29.56 11.56 2.10
C GLY C 267 -29.53 12.80 1.22
N LEU C 268 -30.53 13.66 1.35
CA LEU C 268 -30.51 14.96 0.67
C LEU C 268 -29.93 16.04 1.56
N ARG C 269 -29.98 15.82 2.86
CA ARG C 269 -29.37 16.69 3.87
C ARG C 269 -30.01 18.09 3.94
N SER C 270 -31.30 18.11 4.31
CA SER C 270 -32.07 19.35 4.37
C SER C 270 -32.89 19.48 5.64
N GLY C 271 -32.65 20.58 6.35
CA GLY C 271 -33.38 20.94 7.56
C GLY C 271 -33.10 22.39 7.90
N ALA C 272 -33.49 22.80 9.11
CA ALA C 272 -33.26 24.17 9.55
C ALA C 272 -33.09 24.25 11.07
N ALA C 273 -32.44 25.33 11.51
CA ALA C 273 -32.42 25.74 12.91
C ALA C 273 -33.37 26.90 13.07
N VAL C 274 -34.42 26.70 13.87
CA VAL C 274 -35.48 27.70 14.01
C VAL C 274 -35.40 28.37 15.38
N GLY C 275 -35.03 29.64 15.40
CA GLY C 275 -34.87 30.41 16.64
C GLY C 275 -36.12 31.14 17.10
N ILE C 276 -36.43 31.03 18.38
CA ILE C 276 -37.59 31.69 18.99
C ILE C 276 -37.10 32.61 20.10
N SER C 277 -37.45 33.89 19.99
CA SER C 277 -37.08 34.88 21.01
C SER C 277 -38.13 35.98 21.09
N SER C 278 -38.30 36.56 22.29
CA SER C 278 -39.18 37.72 22.46
C SER C 278 -38.39 39.03 22.29
N SER C 279 -37.25 38.93 21.65
CA SER C 279 -36.42 40.07 21.32
C SER C 279 -35.98 39.97 19.86
N LYS C 280 -36.34 41.00 19.09
CA LYS C 280 -36.03 41.06 17.66
C LYS C 280 -34.52 41.16 17.42
N GLU C 281 -33.86 41.98 18.24
CA GLU C 281 -32.40 42.14 18.19
C GLU C 281 -31.67 40.80 18.40
N ILE C 282 -32.19 39.99 19.31
CA ILE C 282 -31.65 38.65 19.58
C ILE C 282 -31.79 37.70 18.36
N ILE C 283 -32.89 37.84 17.63
CA ILE C 283 -33.14 37.04 16.42
C ILE C 283 -32.24 37.48 15.25
N GLU C 284 -31.99 38.79 15.14
CA GLU C 284 -31.06 39.32 14.15
C GLU C 284 -29.60 38.96 14.47
N GLU C 285 -29.36 38.67 15.74
CA GLU C 285 -28.07 38.20 16.23
C GLU C 285 -27.92 36.70 15.93
N PHE C 286 -29.00 35.95 16.16
CA PHE C 286 -29.11 34.54 15.84
C PHE C 286 -28.83 34.28 14.35
N GLU C 287 -29.40 35.13 13.51
CA GLU C 287 -29.23 35.02 12.07
C GLU C 287 -27.78 35.26 11.68
N ALA C 288 -27.24 36.41 12.08
CA ALA C 288 -25.85 36.78 11.77
C ALA C 288 -24.82 35.79 12.35
N SER C 289 -25.21 35.06 13.39
CA SER C 289 -24.34 34.04 13.98
C SER C 289 -24.33 32.78 13.12
N LEU C 290 -25.50 32.15 13.00
CA LEU C 290 -25.63 30.89 12.28
C LEU C 290 -25.36 30.99 10.78
N ALA C 291 -25.63 32.16 10.20
CA ALA C 291 -25.34 32.41 8.77
C ALA C 291 -23.83 32.39 8.51
N HIS C 292 -23.08 32.99 9.43
CA HIS C 292 -21.63 32.93 9.42
C HIS C 292 -21.17 31.51 9.61
N SER C 293 -21.88 30.77 10.45
CA SER C 293 -21.55 29.36 10.70
C SER C 293 -21.97 28.43 9.56
N ALA C 294 -23.00 28.82 8.81
CA ALA C 294 -23.43 28.06 7.64
C ALA C 294 -22.46 28.25 6.49
N ARG C 295 -21.96 29.48 6.34
CA ARG C 295 -20.96 29.83 5.33
C ARG C 295 -19.64 29.11 5.56
N CYS C 296 -19.25 28.98 6.82
CA CYS C 296 -17.97 28.38 7.19
C CYS C 296 -17.98 26.86 7.14
N ASN C 297 -19.11 26.26 7.50
CA ASN C 297 -19.19 24.82 7.61
C ASN C 297 -19.65 24.08 6.35
N TRP C 298 -20.57 24.68 5.60
CA TRP C 298 -21.07 24.07 4.37
C TRP C 298 -21.31 25.02 3.22
N SER C 299 -20.97 26.30 3.42
CA SER C 299 -21.23 27.37 2.44
C SER C 299 -22.72 27.62 2.17
N ASN C 300 -23.42 26.57 1.74
CA ASN C 300 -24.88 26.61 1.55
C ASN C 300 -25.50 25.21 1.58
N GLY C 301 -26.83 25.14 1.54
CA GLY C 301 -27.54 23.88 1.65
C GLY C 301 -27.79 23.19 0.32
N THR C 302 -28.56 22.10 0.37
CA THR C 302 -28.92 21.34 -0.82
C THR C 302 -30.08 22.04 -1.52
N HIS C 303 -29.74 22.92 -2.46
CA HIS C 303 -30.69 23.83 -3.10
C HIS C 303 -31.88 23.16 -3.72
N ALA C 304 -31.68 21.93 -4.21
CA ALA C 304 -32.76 21.14 -4.78
C ALA C 304 -33.79 20.79 -3.71
N ALA C 305 -33.31 20.32 -2.56
CA ALA C 305 -34.16 19.84 -1.48
C ALA C 305 -35.04 20.95 -0.92
N GLN C 306 -34.43 22.12 -0.73
CA GLN C 306 -35.14 23.31 -0.29
C GLN C 306 -36.27 23.67 -1.26
N ASN C 307 -36.02 23.43 -2.55
CA ASN C 307 -37.01 23.73 -3.59
C ASN C 307 -38.21 22.79 -3.64
N ILE C 308 -38.04 21.56 -3.13
CA ILE C 308 -39.14 20.61 -3.07
C ILE C 308 -40.18 21.10 -2.06
N LEU C 309 -39.70 21.45 -0.86
CA LEU C 309 -40.55 21.96 0.22
C LEU C 309 -41.36 23.18 -0.23
N ILE C 310 -40.77 24.00 -1.09
CA ILE C 310 -41.47 25.15 -1.66
C ILE C 310 -42.58 24.69 -2.61
N GLU C 311 -42.27 23.70 -3.44
CA GLU C 311 -43.24 23.16 -4.39
C GLU C 311 -44.37 22.43 -3.67
N LEU C 312 -44.05 21.75 -2.57
CA LEU C 312 -45.03 21.04 -1.75
C LEU C 312 -45.97 21.94 -0.96
N GLU C 313 -46.08 23.20 -1.37
CA GLU C 313 -46.94 24.16 -0.69
C GLU C 313 -48.03 24.70 -1.63
N ARG C 314 -48.07 24.17 -2.85
CA ARG C 314 -49.14 24.49 -3.79
C ARG C 314 -50.40 23.73 -3.40
N ALA C 315 -51.57 24.34 -3.62
CA ALA C 315 -52.85 23.75 -3.25
C ALA C 315 -53.07 22.34 -3.84
N GLU C 316 -52.58 22.13 -5.07
CA GLU C 316 -52.72 20.85 -5.77
C GLU C 316 -51.68 19.79 -5.37
N ASN C 317 -50.46 20.24 -5.10
CA ASN C 317 -49.34 19.35 -4.79
C ASN C 317 -49.22 19.00 -3.30
N LYS C 318 -49.91 19.77 -2.46
CA LYS C 318 -49.92 19.48 -1.03
C LYS C 318 -50.96 18.42 -0.70
N LYS C 319 -52.17 18.58 -1.26
CA LYS C 319 -53.28 17.64 -1.06
C LYS C 319 -52.93 16.21 -1.43
N ILE C 320 -52.09 16.06 -2.45
CA ILE C 320 -51.56 14.77 -2.87
C ILE C 320 -50.55 14.24 -1.84
N TYR C 321 -49.67 15.12 -1.37
CA TYR C 321 -48.70 14.76 -0.34
C TYR C 321 -49.34 14.50 1.02
N GLU C 322 -50.31 15.32 1.40
CA GLU C 322 -51.02 15.19 2.69
C GLU C 322 -51.81 13.87 2.78
N GLN C 323 -52.42 13.48 1.66
CA GLN C 323 -53.14 12.21 1.56
C GLN C 323 -52.17 11.02 1.66
N GLU C 324 -50.99 11.18 1.04
CA GLU C 324 -49.94 10.15 1.08
C GLU C 324 -49.15 10.18 2.39
N LEU C 325 -49.25 11.29 3.12
CA LEU C 325 -48.61 11.39 4.43
C LEU C 325 -49.43 10.62 5.47
N VAL C 326 -50.75 10.61 5.29
CA VAL C 326 -51.67 9.87 6.17
C VAL C 326 -51.55 8.36 5.91
N ASP C 327 -51.25 7.97 4.67
CA ASP C 327 -51.03 6.57 4.31
C ASP C 327 -49.82 5.95 5.02
N LEU C 328 -48.70 6.69 5.00
CA LEU C 328 -47.45 6.22 5.58
C LEU C 328 -47.45 6.32 7.11
N ARG C 329 -48.24 7.25 7.64
CA ARG C 329 -48.38 7.47 9.08
C ARG C 329 -49.18 6.34 9.74
N ASN C 330 -50.29 5.96 9.10
CA ASN C 330 -51.13 4.84 9.54
C ASN C 330 -50.42 3.50 9.43
N LEU C 332 -47.22 2.98 9.92
CA LEU C 332 -46.24 2.85 11.00
C LEU C 332 -46.90 2.61 12.35
N LYS C 333 -48.05 3.26 12.57
CA LYS C 333 -48.76 3.19 13.86
C LYS C 333 -49.51 1.88 14.06
N SER C 334 -50.08 1.33 12.97
CA SER C 334 -50.76 0.03 13.02
C SER C 334 -49.77 -1.12 13.21
N ARG C 335 -48.53 -0.92 12.74
CA ARG C 335 -47.42 -1.83 13.04
C ARG C 335 -47.10 -1.78 14.54
N ALA C 336 -47.10 -0.56 15.09
CA ALA C 336 -46.84 -0.35 16.51
C ALA C 336 -48.09 -0.62 17.38
N ASP C 337 -49.24 -0.78 16.73
CA ASP C 337 -50.47 -1.26 17.38
C ASP C 337 -50.34 -2.75 17.70
N VAL C 338 -49.89 -3.51 16.71
CA VAL C 338 -49.69 -4.96 16.84
C VAL C 338 -48.57 -5.28 17.84
N PHE C 339 -47.54 -4.43 17.90
CA PHE C 339 -46.44 -4.58 18.84
C PHE C 339 -46.87 -4.36 20.28
N VAL C 340 -47.69 -3.33 20.51
CA VAL C 340 -48.25 -3.04 21.83
C VAL C 340 -49.18 -4.16 22.32
N THR C 341 -50.00 -4.70 21.41
CA THR C 341 -50.89 -5.81 21.69
C THR C 341 -50.11 -7.09 22.01
N ALA C 342 -49.02 -7.32 21.28
CA ALA C 342 -48.21 -8.53 21.44
C ALA C 342 -47.28 -8.48 22.65
N ALA C 343 -46.66 -7.33 22.91
CA ALA C 343 -45.88 -7.14 24.12
C ALA C 343 -46.75 -7.26 25.37
N LYS C 344 -48.00 -6.81 25.25
CA LYS C 344 -49.04 -6.97 26.27
C LYS C 344 -49.37 -8.46 26.47
N GLU C 345 -49.44 -9.18 25.36
CA GLU C 345 -49.82 -10.60 25.36
C GLU C 345 -48.69 -11.52 25.83
N ASN C 346 -47.45 -11.16 25.48
CA ASN C 346 -46.27 -11.97 25.81
C ASN C 346 -45.55 -11.50 27.07
N LYS C 347 -46.31 -10.83 27.95
CA LYS C 347 -45.81 -10.33 29.24
C LYS C 347 -44.45 -9.64 29.09
N LEU C 348 -44.42 -8.64 28.20
CA LEU C 348 -43.18 -7.93 27.87
C LEU C 348 -43.27 -6.48 28.29
N THR C 349 -42.32 -6.05 29.13
CA THR C 349 -42.25 -4.68 29.61
C THR C 349 -41.65 -3.78 28.52
N ILE C 351 -41.46 0.45 26.93
CA ILE C 351 -41.69 1.89 27.13
C ILE C 351 -42.85 2.34 26.23
N PRO C 352 -43.93 2.89 26.84
CA PRO C 352 -45.15 3.23 26.11
C PRO C 352 -44.88 3.96 24.79
N TYR C 353 -45.56 3.52 23.74
CA TYR C 353 -45.39 4.10 22.41
C TYR C 353 -46.46 5.15 22.12
N PHE C 354 -46.01 6.35 21.80
CA PHE C 354 -46.91 7.43 21.37
C PHE C 354 -46.71 7.75 19.89
N GLY C 355 -45.46 7.68 19.44
CA GLY C 355 -45.12 7.91 18.03
C GLY C 355 -43.63 7.75 17.75
N GLY C 356 -43.25 7.99 16.51
CA GLY C 356 -41.85 7.86 16.12
C GLY C 356 -41.49 6.52 15.49
N PHE C 357 -40.23 6.36 15.13
CA PHE C 357 -39.74 5.21 14.37
C PHE C 357 -39.58 3.93 15.20
N PHE C 358 -39.17 4.09 16.46
CA PHE C 358 -38.68 2.97 17.26
C PHE C 358 -39.57 2.57 18.44
N THR C 359 -39.56 1.27 18.76
CA THR C 359 -40.14 0.74 20.01
C THR C 359 -39.02 0.20 20.91
N PHE C 360 -39.15 0.40 22.22
CA PHE C 360 -38.08 0.05 23.15
C PHE C 360 -38.52 -0.92 24.26
N ILE C 361 -37.59 -1.78 24.67
CA ILE C 361 -37.82 -2.76 25.74
C ILE C 361 -36.69 -2.64 26.79
N PRO C 362 -36.98 -1.97 27.93
CA PRO C 362 -35.99 -1.78 29.00
C PRO C 362 -35.57 -3.08 29.71
N THR C 363 -34.26 -3.21 29.93
CA THR C 363 -33.65 -4.37 30.60
C THR C 363 -32.17 -4.09 30.89
N ASP C 364 -31.45 -5.08 31.42
CA ASP C 364 -30.01 -4.96 31.63
C ASP C 364 -29.23 -6.17 31.10
N LYS C 365 -29.95 -7.07 30.42
CA LYS C 365 -29.36 -8.27 29.82
C LYS C 365 -29.13 -8.10 28.31
N ALA C 366 -28.82 -6.88 27.89
CA ALA C 366 -28.77 -6.50 26.47
C ALA C 366 -27.67 -7.20 25.65
N PHE C 367 -26.42 -7.09 26.08
CA PHE C 367 -25.29 -7.67 25.36
C PHE C 367 -25.24 -9.19 25.52
N ASP C 368 -26.43 -9.79 25.61
CA ASP C 368 -26.61 -11.21 25.89
C ASP C 368 -27.83 -11.77 25.17
N ILE C 369 -28.88 -10.94 25.03
CA ILE C 369 -30.11 -11.30 24.32
C ILE C 369 -29.90 -11.34 22.81
N VAL C 370 -29.11 -10.38 22.31
CA VAL C 370 -28.90 -10.19 20.87
C VAL C 370 -28.07 -11.29 20.20
N LYS C 371 -27.08 -11.82 20.91
CA LYS C 371 -26.19 -12.86 20.37
C LYS C 371 -26.93 -14.13 19.94
N ASP C 372 -27.97 -14.48 20.70
CA ASP C 372 -28.79 -15.67 20.42
C ASP C 372 -29.83 -15.42 19.33
N LEU C 373 -30.42 -14.22 19.32
CA LEU C 373 -31.39 -13.81 18.30
C LEU C 373 -30.75 -13.62 16.92
N GLU C 374 -29.48 -13.25 16.90
CA GLU C 374 -28.73 -13.11 15.64
C GLU C 374 -28.32 -14.46 15.06
N LYS C 375 -28.58 -15.52 15.81
CA LYS C 375 -28.51 -16.89 15.30
C LYS C 375 -29.89 -17.36 14.82
N GLU C 376 -30.89 -16.50 14.95
CA GLU C 376 -32.25 -16.78 14.47
C GLU C 376 -32.63 -15.87 13.31
N ASN C 377 -31.71 -14.98 12.93
CA ASN C 377 -31.93 -13.94 11.91
C ASN C 377 -32.95 -12.88 12.30
N ILE C 378 -32.83 -12.39 13.53
CA ILE C 378 -33.60 -11.25 14.02
C ILE C 378 -32.58 -10.25 14.56
N PHE C 379 -32.39 -9.16 13.82
CA PHE C 379 -31.33 -8.21 14.10
C PHE C 379 -31.87 -6.88 14.64
N THR C 380 -31.47 -6.55 15.86
CA THR C 380 -31.90 -5.34 16.56
C THR C 380 -30.70 -4.58 17.14
N ILE C 381 -30.96 -3.41 17.73
CA ILE C 381 -29.89 -2.56 18.28
C ILE C 381 -29.90 -2.55 19.82
N PRO C 382 -28.90 -3.22 20.43
CA PRO C 382 -28.78 -3.26 21.88
C PRO C 382 -28.03 -2.06 22.47
N SER C 383 -28.36 -1.73 23.72
CA SER C 383 -27.73 -0.61 24.42
C SER C 383 -27.62 -0.89 25.92
N ALA C 384 -26.84 -0.07 26.61
CA ALA C 384 -26.63 -0.20 28.05
C ALA C 384 -27.89 0.08 28.88
N LYS C 385 -29.06 -0.10 28.26
CA LYS C 385 -30.36 0.16 28.89
C LYS C 385 -31.47 -0.78 28.38
N GLY C 386 -31.25 -1.40 27.22
CA GLY C 386 -32.24 -2.28 26.62
C GLY C 386 -32.04 -2.49 25.12
N ILE C 387 -33.15 -2.66 24.41
CA ILE C 387 -33.15 -2.99 22.98
C ILE C 387 -33.98 -2.02 22.14
N ARG C 388 -33.35 -1.36 21.17
CA ARG C 388 -34.06 -0.47 20.24
C ARG C 388 -34.56 -1.23 19.02
N VAL C 389 -35.89 -1.26 18.86
CA VAL C 389 -36.53 -1.99 17.76
C VAL C 389 -37.07 -1.03 16.71
N ALA C 390 -36.37 -0.96 15.57
CA ALA C 390 -36.81 -0.12 14.45
C ALA C 390 -38.00 -0.76 13.72
N ILE C 391 -39.19 -0.57 14.26
CA ILE C 391 -40.43 -1.18 13.75
C ILE C 391 -40.79 -0.74 12.32
N CYS C 392 -40.13 0.33 11.87
CA CYS C 392 -40.32 0.87 10.52
C CYS C 392 -39.84 -0.09 9.43
N GLY C 393 -38.85 -0.92 9.77
CA GLY C 393 -38.22 -1.81 8.82
C GLY C 393 -39.07 -2.99 8.38
N VAL C 394 -39.60 -3.74 9.36
CA VAL C 394 -40.38 -4.94 9.07
C VAL C 394 -41.87 -4.65 8.82
N GLY C 395 -42.57 -5.65 8.29
CA GLY C 395 -44.00 -5.53 7.98
C GLY C 395 -44.88 -5.64 9.21
N GLU C 396 -46.09 -6.15 9.02
CA GLU C 396 -47.06 -6.27 10.12
C GLU C 396 -47.30 -7.71 10.58
N GLU C 397 -46.99 -8.68 9.72
CA GLU C 397 -47.08 -10.11 10.10
C GLU C 397 -45.76 -10.66 10.67
N LYS C 398 -44.71 -9.85 10.59
CA LYS C 398 -43.43 -10.18 11.20
C LYS C 398 -43.35 -9.74 12.66
N ILE C 399 -44.29 -8.88 13.07
CA ILE C 399 -44.36 -8.39 14.45
C ILE C 399 -44.77 -9.49 15.45
N PRO C 400 -45.86 -10.26 15.15
CA PRO C 400 -46.22 -11.35 16.06
C PRO C 400 -45.09 -12.37 16.27
N LYS C 401 -44.28 -12.58 15.24
CA LYS C 401 -43.10 -13.45 15.32
C LYS C 401 -41.97 -12.76 16.10
N LEU C 402 -41.75 -11.48 15.82
CA LEU C 402 -40.68 -10.70 16.45
C LEU C 402 -40.80 -10.63 17.98
N VAL C 403 -41.99 -10.29 18.46
CA VAL C 403 -42.24 -10.09 19.90
C VAL C 403 -42.07 -11.38 20.72
N GLN C 404 -42.57 -12.49 20.19
CA GLN C 404 -42.49 -13.79 20.87
C GLN C 404 -41.04 -14.18 21.20
N ARG C 405 -40.16 -14.01 20.22
CA ARG C 405 -38.75 -14.38 20.35
C ARG C 405 -37.97 -13.36 21.18
N LEU C 406 -38.30 -12.09 20.99
CA LEU C 406 -37.67 -10.97 21.69
C LEU C 406 -37.89 -11.03 23.20
N ALA C 407 -39.09 -11.48 23.59
CA ALA C 407 -39.47 -11.62 25.00
C ALA C 407 -38.96 -12.92 25.61
N PHE C 408 -38.69 -13.91 24.75
CA PHE C 408 -38.23 -15.23 25.19
C PHE C 408 -36.83 -15.19 25.82
N TYR C 409 -35.98 -14.27 25.34
CA TYR C 409 -34.61 -14.14 25.85
C TYR C 409 -34.46 -13.07 26.92
N THR C 410 -35.46 -12.20 27.04
CA THR C 410 -35.48 -11.15 28.05
C THR C 410 -36.09 -11.64 29.36
N ASN C 411 -37.08 -12.53 29.26
CA ASN C 411 -37.83 -13.01 30.42
C ASN C 411 -37.27 -14.27 31.13
N LYS C 412 -36.37 -15.00 30.47
CA LYS C 412 -35.79 -16.21 31.06
C LYS C 412 -34.51 -15.93 31.85
N PRO D 5 -25.64 40.10 24.84
CA PRO D 5 -26.03 39.16 23.78
C PRO D 5 -26.28 37.72 24.24
N THR D 7 -25.85 35.03 22.04
CA THR D 7 -24.76 34.30 21.44
C THR D 7 -23.44 34.62 22.14
N ILE D 8 -22.58 33.62 22.21
CA ILE D 8 -21.24 33.75 22.78
C ILE D 8 -20.37 34.66 21.92
N LYS D 9 -19.34 35.27 22.52
CA LYS D 9 -18.46 36.22 21.82
C LYS D 9 -18.04 35.77 20.41
N ARG D 10 -17.66 34.50 20.29
CA ARG D 10 -17.17 33.93 19.03
C ARG D 10 -18.23 33.81 17.95
N ALA D 11 -19.47 33.53 18.37
CA ALA D 11 -20.58 33.35 17.46
C ALA D 11 -21.30 34.67 17.19
N THR D 12 -21.10 35.65 18.06
CA THR D 12 -21.66 37.00 17.89
C THR D 12 -20.90 37.73 16.79
N TRP D 13 -21.63 38.16 15.76
CA TRP D 13 -21.02 38.84 14.61
C TRP D 13 -21.65 40.18 14.36
N ASN D 14 -20.79 41.19 14.20
CA ASN D 14 -21.24 42.54 13.91
C ASN D 14 -20.68 43.06 12.58
N ASN D 15 -20.53 42.14 11.62
CA ASN D 15 -20.09 42.49 10.27
C ASN D 15 -21.17 43.29 9.55
N GLY D 16 -20.72 44.14 8.61
CA GLY D 16 -21.63 45.03 7.89
C GLY D 16 -22.46 44.32 6.83
N PRO D 17 -22.48 44.87 5.60
CA PRO D 17 -23.21 44.22 4.52
C PRO D 17 -22.33 43.27 3.70
N ASP D 18 -22.92 42.17 3.24
CA ASP D 18 -22.23 41.24 2.36
C ASP D 18 -22.17 41.83 0.96
N LEU D 19 -21.01 42.40 0.62
CA LEU D 19 -20.81 43.14 -0.62
C LEU D 19 -21.08 42.33 -1.90
N ALA D 20 -20.59 41.09 -1.94
CA ALA D 20 -20.83 40.19 -3.09
C ALA D 20 -22.31 39.93 -3.29
N PHE D 21 -23.01 39.70 -2.18
CA PHE D 21 -24.45 39.52 -2.14
C PHE D 21 -25.18 40.79 -2.63
N ASP D 22 -24.64 41.95 -2.27
CA ASP D 22 -25.26 43.22 -2.60
C ASP D 22 -25.02 43.73 -4.03
N ILE D 23 -23.92 43.30 -4.66
CA ILE D 23 -23.69 43.62 -6.07
C ILE D 23 -24.53 42.67 -6.91
N ASN D 24 -24.45 41.37 -6.62
CA ASN D 24 -25.21 40.36 -7.35
C ASN D 24 -26.72 40.55 -7.23
N ASN D 25 -27.16 41.11 -6.10
CA ASN D 25 -28.57 41.49 -5.93
C ASN D 25 -28.98 42.62 -6.86
N LYS D 26 -28.13 43.64 -6.98
CA LYS D 26 -28.36 44.75 -7.90
C LYS D 26 -28.32 44.28 -9.34
N ALA D 27 -27.50 43.27 -9.60
CA ALA D 27 -27.37 42.69 -10.94
C ALA D 27 -28.66 42.02 -11.38
N ASN D 28 -29.24 41.21 -10.50
CA ASN D 28 -30.53 40.56 -10.74
C ASN D 28 -31.68 41.56 -10.89
N ALA D 29 -31.72 42.53 -10.00
CA ALA D 29 -32.71 43.61 -10.06
C ALA D 29 -32.65 44.36 -11.37
N ALA D 30 -31.45 44.50 -11.92
CA ALA D 30 -31.25 45.19 -13.20
C ALA D 30 -31.75 44.35 -14.37
N ILE D 31 -31.51 43.04 -14.32
CA ILE D 31 -31.92 42.11 -15.38
C ILE D 31 -33.44 41.97 -15.45
N GLU D 32 -34.10 42.19 -14.32
CA GLU D 32 -35.55 42.12 -14.23
C GLU D 32 -36.22 43.37 -14.80
N LYS D 33 -35.68 44.54 -14.46
CA LYS D 33 -36.24 45.81 -14.93
C LYS D 33 -35.93 46.05 -16.41
N TYR D 34 -34.65 45.95 -16.77
CA TYR D 34 -34.18 46.37 -18.08
C TYR D 34 -34.07 45.25 -19.11
N GLY D 35 -33.88 44.03 -18.63
CA GLY D 35 -33.72 42.89 -19.52
C GLY D 35 -32.31 42.32 -19.51
N ARG D 36 -32.20 41.10 -20.00
CA ARG D 36 -30.96 40.34 -19.95
C ARG D 36 -29.85 40.94 -20.81
N GLU D 37 -30.19 41.48 -21.98
CA GLU D 37 -29.19 42.04 -22.88
C GLU D 37 -28.94 43.53 -22.69
N ALA D 38 -29.56 44.12 -21.67
CA ALA D 38 -29.30 45.51 -21.31
C ALA D 38 -28.31 45.56 -20.15
N VAL D 39 -27.96 44.39 -19.64
CA VAL D 39 -27.12 44.26 -18.45
C VAL D 39 -25.99 43.26 -18.69
N ILE D 40 -24.76 43.69 -18.39
CA ILE D 40 -23.62 42.78 -18.34
C ILE D 40 -23.30 42.51 -16.87
N ASN D 41 -23.59 41.28 -16.44
CA ASN D 41 -23.43 40.87 -15.05
C ASN D 41 -22.18 39.98 -14.89
N ALA D 42 -21.12 40.58 -14.37
CA ALA D 42 -19.86 39.89 -14.16
C ALA D 42 -19.52 39.87 -12.66
N ALA D 43 -20.51 39.47 -11.86
CA ALA D 43 -20.39 39.52 -10.41
C ALA D 43 -20.01 38.18 -9.78
N LEU D 44 -20.94 37.23 -9.76
CA LEU D 44 -20.73 35.97 -9.04
C LEU D 44 -20.24 34.81 -9.90
N GLY D 45 -19.54 33.88 -9.26
CA GLY D 45 -18.84 32.80 -9.95
C GLY D 45 -19.65 31.55 -10.21
N THR D 46 -20.45 31.58 -11.28
CA THR D 46 -21.16 30.42 -11.78
C THR D 46 -21.09 30.42 -13.30
N LEU D 47 -20.96 29.23 -13.89
CA LEU D 47 -20.91 29.11 -15.34
C LEU D 47 -22.28 29.29 -15.98
N LEU D 48 -22.40 30.36 -16.77
CA LEU D 48 -23.63 30.67 -17.49
C LEU D 48 -23.32 30.66 -18.98
N ASP D 49 -24.25 30.15 -19.78
CA ASP D 49 -24.08 30.21 -21.24
C ASP D 49 -24.32 31.62 -21.78
N ASP D 50 -24.04 31.82 -23.06
CA ASP D 50 -24.21 33.12 -23.71
C ASP D 50 -25.63 33.67 -23.54
N LYS D 51 -26.58 32.75 -23.37
CA LYS D 51 -27.97 33.09 -23.09
C LYS D 51 -28.17 33.64 -21.68
N GLY D 52 -27.26 33.31 -20.76
CA GLY D 52 -27.32 33.82 -19.40
C GLY D 52 -27.88 32.82 -18.39
N LYS D 53 -28.25 31.64 -18.86
CA LYS D 53 -28.73 30.59 -17.96
C LYS D 53 -27.57 29.73 -17.46
N ILE D 54 -27.68 29.27 -16.22
CA ILE D 54 -26.65 28.42 -15.60
C ILE D 54 -26.50 27.08 -16.33
N ILE D 55 -25.26 26.77 -16.71
CA ILE D 55 -24.94 25.51 -17.38
C ILE D 55 -25.08 24.34 -16.40
N ALA D 56 -25.91 23.37 -16.77
CA ALA D 56 -26.06 22.13 -16.02
C ALA D 56 -25.84 20.98 -16.99
N LEU D 57 -24.71 20.29 -16.85
CA LEU D 57 -24.29 19.23 -17.77
C LEU D 57 -25.27 18.06 -17.79
N PRO D 58 -25.89 17.79 -18.95
CA PRO D 58 -26.85 16.68 -19.11
C PRO D 58 -26.18 15.30 -19.01
N SER D 59 -24.86 15.28 -18.93
CA SER D 59 -24.11 14.07 -18.65
C SER D 59 -24.25 13.69 -17.19
N VAL D 60 -24.42 14.71 -16.36
CA VAL D 60 -24.57 14.56 -14.91
C VAL D 60 -26.04 14.38 -14.53
N TYR D 61 -26.89 15.27 -15.04
CA TYR D 61 -28.29 15.33 -14.60
C TYR D 61 -29.25 14.37 -15.31
N ASP D 62 -28.78 13.71 -16.36
CA ASP D 62 -29.51 12.58 -16.94
C ASP D 62 -29.34 11.36 -16.03
N ARG D 63 -28.22 11.31 -15.32
CA ARG D 63 -27.94 10.24 -14.36
C ARG D 63 -28.96 10.25 -13.23
N LEU D 64 -29.36 11.46 -12.83
CA LEU D 64 -30.32 11.68 -11.76
C LEU D 64 -31.70 11.10 -12.08
N ASP D 65 -32.25 11.47 -13.24
CA ASP D 65 -33.63 11.16 -13.61
C ASP D 65 -33.91 9.66 -13.80
N GLU D 66 -32.95 8.96 -14.41
CA GLU D 66 -33.07 7.54 -14.71
C GLU D 66 -32.71 6.68 -13.50
N ASP D 68 -32.84 5.10 -9.83
CA ASP D 68 -33.86 4.65 -8.89
C ASP D 68 -33.94 5.59 -7.68
N ARG D 69 -35.16 5.86 -7.22
CA ARG D 69 -35.40 6.76 -6.08
C ARG D 69 -34.73 6.31 -4.78
N SER D 70 -34.50 5.00 -4.66
CA SER D 70 -33.80 4.43 -3.50
C SER D 70 -32.36 4.94 -3.38
N HIS D 71 -31.77 5.30 -4.53
CA HIS D 71 -30.40 5.79 -4.58
C HIS D 71 -30.28 7.24 -4.25
N ILE D 72 -31.42 7.89 -4.05
CA ILE D 72 -31.48 9.30 -3.67
C ILE D 72 -31.83 9.43 -2.19
N ALA D 73 -32.91 8.74 -1.80
CA ALA D 73 -33.49 8.83 -0.45
C ALA D 73 -32.55 8.39 0.67
N SER D 74 -32.19 7.10 0.68
CA SER D 74 -31.41 6.52 1.78
C SER D 74 -30.12 7.27 2.09
N TYR D 75 -29.69 7.18 3.35
CA TYR D 75 -28.49 7.87 3.82
C TYR D 75 -27.27 7.40 3.05
N ALA D 76 -26.34 8.32 2.84
CA ALA D 76 -25.00 7.97 2.40
C ALA D 76 -24.23 7.59 3.67
N PRO D 77 -23.25 6.67 3.56
CA PRO D 77 -22.35 6.40 4.68
C PRO D 77 -21.66 7.67 5.17
N ILE D 78 -21.22 7.64 6.43
CA ILE D 78 -20.53 8.78 7.05
C ILE D 78 -19.39 9.26 6.14
N GLU D 79 -18.47 8.35 5.85
CA GLU D 79 -17.31 8.63 5.01
C GLU D 79 -17.69 8.72 3.54
N GLY D 80 -18.92 8.30 3.22
CA GLY D 80 -19.40 8.27 1.85
C GLY D 80 -19.39 6.87 1.28
N GLU D 81 -20.07 6.70 0.14
CA GLU D 81 -20.14 5.40 -0.53
C GLU D 81 -18.75 4.85 -0.85
N LYS D 82 -18.60 3.54 -0.69
CA LYS D 82 -17.35 2.84 -0.96
C LYS D 82 -16.76 3.28 -2.29
N ASP D 83 -17.54 3.12 -3.36
CA ASP D 83 -17.10 3.42 -4.72
C ASP D 83 -16.92 4.91 -5.00
N TYR D 84 -17.76 5.75 -4.39
CA TYR D 84 -17.59 7.21 -4.46
C TYR D 84 -16.22 7.58 -3.89
N ARG D 85 -15.93 7.14 -2.66
CA ARG D 85 -14.65 7.39 -2.01
C ARG D 85 -13.47 7.03 -2.91
N LYS D 86 -13.55 5.85 -3.54
CA LYS D 86 -12.49 5.39 -4.45
C LYS D 86 -12.42 6.23 -5.73
N ILE D 87 -13.54 6.29 -6.46
CA ILE D 87 -13.61 7.01 -7.75
C ILE D 87 -13.11 8.46 -7.64
N VAL D 88 -13.37 9.10 -6.49
CA VAL D 88 -12.81 10.41 -6.18
C VAL D 88 -11.31 10.44 -6.43
N ILE D 89 -10.61 9.44 -5.91
CA ILE D 89 -9.17 9.32 -6.03
C ILE D 89 -8.71 9.13 -7.48
N ASP D 90 -9.42 8.26 -8.21
CA ASP D 90 -9.09 7.95 -9.61
C ASP D 90 -9.46 9.08 -10.59
N THR D 91 -10.43 9.90 -10.20
CA THR D 91 -10.87 11.05 -10.98
C THR D 91 -10.02 12.27 -10.62
N LEU D 92 -9.82 12.48 -9.32
CA LEU D 92 -9.03 13.59 -8.82
C LEU D 92 -7.64 13.60 -9.44
N PHE D 93 -6.93 12.50 -9.29
CA PHE D 93 -5.52 12.44 -9.62
C PHE D 93 -5.24 12.03 -11.06
N GLY D 94 -6.11 11.19 -11.60
CA GLY D 94 -6.00 10.71 -12.98
C GLY D 94 -4.78 9.83 -13.18
N PRO D 95 -3.96 10.15 -14.19
CA PRO D 95 -2.72 9.40 -14.41
C PRO D 95 -1.60 9.79 -13.45
N TYR D 96 -1.85 10.84 -12.65
CA TYR D 96 -0.84 11.36 -11.72
C TYR D 96 -1.17 11.11 -10.25
N LYS D 97 -1.74 9.94 -9.96
CA LYS D 97 -1.99 9.51 -8.58
C LYS D 97 -0.65 9.37 -7.85
N PRO D 98 -0.47 10.10 -6.73
CA PRO D 98 0.79 10.09 -6.02
C PRO D 98 0.96 8.84 -5.14
N GLU D 99 2.19 8.56 -4.75
CA GLU D 99 2.49 7.40 -3.93
C GLU D 99 2.40 7.68 -2.43
N GLY D 100 1.85 6.70 -1.72
CA GLY D 100 1.52 6.82 -0.31
C GLY D 100 0.09 6.41 -0.06
N TYR D 101 -0.37 6.60 1.17
CA TYR D 101 -1.71 6.19 1.58
C TYR D 101 -2.73 7.28 1.27
N ILE D 102 -3.79 6.89 0.57
CA ILE D 102 -4.79 7.82 0.05
C ILE D 102 -6.20 7.43 0.52
N SER D 103 -6.93 8.39 1.08
CA SER D 103 -8.31 8.16 1.53
C SER D 103 -9.18 9.40 1.33
N ALA D 104 -10.41 9.17 0.93
CA ALA D 104 -11.38 10.22 0.74
C ALA D 104 -12.51 10.04 1.74
N ILE D 105 -12.99 11.14 2.31
CA ILE D 105 -14.24 11.17 3.08
C ILE D 105 -15.16 12.22 2.45
N ALA D 106 -16.39 11.81 2.15
CA ALA D 106 -17.39 12.67 1.49
C ALA D 106 -17.75 13.87 2.36
N THR D 107 -17.62 15.06 1.75
CA THR D 107 -17.89 16.33 2.42
C THR D 107 -18.98 17.07 1.64
N PRO D 108 -19.72 17.99 2.30
CA PRO D 108 -20.64 18.81 1.52
C PRO D 108 -19.88 19.91 0.79
N GLY D 109 -19.60 19.68 -0.50
CA GLY D 109 -18.82 20.61 -1.32
C GLY D 109 -17.37 20.73 -0.90
N GLY D 110 -16.62 21.49 -1.67
CA GLY D 110 -15.23 21.79 -1.36
C GLY D 110 -15.09 22.47 -0.02
N THR D 111 -16.04 23.35 0.29
CA THR D 111 -16.11 24.04 1.57
C THR D 111 -16.07 23.05 2.73
N GLY D 112 -16.94 22.05 2.67
CA GLY D 112 -17.02 21.01 3.69
C GLY D 112 -15.71 20.25 3.89
N ALA D 113 -14.83 20.35 2.90
CA ALA D 113 -13.52 19.72 2.96
C ALA D 113 -12.48 20.64 3.60
N ILE D 114 -12.46 21.90 3.18
CA ILE D 114 -11.53 22.89 3.75
C ILE D 114 -11.83 23.15 5.22
N ARG D 115 -13.13 23.27 5.54
CA ARG D 115 -13.60 23.48 6.91
C ARG D 115 -13.01 22.46 7.88
N SER D 116 -13.06 21.19 7.46
CA SER D 116 -12.62 20.07 8.28
C SER D 116 -11.11 20.06 8.50
N ALA D 117 -10.37 20.51 7.49
CA ALA D 117 -8.92 20.55 7.53
C ALA D 117 -8.42 21.62 8.49
N ILE D 118 -9.03 22.79 8.41
CA ILE D 118 -8.72 23.90 9.31
C ILE D 118 -9.11 23.53 10.75
N PHE D 119 -10.21 22.78 10.88
CA PHE D 119 -10.68 22.28 12.17
C PHE D 119 -9.77 21.18 12.73
N SER D 120 -9.48 20.15 11.93
CA SER D 120 -8.73 18.99 12.40
C SER D 120 -7.23 19.23 12.63
N TYR D 121 -6.60 20.08 11.83
CA TYR D 121 -5.14 20.19 11.82
C TYR D 121 -4.58 21.55 12.23
N LEU D 122 -5.31 22.25 13.10
CA LEU D 122 -4.86 23.54 13.65
C LEU D 122 -5.31 23.76 15.10
N GLU D 124 -5.35 26.61 18.99
CA GLU D 124 -6.32 27.52 18.38
C GLU D 124 -5.65 28.70 17.68
N GLY D 125 -4.68 29.34 18.35
CA GLY D 125 -3.94 30.46 17.76
C GLY D 125 -3.05 30.02 16.62
N ASP D 126 -3.27 28.78 16.16
CA ASP D 126 -2.49 28.15 15.10
C ASP D 126 -2.75 28.78 13.73
N PRO D 127 -1.72 29.44 13.16
CA PRO D 127 -1.85 30.25 11.94
C PRO D 127 -2.18 29.47 10.68
N LEU D 128 -2.95 30.11 9.80
CA LEU D 128 -3.20 29.63 8.44
C LEU D 128 -2.60 30.64 7.47
N ILE D 129 -1.57 30.20 6.76
CA ILE D 129 -0.77 31.06 5.88
C ILE D 129 -1.28 31.00 4.43
N CYS D 130 -2.19 31.93 4.11
CA CYS D 130 -2.85 31.97 2.81
C CYS D 130 -2.54 33.27 2.06
N HIS D 131 -2.58 33.19 0.73
CA HIS D 131 -2.20 34.30 -0.15
C HIS D 131 -3.03 35.57 0.00
N ASP D 132 -2.51 36.65 -0.58
CA ASP D 132 -3.05 38.01 -0.46
C ASP D 132 -4.46 38.15 -1.03
N TYR D 133 -4.64 37.64 -2.25
CA TYR D 133 -5.93 37.65 -2.90
C TYR D 133 -6.59 36.31 -2.61
N TYR D 134 -7.70 36.33 -1.89
CA TYR D 134 -8.30 35.10 -1.41
C TYR D 134 -9.83 35.09 -1.44
N TRP D 135 -10.37 33.88 -1.44
CA TRP D 135 -11.79 33.63 -1.25
C TRP D 135 -12.09 33.85 0.20
N ALA D 136 -12.85 34.90 0.50
CA ALA D 136 -13.11 35.35 1.87
C ALA D 136 -13.41 34.26 2.92
N PRO D 137 -14.19 33.22 2.57
CA PRO D 137 -14.46 32.14 3.54
C PRO D 137 -13.26 31.58 4.29
N TYR D 138 -12.06 31.69 3.73
CA TYR D 138 -10.85 31.28 4.45
C TYR D 138 -10.76 32.08 5.76
N ARG D 139 -10.73 33.40 5.64
CA ARG D 139 -10.72 34.31 6.78
C ARG D 139 -11.91 34.05 7.70
N LYS D 140 -13.07 33.78 7.12
CA LYS D 140 -14.31 33.54 7.87
C LYS D 140 -14.22 32.26 8.69
N ILE D 141 -13.74 31.18 8.07
CA ILE D 141 -13.60 29.88 8.74
C ILE D 141 -12.60 29.96 9.90
N CYS D 142 -11.48 30.66 9.67
CA CYS D 142 -10.48 30.88 10.71
C CYS D 142 -11.04 31.64 11.91
N GLU D 143 -11.76 32.72 11.66
CA GLU D 143 -12.36 33.53 12.72
C GLU D 143 -13.43 32.77 13.50
N GLU D 144 -14.24 31.99 12.78
CA GLU D 144 -15.27 31.12 13.37
C GLU D 144 -14.69 30.14 14.39
N PHE D 145 -13.64 29.41 13.98
CA PHE D 145 -13.02 28.40 14.83
C PHE D 145 -11.93 28.95 15.76
N GLY D 146 -11.51 30.19 15.50
CA GLY D 146 -10.56 30.88 16.38
C GLY D 146 -9.13 30.80 15.90
N ARG D 147 -8.91 30.07 14.82
CA ARG D 147 -7.59 29.94 14.21
C ARG D 147 -7.19 31.26 13.56
N ASN D 148 -5.89 31.56 13.59
CA ASN D 148 -5.42 32.84 13.05
C ASN D 148 -5.25 32.83 11.53
N PHE D 149 -5.75 33.87 10.89
CA PHE D 149 -5.63 34.03 9.43
C PHE D 149 -4.56 35.07 9.09
N LYS D 150 -3.49 34.62 8.45
CA LYS D 150 -2.33 35.45 8.17
C LYS D 150 -2.06 35.57 6.67
N THR D 151 -2.08 36.80 6.15
CA THR D 151 -1.92 37.03 4.71
C THR D 151 -0.47 37.26 4.31
N PHE D 152 0.00 36.51 3.33
CA PHE D 152 1.25 36.82 2.64
C PHE D 152 0.93 37.34 1.24
N GLU D 153 1.77 38.22 0.73
CA GLU D 153 1.57 38.79 -0.62
C GLU D 153 1.64 37.72 -1.71
N PHE D 154 0.58 37.67 -2.51
CA PHE D 154 0.39 36.66 -3.56
C PHE D 154 1.38 36.83 -4.72
N PHE D 155 1.50 38.05 -5.22
CA PHE D 155 2.18 38.29 -6.48
C PHE D 155 3.43 39.17 -6.39
N THR D 156 4.32 38.96 -7.38
CA THR D 156 5.46 39.84 -7.61
C THR D 156 5.02 41.03 -8.48
N ASP D 157 5.99 41.77 -9.01
CA ASP D 157 5.71 42.86 -9.94
C ASP D 157 5.31 42.30 -11.30
N ASP D 158 5.94 41.18 -11.67
CA ASP D 158 5.72 40.52 -12.96
C ASP D 158 4.58 39.49 -12.87
N PHE D 159 3.83 39.55 -11.78
CA PHE D 159 2.72 38.63 -11.49
C PHE D 159 3.09 37.13 -11.58
N ALA D 160 4.28 36.82 -11.08
CA ALA D 160 4.68 35.44 -10.83
C ALA D 160 4.45 35.17 -9.34
N PHE D 161 4.10 33.93 -9.02
CA PHE D 161 3.85 33.51 -7.63
C PHE D 161 5.05 33.92 -6.77
N ASN D 162 4.80 34.81 -5.82
CA ASN D 162 5.89 35.34 -4.99
C ASN D 162 6.39 34.32 -3.96
N ILE D 163 7.38 33.53 -4.37
CA ILE D 163 7.99 32.53 -3.51
C ILE D 163 8.87 33.21 -2.44
N ASP D 164 9.47 34.35 -2.81
CA ASP D 164 10.32 35.12 -1.89
C ASP D 164 9.60 35.49 -0.59
N VAL D 165 8.43 36.10 -0.72
CA VAL D 165 7.65 36.55 0.43
C VAL D 165 6.92 35.40 1.10
N TYR D 166 6.55 34.38 0.32
CA TYR D 166 5.91 33.17 0.86
C TYR D 166 6.83 32.40 1.82
N LYS D 167 8.10 32.29 1.48
CA LYS D 167 9.11 31.71 2.38
C LYS D 167 9.06 32.40 3.74
N GLU D 168 9.13 33.74 3.70
CA GLU D 168 9.20 34.59 4.89
C GLU D 168 8.01 34.39 5.83
N ALA D 169 6.82 34.23 5.25
CA ALA D 169 5.60 34.00 6.02
C ALA D 169 5.63 32.67 6.78
N ILE D 170 6.05 31.61 6.09
CA ILE D 170 6.10 30.28 6.69
C ILE D 170 7.21 30.17 7.73
N ASP D 171 8.35 30.83 7.47
CA ASP D 171 9.45 30.90 8.43
C ASP D 171 9.04 31.65 9.71
N GLU D 172 8.20 32.66 9.56
CA GLU D 172 7.63 33.39 10.69
C GLU D 172 6.56 32.56 11.41
N GLY D 173 5.93 31.66 10.65
CA GLY D 173 4.89 30.76 11.17
C GLY D 173 5.44 29.56 11.94
N ILE D 174 6.40 28.86 11.33
CA ILE D 174 7.10 27.73 11.98
C ILE D 174 8.19 28.31 12.91
N ARG D 175 7.74 28.98 13.96
CA ARG D 175 8.59 29.84 14.77
C ARG D 175 7.82 30.14 16.05
N ASP D 176 6.67 30.78 15.87
CA ASP D 176 5.79 31.16 16.97
C ASP D 176 4.84 30.01 17.35
N SER D 177 4.66 29.09 16.41
CA SER D 177 3.84 27.89 16.63
C SER D 177 4.58 26.62 16.20
N ASP D 178 4.32 25.54 16.92
CA ASP D 178 4.81 24.21 16.55
C ASP D 178 3.96 23.63 15.42
N ARG D 179 2.71 24.11 15.33
CA ARG D 179 1.75 23.65 14.34
C ARG D 179 1.33 24.81 13.42
N ILE D 180 1.43 24.58 12.11
CA ILE D 180 1.00 25.54 11.09
C ILE D 180 0.27 24.88 9.91
N ALA D 181 -0.33 25.70 9.05
CA ALA D 181 -0.97 25.23 7.83
C ALA D 181 -0.72 26.17 6.65
N SER D 182 -0.58 25.59 5.46
CA SER D 182 -0.43 26.37 4.24
C SER D 182 -1.56 26.04 3.27
N LEU D 183 -2.31 27.08 2.89
CA LEU D 183 -3.40 26.93 1.95
C LEU D 183 -3.00 27.51 0.60
N ILE D 184 -3.11 26.68 -0.44
CA ILE D 184 -2.94 27.12 -1.82
C ILE D 184 -4.22 26.86 -2.61
N ASN D 185 -4.84 27.93 -3.10
CA ASN D 185 -5.97 27.84 -4.01
C ASN D 185 -5.46 27.91 -5.45
N SER D 186 -5.07 26.76 -5.98
CA SER D 186 -4.51 26.64 -7.33
C SER D 186 -4.67 25.19 -7.78
N PRO D 187 -4.79 24.95 -9.11
CA PRO D 187 -4.82 25.91 -10.22
C PRO D 187 -6.20 26.53 -10.45
N GLY D 188 -6.22 27.69 -11.10
CA GLY D 188 -7.45 28.42 -11.37
C GLY D 188 -7.92 29.15 -10.14
N ASN D 189 -7.18 30.19 -9.76
CA ASN D 189 -7.42 30.90 -8.51
C ASN D 189 -8.56 31.91 -8.60
N ASN D 190 -9.43 31.84 -7.60
CA ASN D 190 -10.38 32.90 -7.31
C ASN D 190 -9.74 33.75 -6.21
N PRO D 191 -9.61 35.07 -6.45
CA PRO D 191 -10.23 35.88 -7.50
C PRO D 191 -9.35 36.25 -8.69
N THR D 192 -8.12 35.72 -8.75
CA THR D 192 -7.11 36.25 -9.68
C THR D 192 -7.05 35.62 -11.06
N GLY D 193 -7.48 34.36 -11.15
CA GLY D 193 -7.38 33.61 -12.39
C GLY D 193 -5.96 33.13 -12.67
N TYR D 194 -5.17 33.03 -11.61
CA TYR D 194 -3.78 32.61 -11.71
C TYR D 194 -3.61 31.13 -11.35
N SER D 195 -2.51 30.53 -11.80
CA SER D 195 -2.15 29.17 -11.43
C SER D 195 -0.66 29.05 -11.17
N LEU D 196 -0.29 28.29 -10.15
CA LEU D 196 1.11 27.97 -9.89
C LEU D 196 1.63 27.12 -11.02
N SER D 197 2.77 27.52 -11.59
CA SER D 197 3.48 26.70 -12.57
C SER D 197 4.12 25.52 -11.85
N ASP D 198 4.52 24.49 -12.60
CA ASP D 198 5.10 23.30 -12.00
C ASP D 198 6.42 23.55 -11.24
N GLU D 199 7.18 24.55 -11.69
CA GLU D 199 8.45 24.92 -11.02
C GLU D 199 8.24 25.70 -9.73
N GLU D 200 7.18 26.51 -9.69
CA GLU D 200 6.81 27.24 -8.48
C GLU D 200 6.24 26.28 -7.44
N TRP D 201 5.48 25.28 -7.89
CA TRP D 201 5.05 24.15 -7.05
C TRP D 201 6.23 23.36 -6.51
N ASP D 202 7.27 23.21 -7.32
CA ASP D 202 8.51 22.53 -6.91
C ASP D 202 9.26 23.25 -5.79
N GLU D 203 9.31 24.57 -5.87
CA GLU D 203 9.94 25.39 -4.83
C GLU D 203 9.15 25.34 -3.52
N VAL D 204 7.83 25.16 -3.63
CA VAL D 204 6.96 25.02 -2.47
C VAL D 204 7.20 23.69 -1.76
N ILE D 205 6.97 22.57 -2.45
CA ILE D 205 7.00 21.24 -1.79
C ILE D 205 8.36 20.79 -1.26
N THR D 206 9.43 21.48 -1.69
CA THR D 206 10.79 21.21 -1.19
C THR D 206 11.16 22.16 -0.05
N PHE D 207 10.49 23.31 0.01
CA PHE D 207 10.69 24.26 1.12
C PHE D 207 9.94 23.83 2.40
N LEU D 208 8.88 23.03 2.23
CA LEU D 208 8.12 22.52 3.38
C LEU D 208 8.68 21.21 3.92
N LYS D 209 9.42 20.47 3.08
CA LYS D 209 10.20 19.32 3.54
C LYS D 209 11.41 19.80 4.33
N GLU D 210 11.95 20.94 3.89
CA GLU D 210 13.09 21.62 4.53
C GLU D 210 12.82 22.00 5.99
N LYS D 211 11.54 22.28 6.28
CA LYS D 211 11.13 22.63 7.64
C LYS D 211 10.58 21.41 8.41
N ALA D 212 10.13 20.41 7.66
CA ALA D 212 9.62 19.14 8.22
C ALA D 212 10.66 18.39 9.04
N GLU D 213 11.93 18.65 8.75
CA GLU D 213 13.08 18.01 9.41
C GLU D 213 13.21 18.39 10.89
N ASP D 214 12.69 19.57 11.24
CA ASP D 214 12.45 19.93 12.63
C ASP D 214 11.25 19.10 13.08
N LYS D 215 11.53 17.91 13.62
CA LYS D 215 10.51 16.89 13.91
C LYS D 215 9.52 17.27 15.00
N ASP D 216 9.77 18.41 15.66
CA ASP D 216 8.80 19.01 16.58
C ASP D 216 7.64 19.61 15.81
N LYS D 217 7.92 20.13 14.61
CA LYS D 217 6.94 20.86 13.81
C LYS D 217 6.12 19.94 12.91
N LYS D 218 4.81 20.19 12.88
CA LYS D 218 3.88 19.48 11.99
C LYS D 218 3.35 20.48 10.98
N ILE D 219 3.39 20.10 9.70
CA ILE D 219 3.00 21.01 8.62
C ILE D 219 1.87 20.41 7.76
N THR D 220 0.72 21.08 7.78
CA THR D 220 -0.43 20.60 7.01
C THR D 220 -0.63 21.44 5.76
N LEU D 221 -0.68 20.76 4.60
CA LEU D 221 -0.89 21.42 3.33
C LEU D 221 -2.29 21.15 2.80
N ILE D 222 -3.04 22.23 2.59
CA ILE D 222 -4.42 22.14 2.12
C ILE D 222 -4.50 22.72 0.71
N VAL D 223 -5.03 21.94 -0.22
CA VAL D 223 -5.10 22.35 -1.62
C VAL D 223 -6.55 22.53 -2.05
N ASP D 224 -6.87 23.73 -2.53
CA ASP D 224 -8.19 24.01 -3.08
C ASP D 224 -8.14 23.77 -4.58
N VAL D 225 -8.67 22.62 -4.99
CA VAL D 225 -8.66 22.22 -6.39
C VAL D 225 -10.05 22.32 -7.01
N ALA D 226 -10.84 23.26 -6.51
CA ALA D 226 -12.20 23.47 -6.99
C ALA D 226 -12.23 23.75 -8.49
N TYR D 227 -11.28 24.56 -8.97
CA TYR D 227 -11.24 24.96 -10.37
C TYR D 227 -10.22 24.18 -11.20
N LEU D 228 -10.11 22.87 -10.93
CA LEU D 228 -9.09 22.03 -11.57
C LEU D 228 -9.27 21.91 -13.08
N GLU D 229 -10.44 21.43 -13.49
CA GLU D 229 -10.74 21.16 -14.89
C GLU D 229 -10.79 22.43 -15.76
N PHE D 230 -10.74 23.59 -15.12
CA PHE D 230 -10.82 24.87 -15.83
C PHE D 230 -9.50 25.63 -15.76
N ALA D 231 -8.40 24.89 -15.84
CA ALA D 231 -7.06 25.46 -15.81
C ALA D 231 -6.08 24.71 -16.72
N GLY D 232 -6.60 24.08 -17.77
CA GLY D 232 -5.78 23.34 -18.72
C GLY D 232 -6.59 22.54 -19.74
N ASP D 233 -6.15 21.32 -20.00
CA ASP D 233 -6.83 20.41 -20.93
C ASP D 233 -7.32 19.15 -20.22
N GLY D 234 -7.07 19.08 -18.92
CA GLY D 234 -7.43 17.92 -18.12
C GLY D 234 -6.26 17.01 -17.85
N ASP D 235 -5.05 17.52 -18.10
CA ASP D 235 -3.82 16.73 -17.96
C ASP D 235 -2.61 17.56 -17.52
N GLN D 236 -2.40 18.71 -18.17
CA GLN D 236 -1.23 19.57 -17.91
C GLN D 236 -1.29 20.29 -16.55
N GLN D 237 -2.49 20.41 -16.00
CA GLN D 237 -2.72 21.08 -14.73
C GLN D 237 -2.75 20.10 -13.55
N ARG D 238 -2.88 18.81 -13.86
CA ARG D 238 -2.92 17.75 -12.87
C ARG D 238 -1.54 17.13 -12.59
N LYS D 239 -0.55 17.51 -13.37
CA LYS D 239 0.79 16.90 -13.32
C LYS D 239 1.54 17.19 -12.02
N PHE D 240 1.17 18.29 -11.36
CA PHE D 240 1.78 18.71 -10.10
C PHE D 240 1.45 17.78 -8.93
N PHE D 241 0.42 16.96 -9.10
CA PHE D 241 -0.03 16.01 -8.06
C PHE D 241 1.05 15.01 -7.63
N GLU D 242 1.84 14.53 -8.59
CA GLU D 242 2.93 13.59 -8.31
C GLU D 242 3.91 14.11 -7.28
N LYS D 243 4.03 15.44 -7.18
CA LYS D 243 4.93 16.08 -6.21
C LYS D 243 4.55 15.81 -4.75
N PHE D 244 3.40 15.19 -4.54
CA PHE D 244 2.95 14.82 -3.21
C PHE D 244 3.28 13.37 -2.86
N SER D 245 3.99 12.70 -3.76
CA SER D 245 4.43 11.33 -3.53
C SER D 245 5.54 11.28 -2.50
N ASN D 246 5.42 10.32 -1.60
CA ASN D 246 6.48 10.00 -0.63
C ASN D 246 7.04 11.20 0.13
N LEU D 247 6.14 11.97 0.74
CA LEU D 247 6.52 13.10 1.57
C LEU D 247 6.83 12.65 3.00
N PRO D 248 7.57 13.48 3.78
CA PRO D 248 7.63 13.19 5.20
C PRO D 248 6.21 13.00 5.74
N ARG D 249 6.02 12.00 6.60
CA ARG D 249 4.69 11.71 7.15
C ARG D 249 4.15 12.86 8.02
N ASN D 250 5.06 13.68 8.56
CA ASN D 250 4.70 14.90 9.30
C ASN D 250 4.34 16.07 8.38
N LEU D 251 4.42 15.83 7.06
CA LEU D 251 3.92 16.77 6.05
C LEU D 251 2.68 16.17 5.38
N PHE D 252 1.53 16.71 5.77
CA PHE D 252 0.23 16.13 5.40
C PHE D 252 -0.42 16.86 4.23
N VAL D 253 -1.09 16.09 3.37
CA VAL D 253 -1.70 16.62 2.15
C VAL D 253 -3.21 16.41 2.20
N VAL D 254 -3.96 17.51 2.25
CA VAL D 254 -5.42 17.46 2.15
C VAL D 254 -5.85 18.14 0.86
N VAL D 255 -6.49 17.37 -0.01
CA VAL D 255 -7.04 17.90 -1.25
C VAL D 255 -8.52 18.18 -1.00
N ALA D 256 -8.94 19.40 -1.30
CA ALA D 256 -10.33 19.79 -1.17
C ALA D 256 -11.01 19.64 -2.52
N PHE D 257 -11.57 18.47 -2.75
CA PHE D 257 -12.27 18.18 -4.01
C PHE D 257 -13.66 18.80 -3.99
N SER D 258 -14.10 19.23 -5.16
CA SER D 258 -15.42 19.83 -5.34
C SER D 258 -16.07 19.32 -6.62
N SER D 260 -18.82 20.60 -7.39
CA SER D 260 -19.64 21.77 -7.70
C SER D 260 -19.25 22.45 -9.01
N LYS D 261 -17.95 22.68 -9.18
CA LYS D 261 -17.45 23.38 -10.37
C LYS D 261 -17.30 22.44 -11.57
N SER D 262 -16.63 21.31 -11.36
CA SER D 262 -16.31 20.39 -12.46
C SER D 262 -17.51 19.65 -13.03
N HIS D 263 -18.56 19.47 -12.22
CA HIS D 263 -19.74 18.73 -12.66
C HIS D 263 -20.99 19.57 -12.69
N THR D 264 -20.81 20.89 -12.55
CA THR D 264 -21.92 21.86 -12.42
C THR D 264 -22.97 21.39 -11.39
N ALA D 265 -22.49 21.08 -10.19
CA ALA D 265 -23.32 20.53 -9.12
C ALA D 265 -23.22 21.37 -7.84
N TYR D 266 -23.21 22.69 -8.01
CA TYR D 266 -23.06 23.64 -6.91
C TYR D 266 -24.09 23.40 -5.81
N GLY D 267 -25.35 23.27 -6.21
CA GLY D 267 -26.47 23.09 -5.29
C GLY D 267 -26.75 21.64 -4.95
N LEU D 268 -25.74 20.80 -5.14
CA LEU D 268 -25.79 19.40 -4.70
C LEU D 268 -24.85 19.20 -3.53
N ARG D 269 -23.92 20.14 -3.34
CA ARG D 269 -22.98 20.13 -2.22
C ARG D 269 -22.31 18.78 -2.07
N SER D 270 -21.43 18.47 -3.02
CA SER D 270 -20.71 17.20 -3.04
C SER D 270 -19.23 17.48 -3.27
N GLY D 271 -18.39 16.81 -2.49
CA GLY D 271 -16.96 16.99 -2.58
C GLY D 271 -16.25 15.95 -1.74
N ALA D 272 -15.01 16.25 -1.35
CA ALA D 272 -14.21 15.35 -0.54
C ALA D 272 -12.98 16.03 0.04
N ALA D 273 -12.57 15.59 1.23
CA ALA D 273 -11.27 15.91 1.78
C ALA D 273 -10.39 14.67 1.67
N VAL D 274 -9.38 14.76 0.80
CA VAL D 274 -8.54 13.61 0.43
C VAL D 274 -7.14 13.76 1.02
N GLY D 275 -6.70 12.73 1.75
CA GLY D 275 -5.42 12.78 2.45
C GLY D 275 -4.34 11.91 1.86
N ILE D 276 -3.11 12.45 1.81
CA ILE D 276 -1.94 11.68 1.38
C ILE D 276 -0.87 11.69 2.48
N SER D 277 -0.42 10.49 2.84
CA SER D 277 0.66 10.31 3.82
C SER D 277 1.68 9.29 3.31
N SER D 278 2.77 9.11 4.07
CA SER D 278 3.65 7.98 3.85
C SER D 278 3.38 6.93 4.93
N SER D 279 2.54 7.31 5.89
CA SER D 279 2.21 6.50 7.06
C SER D 279 0.76 6.00 7.01
N LYS D 280 0.55 4.73 7.37
CA LYS D 280 -0.79 4.13 7.35
C LYS D 280 -1.67 4.58 8.51
N GLU D 281 -1.04 4.93 9.64
CA GLU D 281 -1.78 5.40 10.81
C GLU D 281 -2.12 6.89 10.72
N ILE D 282 -1.20 7.69 10.17
CA ILE D 282 -1.41 9.14 9.98
C ILE D 282 -2.69 9.40 9.16
N ILE D 283 -3.09 8.40 8.36
CA ILE D 283 -4.33 8.49 7.59
C ILE D 283 -5.54 7.83 8.26
N GLU D 284 -5.33 6.72 8.99
CA GLU D 284 -6.41 6.07 9.73
C GLU D 284 -6.88 6.94 10.91
N GLU D 285 -6.00 7.85 11.33
CA GLU D 285 -6.31 8.91 12.29
C GLU D 285 -7.13 10.03 11.59
N PHE D 286 -6.71 10.39 10.37
CA PHE D 286 -7.43 11.30 9.49
C PHE D 286 -8.84 10.78 9.19
N GLU D 287 -8.94 9.49 8.90
CA GLU D 287 -10.22 8.83 8.54
C GLU D 287 -11.26 8.84 9.66
N ALA D 288 -10.78 8.76 10.91
CA ALA D 288 -11.66 8.80 12.08
C ALA D 288 -11.94 10.23 12.54
N SER D 289 -11.01 11.14 12.28
CA SER D 289 -11.15 12.56 12.61
C SER D 289 -12.27 13.21 11.81
N LEU D 290 -12.27 12.94 10.50
CA LEU D 290 -13.22 13.54 9.58
C LEU D 290 -14.58 12.83 9.53
N ALA D 291 -14.59 11.54 9.84
CA ALA D 291 -15.85 10.78 9.92
C ALA D 291 -16.62 11.11 11.20
N HIS D 292 -15.93 11.73 12.16
CA HIS D 292 -16.57 12.27 13.35
C HIS D 292 -17.07 13.66 13.06
N SER D 293 -16.22 14.48 12.45
CA SER D 293 -16.60 15.81 11.97
C SER D 293 -17.86 15.73 11.11
N ALA D 294 -17.92 14.73 10.24
CA ALA D 294 -19.03 14.52 9.31
C ALA D 294 -20.32 14.09 10.02
N ARG D 295 -20.16 13.28 11.06
CA ARG D 295 -21.28 12.81 11.85
C ARG D 295 -21.91 13.97 12.65
N CYS D 296 -21.06 14.91 13.07
CA CYS D 296 -21.48 16.04 13.90
C CYS D 296 -22.04 17.21 13.10
N ASN D 297 -21.28 17.68 12.12
CA ASN D 297 -21.61 18.89 11.37
C ASN D 297 -22.69 18.64 10.33
N TRP D 298 -22.54 17.57 9.54
CA TRP D 298 -23.58 17.15 8.60
C TRP D 298 -23.97 15.72 8.79
N ASN D 300 -23.66 12.78 7.79
CA ASN D 300 -23.42 12.25 6.46
C ASN D 300 -23.71 13.24 5.32
N GLY D 301 -23.39 12.84 4.09
CA GLY D 301 -23.47 13.72 2.92
C GLY D 301 -24.55 13.38 1.91
N THR D 302 -24.54 14.12 0.79
CA THR D 302 -25.53 13.99 -0.27
C THR D 302 -25.39 12.66 -1.00
N HIS D 303 -26.45 11.85 -0.94
CA HIS D 303 -26.40 10.46 -1.41
C HIS D 303 -26.54 10.31 -2.89
N ALA D 304 -27.47 11.06 -3.48
CA ALA D 304 -27.69 11.05 -4.93
C ALA D 304 -26.49 11.61 -5.71
N ALA D 305 -25.87 12.66 -5.17
CA ALA D 305 -24.67 13.28 -5.76
C ALA D 305 -23.48 12.32 -5.71
N GLN D 306 -23.41 11.52 -4.65
CA GLN D 306 -22.43 10.45 -4.54
C GLN D 306 -22.66 9.34 -5.56
N ASN D 307 -23.93 9.03 -5.81
CA ASN D 307 -24.32 8.03 -6.79
C ASN D 307 -24.17 8.50 -8.24
N ILE D 308 -24.03 9.81 -8.43
CA ILE D 308 -23.78 10.40 -9.75
C ILE D 308 -22.32 10.25 -10.19
N LEU D 309 -21.38 10.47 -9.26
CA LEU D 309 -19.96 10.33 -9.57
C LEU D 309 -19.56 8.88 -9.86
N ILE D 310 -20.24 7.94 -9.19
CA ILE D 310 -20.03 6.51 -9.43
C ILE D 310 -20.49 6.13 -10.83
N GLU D 311 -21.77 6.36 -11.13
CA GLU D 311 -22.35 6.00 -12.44
C GLU D 311 -21.65 6.68 -13.63
N LEU D 312 -20.92 7.76 -13.37
CA LEU D 312 -20.14 8.46 -14.40
C LEU D 312 -18.87 7.71 -14.81
N GLU D 313 -18.33 6.91 -13.89
CA GLU D 313 -17.09 6.16 -14.13
C GLU D 313 -17.36 4.80 -14.81
N ARG D 314 -18.34 4.79 -15.70
CA ARG D 314 -18.65 3.63 -16.54
C ARG D 314 -18.19 3.93 -17.96
N ALA D 315 -18.09 2.89 -18.78
CA ALA D 315 -17.70 3.04 -20.17
C ALA D 315 -18.58 4.06 -20.91
N GLU D 316 -19.87 3.75 -21.01
CA GLU D 316 -20.81 4.54 -21.80
C GLU D 316 -21.06 5.95 -21.28
N ASN D 317 -21.01 6.11 -19.96
CA ASN D 317 -21.36 7.38 -19.31
C ASN D 317 -20.17 8.30 -19.11
N LYS D 318 -18.95 7.76 -19.24
CA LYS D 318 -17.74 8.56 -19.11
C LYS D 318 -17.50 9.39 -20.37
N LYS D 319 -17.39 8.71 -21.51
CA LYS D 319 -17.10 9.34 -22.80
C LYS D 319 -18.01 10.53 -23.11
N ILE D 320 -19.30 10.39 -22.83
CA ILE D 320 -20.28 11.47 -23.03
C ILE D 320 -19.94 12.66 -22.13
N TYR D 321 -19.60 12.37 -20.88
CA TYR D 321 -19.20 13.40 -19.92
C TYR D 321 -17.86 14.05 -20.32
N GLU D 322 -16.90 13.23 -20.74
CA GLU D 322 -15.60 13.73 -21.19
C GLU D 322 -15.77 14.79 -22.28
N GLN D 323 -16.60 14.47 -23.27
CA GLN D 323 -16.88 15.36 -24.39
C GLN D 323 -17.44 16.70 -23.93
N GLU D 324 -18.47 16.61 -23.07
CA GLU D 324 -19.15 17.80 -22.54
C GLU D 324 -18.25 18.63 -21.63
N LEU D 325 -17.34 17.98 -20.92
CA LEU D 325 -16.38 18.68 -20.06
C LEU D 325 -15.38 19.49 -20.88
N VAL D 326 -15.00 18.95 -22.05
CA VAL D 326 -14.10 19.63 -22.97
C VAL D 326 -14.82 20.83 -23.61
N ASP D 327 -16.06 20.61 -24.06
CA ASP D 327 -16.90 21.67 -24.62
C ASP D 327 -16.98 22.87 -23.67
N LEU D 328 -17.42 22.60 -22.44
CA LEU D 328 -17.57 23.59 -21.39
C LEU D 328 -16.24 24.25 -21.02
N ARG D 329 -15.17 23.46 -21.08
CA ARG D 329 -13.83 23.96 -20.79
C ARG D 329 -13.41 24.99 -21.83
N ASN D 330 -13.58 24.64 -23.10
CA ASN D 330 -13.13 25.46 -24.21
C ASN D 330 -13.93 26.76 -24.39
N LEU D 332 -15.24 28.54 -21.94
CA LEU D 332 -14.67 29.42 -20.92
C LEU D 332 -13.28 29.92 -21.32
N LYS D 333 -12.51 29.04 -21.98
CA LYS D 333 -11.16 29.37 -22.41
C LYS D 333 -11.14 30.48 -23.46
N SER D 334 -11.98 30.34 -24.50
CA SER D 334 -12.03 31.33 -25.57
C SER D 334 -12.66 32.65 -25.11
N ARG D 335 -13.55 32.58 -24.13
CA ARG D 335 -14.06 33.77 -23.45
C ARG D 335 -12.91 34.55 -22.83
N ALA D 336 -11.99 33.80 -22.20
CA ALA D 336 -10.80 34.38 -21.59
C ALA D 336 -9.78 34.82 -22.64
N ASP D 337 -9.75 34.11 -23.77
CA ASP D 337 -8.91 34.51 -24.90
C ASP D 337 -9.38 35.84 -25.46
N VAL D 338 -10.69 35.95 -25.68
CA VAL D 338 -11.31 37.17 -26.20
C VAL D 338 -11.06 38.35 -25.26
N PHE D 339 -11.14 38.07 -23.95
CA PHE D 339 -10.86 39.07 -22.92
C PHE D 339 -9.44 39.61 -23.03
N VAL D 340 -8.47 38.71 -22.98
CA VAL D 340 -7.05 39.06 -23.08
C VAL D 340 -6.80 39.90 -24.34
N THR D 341 -7.29 39.42 -25.48
CA THR D 341 -7.15 40.12 -26.76
C THR D 341 -7.72 41.54 -26.69
N ALA D 342 -8.93 41.67 -26.17
CA ALA D 342 -9.60 42.96 -26.03
C ALA D 342 -8.87 43.89 -25.06
N ALA D 343 -8.37 43.34 -23.96
CA ALA D 343 -7.62 44.10 -22.96
C ALA D 343 -6.28 44.56 -23.52
N LYS D 344 -5.53 43.62 -24.09
CA LYS D 344 -4.25 43.86 -24.77
C LYS D 344 -4.34 45.05 -25.73
N GLU D 345 -5.53 45.26 -26.30
CA GLU D 345 -5.76 46.32 -27.26
C GLU D 345 -6.31 47.60 -26.61
N ASN D 346 -7.00 47.46 -25.47
CA ASN D 346 -7.60 48.61 -24.80
C ASN D 346 -6.69 49.27 -23.76
N LYS D 347 -5.43 48.83 -23.72
CA LYS D 347 -4.43 49.35 -22.78
C LYS D 347 -4.89 49.18 -21.32
N LEU D 348 -5.47 48.01 -21.04
CA LEU D 348 -5.91 47.66 -19.70
C LEU D 348 -4.98 46.57 -19.15
N THR D 349 -4.28 46.89 -18.08
CA THR D 349 -3.36 45.95 -17.45
C THR D 349 -4.15 44.95 -16.62
N ILE D 351 -3.89 40.81 -14.44
CA ILE D 351 -3.19 39.61 -13.96
C ILE D 351 -3.29 38.52 -15.04
N PRO D 352 -2.14 38.02 -15.53
CA PRO D 352 -2.12 36.93 -16.50
C PRO D 352 -3.12 35.83 -16.14
N TYR D 353 -3.96 35.47 -17.11
CA TYR D 353 -4.97 34.43 -16.90
C TYR D 353 -4.41 33.07 -17.26
N PHE D 354 -4.68 32.08 -16.41
CA PHE D 354 -4.23 30.70 -16.63
C PHE D 354 -5.40 29.74 -16.58
N GLY D 355 -6.36 30.05 -15.71
CA GLY D 355 -7.56 29.25 -15.55
C GLY D 355 -8.49 29.94 -14.57
N GLY D 356 -9.63 29.33 -14.28
CA GLY D 356 -10.55 29.88 -13.29
C GLY D 356 -11.77 30.53 -13.90
N PHE D 357 -12.64 31.05 -13.04
CA PHE D 357 -13.90 31.65 -13.46
C PHE D 357 -13.76 33.15 -13.65
N PHE D 358 -12.64 33.69 -13.19
CA PHE D 358 -12.46 35.13 -13.08
C PHE D 358 -11.18 35.63 -13.73
N THR D 359 -11.24 36.87 -14.23
CA THR D 359 -10.07 37.64 -14.58
C THR D 359 -9.99 38.80 -13.58
N PHE D 360 -8.81 39.37 -13.45
CA PHE D 360 -8.60 40.43 -12.48
C PHE D 360 -7.91 41.63 -13.13
N ILE D 361 -8.37 42.82 -12.74
CA ILE D 361 -7.73 44.06 -13.13
C ILE D 361 -7.12 44.68 -11.88
N PRO D 362 -5.78 44.70 -11.80
CA PRO D 362 -5.15 45.46 -10.75
C PRO D 362 -5.52 46.94 -10.89
N THR D 363 -6.26 47.45 -9.90
CA THR D 363 -6.56 48.87 -9.83
C THR D 363 -6.69 49.34 -8.39
N ASP D 364 -6.43 50.62 -8.19
CA ASP D 364 -6.51 51.27 -6.90
C ASP D 364 -7.94 51.72 -6.61
N LYS D 365 -8.54 52.40 -7.58
CA LYS D 365 -9.81 53.09 -7.43
C LYS D 365 -11.00 52.18 -7.70
N ALA D 366 -10.86 50.90 -7.34
CA ALA D 366 -11.86 49.88 -7.65
C ALA D 366 -13.26 50.29 -7.20
N PHE D 367 -13.39 50.63 -5.92
CA PHE D 367 -14.67 51.04 -5.32
C PHE D 367 -15.30 52.24 -6.02
N ASP D 368 -14.46 53.11 -6.56
CA ASP D 368 -14.92 54.32 -7.25
C ASP D 368 -15.34 54.03 -8.68
N ILE D 369 -14.52 53.27 -9.39
CA ILE D 369 -14.80 52.86 -10.77
C ILE D 369 -16.08 52.05 -10.84
N VAL D 370 -16.24 51.13 -9.89
CA VAL D 370 -17.39 50.23 -9.84
C VAL D 370 -18.71 50.99 -9.78
N LYS D 371 -18.72 52.16 -9.14
CA LYS D 371 -19.90 53.03 -9.12
C LYS D 371 -20.28 53.44 -10.54
N ASP D 372 -19.33 54.03 -11.25
CA ASP D 372 -19.52 54.49 -12.63
C ASP D 372 -20.06 53.38 -13.53
N LEU D 373 -19.55 52.16 -13.36
CA LEU D 373 -20.00 51.02 -14.17
C LEU D 373 -21.43 50.60 -13.84
N GLU D 374 -21.83 50.76 -12.59
CA GLU D 374 -23.17 50.38 -12.15
C GLU D 374 -24.24 51.28 -12.76
N LYS D 375 -23.87 52.52 -13.09
CA LYS D 375 -24.76 53.43 -13.81
C LYS D 375 -25.04 52.95 -15.24
N GLU D 376 -24.13 52.11 -15.75
CA GLU D 376 -24.25 51.57 -17.10
C GLU D 376 -24.64 50.09 -17.09
N ASN D 377 -25.27 49.64 -16.01
CA ASN D 377 -25.69 48.23 -15.86
C ASN D 377 -24.57 47.21 -16.04
N ILE D 378 -23.34 47.63 -15.75
CA ILE D 378 -22.21 46.71 -15.75
C ILE D 378 -21.82 46.44 -14.30
N PHE D 379 -21.87 45.17 -13.91
CA PHE D 379 -21.69 44.79 -12.51
C PHE D 379 -20.47 43.89 -12.27
N THR D 380 -19.62 44.32 -11.33
CA THR D 380 -18.34 43.68 -11.07
C THR D 380 -18.00 43.84 -9.58
N ILE D 381 -17.05 43.05 -9.07
CA ILE D 381 -16.71 43.08 -7.65
C ILE D 381 -15.47 43.95 -7.38
N PRO D 382 -15.64 45.04 -6.61
CA PRO D 382 -14.53 45.92 -6.28
C PRO D 382 -13.83 45.51 -4.99
N SER D 383 -12.50 45.50 -5.01
CA SER D 383 -11.71 45.25 -3.81
C SER D 383 -10.57 46.25 -3.69
N ALA D 384 -10.01 46.36 -2.49
CA ALA D 384 -8.86 47.22 -2.24
C ALA D 384 -7.70 46.89 -3.18
N LYS D 385 -7.75 45.71 -3.77
CA LYS D 385 -6.72 45.25 -4.70
C LYS D 385 -7.10 45.41 -6.19
N GLY D 386 -8.40 45.48 -6.47
CA GLY D 386 -8.87 45.68 -7.86
C GLY D 386 -10.26 45.17 -8.18
N ILE D 387 -10.46 44.71 -9.41
CA ILE D 387 -11.78 44.31 -9.90
C ILE D 387 -11.84 42.84 -10.35
N ARG D 388 -12.76 42.09 -9.75
CA ARG D 388 -12.99 40.69 -10.14
C ARG D 388 -14.08 40.60 -11.22
N VAL D 389 -13.68 40.19 -12.41
CA VAL D 389 -14.59 40.09 -13.56
C VAL D 389 -14.99 38.64 -13.81
N ALA D 390 -16.17 38.27 -13.33
CA ALA D 390 -16.70 36.91 -13.48
C ALA D 390 -16.92 36.56 -14.95
N ILE D 391 -15.87 36.04 -15.57
CA ILE D 391 -15.89 35.75 -17.00
C ILE D 391 -16.80 34.56 -17.30
N CYS D 392 -17.10 33.78 -16.25
CA CYS D 392 -17.99 32.62 -16.30
C CYS D 392 -19.46 32.99 -16.57
N GLY D 393 -19.77 34.27 -16.46
CA GLY D 393 -21.13 34.76 -16.59
C GLY D 393 -21.42 35.48 -17.89
N VAL D 394 -20.39 36.11 -18.45
CA VAL D 394 -20.56 36.98 -19.62
C VAL D 394 -20.18 36.32 -20.95
N GLY D 395 -21.04 36.51 -21.95
CA GLY D 395 -20.89 35.88 -23.26
C GLY D 395 -19.72 36.44 -24.05
N GLU D 396 -19.25 35.65 -25.00
CA GLU D 396 -18.08 35.98 -25.81
C GLU D 396 -18.22 37.32 -26.52
N GLU D 397 -19.35 37.51 -27.19
CA GLU D 397 -19.66 38.72 -27.96
C GLU D 397 -19.86 39.95 -27.07
N LYS D 398 -20.31 39.74 -25.85
CA LYS D 398 -20.49 40.83 -24.90
C LYS D 398 -19.16 41.34 -24.33
N ILE D 399 -18.18 40.45 -24.23
CA ILE D 399 -16.87 40.73 -23.64
C ILE D 399 -16.17 42.04 -24.08
N PRO D 400 -16.04 42.28 -25.40
CA PRO D 400 -15.32 43.48 -25.83
C PRO D 400 -15.88 44.77 -25.20
N LYS D 401 -17.17 45.02 -25.38
CA LYS D 401 -17.84 46.17 -24.77
C LYS D 401 -17.52 46.28 -23.28
N LEU D 402 -17.51 45.14 -22.58
CA LEU D 402 -17.19 45.09 -21.17
C LEU D 402 -15.78 45.62 -20.90
N VAL D 403 -14.82 45.16 -21.70
CA VAL D 403 -13.42 45.55 -21.56
C VAL D 403 -13.20 47.02 -21.93
N GLN D 404 -13.99 47.50 -22.90
CA GLN D 404 -13.91 48.90 -23.35
C GLN D 404 -14.32 49.84 -22.23
N ARG D 405 -15.48 49.55 -21.64
CA ARG D 405 -16.03 50.36 -20.55
C ARG D 405 -15.19 50.20 -19.29
N LEU D 406 -14.63 49.00 -19.12
CA LEU D 406 -13.74 48.71 -18.02
C LEU D 406 -12.47 49.55 -18.15
N ALA D 407 -11.81 49.45 -19.30
CA ALA D 407 -10.58 50.19 -19.58
C ALA D 407 -10.82 51.69 -19.64
N PHE D 408 -12.07 52.10 -19.85
CA PHE D 408 -12.46 53.51 -19.93
C PHE D 408 -12.21 54.22 -18.60
N TYR D 409 -12.90 53.77 -17.56
CA TYR D 409 -12.81 54.40 -16.24
C TYR D 409 -11.51 54.05 -15.51
N THR D 410 -10.90 52.91 -15.85
CA THR D 410 -9.66 52.47 -15.21
C THR D 410 -8.46 53.35 -15.62
N ASN D 411 -8.40 53.71 -16.89
CA ASN D 411 -7.24 54.42 -17.45
C ASN D 411 -7.30 55.94 -17.43
N LYS D 412 -8.49 56.51 -17.28
CA LYS D 412 -8.64 57.98 -17.26
C LYS D 412 -8.49 58.55 -15.84
#